data_6I1K
#
_entry.id   6I1K
#
_cell.length_a   82.172
_cell.length_b   141.681
_cell.length_c   89.478
_cell.angle_alpha   90.00
_cell.angle_beta   97.43
_cell.angle_gamma   90.00
#
_symmetry.space_group_name_H-M   'P 1 21 1'
#
loop_
_entity.id
_entity.type
_entity.pdbx_description
1 polymer 'CRISPR-associated endonuclease Cas12a'
2 polymer 'crRNA (40-MER)'
3 polymer 'DNA target strand (38-MER)'
4 polymer 'DNA non-target strand (33-MER)'
5 non-polymer 'MAGNESIUM ION'
6 non-polymer 1,2-ETHANEDIOL
7 water water
#
loop_
_entity_poly.entity_id
_entity_poly.type
_entity_poly.pdbx_seq_one_letter_code
_entity_poly.pdbx_strand_id
1 'polypeptide(L)'
;SNASIYQEFVNKYSLSKTLRFELIPQGKTLENIKARGLILDDEKRAKDYKKAKQIIDKYHQFFIEEILSSVCISEDLLQN
YSDVYFKLKKSDDDNLQKDFKSAKDTIKKQISEYIKDSEKFKNLFNQNLIDAKKGQESDLILWLKQSKDNGIELFKANSD
ITDIDEALEIIKSFKGWTTYFKGFHENRKNVYSSNDIPTSIIYRIVDDNLPKFLENKAKYESLKDKAPEAINYEQIKKDL
AEELTFDIDYKTSEVNQRVFSLDEVFEIANFNNYLNQSGITKFNTIIGGKFVNGENTKRKGINEYINLYSQQINDKTLKK
YKMSVLFKQILSDTESKSFVIDKLEDDSDVVTTMQSFYEQIAAFKTVEEKSIKETLSLLFDDLKAQKLDLSKIYFKNDKS
LTDLSQQVFDDYSVIGTAVLEYITQQIAPKNLDNPSKKEQELIAKKTEKAKYLSLETIKLALEEFNKHRDIDKQCRFEEI
LANFAAIPMIFDEIAQNKDNLAQISIKYQNQGKKDLLQASAEDDVKAIKDLLDQTNNLLHKLKIFHISQSEDKANILDKD
EHFYLVFEECYFELANIVPLYNKIRNYITQKPYSDEKFKLNFENSTLANGWDKNKEPDNTAILFIKDDKYYLGVMNKKNN
KIFDDKAIKENKGEGYKKIVYKLLPGANKMLPKVFFSAKSIKFYNPSEDILRIRNHSTHTKNGSPQKGYEKFEFNIEDCR
KFIDFYKQSISKHPEWKDFGFRFSDTQRYNSIDEFYREVENQGYKLTFENISESYIDSVVNQGKLYLFQIYNKDFSAYSK
GRPNLHTLYWKALFDERNLQDVVYKLNGEAELFYRKQSIPKKITHPAKEAIANKNKDNPKKESVFEYDLIKDKRFTEDKF
FFHCPITINFKSSGANKFNDEINLLLKEKANDVHILSIDRGERHLAYYTLVDGKGNIIKQDTFNIIGNDRMKTNYHDKLA
AIEKDRDSARKDWKKINNIKEMKEGYLSQVVHEIAKLVIEYNAIVVFEDLNFGFKRGRFKVEKQVYQKLEKMLIEKLNYL
VFKDNEFDKTGGVLRAYQLTAPFETFKKMGKQTGIIYYVPAGFTSKICPVTGFVNQLYPKYESVSKSQEFFSKFDKICYN
LDKGYFEFSFDYKNFGDKAAKGKWTIASFGSRLINFRNSDKNHNWDTREVYPTKELEKLLKDYSIEYGHGECIKAAICGE
SDKKFFAKLTSVLNTILQMRNSKTGTELDYLISPVADVNGNFFDSRQAPKNMPQDADANGAYHIGLKGLMLLGRIKNNQE
GKKLNLVIKNEEYFEFVQNRNN
;
A
2 'polyribonucleotide' AAUUUCUACUGUUGUAGAUAGAUUAAAAGGUAAUUCUAUC B
3 'polydeoxyribonucleotide'
;(DA)(DT)(DA)(DG)(DT)(DT)(DC)(DA)(DT)(DA)(DG)(DA)(DA)(DT)(DT)(DA)(DC)(DC)(DT)(DT)
(DT)(DT)(DA)(DA)(DT)(DC)(DT)(DT)(DA)(DA)(DA)(DG)(DG)(DA)(DC)(DT)(DG)(DC)
;
C
4 'polydeoxyribonucleotide'
;(DA)(DG)(DT)(DC)(DC)(DT)(DT)(DT)(DA)(DT)(DC)(DT)(DA)(DA)(DT)(DT)(DT)(DT)(DC)(DC)
(DA)(DT)(DT)(DA)(DA)(DG)(DA)(DT)(DA)(DG)(DA)(DA)(DC)(DT)(DA)(DT)(DG)(DC)
;
D
#
# COMPACT_ATOMS: atom_id res chain seq x y z
N ALA A 3 -7.85 31.17 26.50
CA ALA A 3 -8.65 30.01 26.82
C ALA A 3 -8.71 29.03 25.66
N SER A 4 -8.09 27.86 25.83
CA SER A 4 -8.00 26.88 24.76
C SER A 4 -9.37 26.31 24.42
N ILE A 5 -9.67 26.21 23.13
CA ILE A 5 -10.95 25.69 22.69
C ILE A 5 -11.06 24.20 23.00
N TYR A 6 -9.96 23.48 22.87
CA TYR A 6 -9.92 22.03 23.00
C TYR A 6 -9.70 21.58 24.44
N GLN A 7 -9.93 22.45 25.42
CA GLN A 7 -9.68 22.08 26.81
C GLN A 7 -10.57 20.95 27.27
N GLU A 8 -11.81 20.91 26.79
CA GLU A 8 -12.75 19.87 27.22
C GLU A 8 -12.61 18.58 26.42
N PHE A 9 -11.91 18.59 25.29
CA PHE A 9 -11.77 17.37 24.49
C PHE A 9 -10.59 16.56 25.00
N VAL A 10 -10.83 15.93 26.15
CA VAL A 10 -9.83 15.15 26.87
C VAL A 10 -10.54 13.94 27.46
N ASN A 11 -9.87 12.78 27.43
CA ASN A 11 -10.43 11.53 27.91
C ASN A 11 -11.75 11.22 27.22
N LYS A 12 -11.75 11.33 25.89
CA LYS A 12 -12.96 11.15 25.09
C LYS A 12 -13.17 9.71 24.65
N TYR A 13 -12.11 8.99 24.29
CA TYR A 13 -12.25 7.61 23.88
C TYR A 13 -10.98 6.83 24.19
N SER A 14 -11.14 5.52 24.36
CA SER A 14 -10.04 4.63 24.70
C SER A 14 -9.33 4.15 23.44
N LEU A 15 -8.04 3.86 23.57
CA LEU A 15 -7.29 3.27 22.46
C LEU A 15 -6.12 2.47 23.01
N SER A 16 -5.67 1.49 22.23
CA SER A 16 -4.66 0.54 22.67
C SER A 16 -3.30 0.86 22.05
N LYS A 17 -2.25 0.72 22.86
CA LYS A 17 -0.89 0.97 22.40
C LYS A 17 0.05 -0.07 22.98
N THR A 18 1.05 -0.45 22.21
CA THR A 18 2.06 -1.40 22.64
C THR A 18 3.38 -0.66 22.83
N LEU A 19 3.94 -0.74 24.04
CA LEU A 19 5.21 -0.12 24.36
C LEU A 19 6.33 -1.16 24.20
N ARG A 20 7.52 -0.67 23.86
CA ARG A 20 8.66 -1.54 23.60
C ARG A 20 9.86 -1.07 24.43
N PHE A 21 10.57 -2.03 25.01
CA PHE A 21 11.75 -1.73 25.82
C PHE A 21 12.82 -2.78 25.60
N GLU A 22 14.05 -2.45 25.98
CA GLU A 22 15.10 -3.46 26.09
C GLU A 22 15.06 -4.08 27.47
N LEU A 23 15.45 -5.34 27.57
CA LEU A 23 15.51 -6.05 28.83
C LEU A 23 16.98 -6.35 29.13
N ILE A 24 17.57 -5.56 30.02
CA ILE A 24 18.96 -5.75 30.40
C ILE A 24 19.01 -6.83 31.49
N PRO A 25 19.65 -7.97 31.23
CA PRO A 25 19.75 -9.00 32.29
C PRO A 25 20.50 -8.47 33.50
N GLN A 26 19.99 -8.83 34.68
CA GLN A 26 20.48 -8.30 35.96
C GLN A 26 21.17 -9.40 36.75
N GLY A 27 22.45 -9.20 37.02
CA GLY A 27 23.17 -10.12 37.90
C GLY A 27 23.60 -11.37 37.17
N LYS A 28 23.31 -12.52 37.77
CA LYS A 28 23.70 -13.82 37.24
C LYS A 28 22.61 -14.45 36.38
N THR A 29 21.53 -13.71 36.07
CA THR A 29 20.42 -14.30 35.34
C THR A 29 20.84 -14.74 33.94
N LEU A 30 21.75 -14.02 33.30
CA LEU A 30 22.20 -14.41 31.98
C LEU A 30 23.00 -15.70 32.04
N GLU A 31 23.84 -15.86 33.06
CA GLU A 31 24.59 -17.10 33.23
C GLU A 31 23.65 -18.27 33.46
N ASN A 32 22.61 -18.08 34.28
CA ASN A 32 21.64 -19.14 34.53
C ASN A 32 20.91 -19.51 33.24
N ILE A 33 20.42 -18.51 32.51
CA ILE A 33 19.71 -18.75 31.25
C ILE A 33 20.60 -19.55 30.31
N LYS A 34 21.83 -19.10 30.10
CA LYS A 34 22.72 -19.78 29.16
C LYS A 34 23.12 -21.15 29.66
N ALA A 35 23.17 -21.37 30.98
CA ALA A 35 23.41 -22.71 31.49
C ALA A 35 22.26 -23.64 31.16
N ARG A 36 21.02 -23.15 31.26
CA ARG A 36 19.88 -23.98 30.91
C ARG A 36 19.63 -24.05 29.41
N GLY A 37 20.39 -23.30 28.61
CA GLY A 37 20.22 -23.34 27.16
C GLY A 37 18.85 -22.88 26.69
N LEU A 38 18.27 -21.88 27.37
CA LEU A 38 16.91 -21.47 27.06
C LEU A 38 16.84 -20.64 25.78
N ILE A 39 17.85 -19.81 25.54
CA ILE A 39 17.86 -18.96 24.34
C ILE A 39 17.83 -19.83 23.08
N LEU A 40 18.72 -20.82 23.02
CA LEU A 40 18.79 -21.70 21.86
C LEU A 40 17.53 -22.55 21.73
N ASP A 41 16.99 -23.01 22.86
CA ASP A 41 15.76 -23.78 22.82
C ASP A 41 14.61 -22.95 22.25
N ASP A 42 14.51 -21.67 22.63
CA ASP A 42 13.46 -20.83 22.09
C ASP A 42 13.69 -20.51 20.62
N GLU A 43 14.95 -20.31 20.22
CA GLU A 43 15.26 -20.10 18.81
C GLU A 43 14.85 -21.30 17.97
N LYS A 44 15.06 -22.52 18.50
CA LYS A 44 14.63 -23.71 17.79
C LYS A 44 13.11 -23.84 17.79
N ARG A 45 12.47 -23.48 18.91
CA ARG A 45 11.03 -23.64 19.00
C ARG A 45 10.30 -22.66 18.09
N ALA A 46 10.87 -21.48 17.83
CA ALA A 46 10.23 -20.57 16.88
C ALA A 46 10.15 -21.17 15.49
N LYS A 47 11.27 -21.72 15.00
CA LYS A 47 11.28 -22.35 13.69
C LYS A 47 10.38 -23.58 13.66
N ASP A 48 10.41 -24.39 14.71
CA ASP A 48 9.52 -25.56 14.75
C ASP A 48 8.06 -25.14 14.83
N TYR A 49 7.77 -23.98 15.44
CA TYR A 49 6.41 -23.46 15.52
C TYR A 49 5.93 -23.05 14.14
N LYS A 50 6.78 -22.37 13.37
CA LYS A 50 6.42 -22.05 11.99
C LYS A 50 6.20 -23.33 11.17
N LYS A 51 7.04 -24.34 11.38
CA LYS A 51 6.88 -25.60 10.65
C LYS A 51 5.57 -26.29 11.01
N ALA A 52 5.22 -26.31 12.29
CA ALA A 52 3.96 -26.92 12.72
C ALA A 52 2.77 -26.18 12.15
N LYS A 53 2.85 -24.85 12.10
CA LYS A 53 1.76 -24.09 11.49
C LYS A 53 1.66 -24.39 10.00
N GLN A 54 2.81 -24.60 9.33
CA GLN A 54 2.76 -24.99 7.92
C GLN A 54 2.09 -26.34 7.73
N ILE A 55 2.39 -27.30 8.63
CA ILE A 55 1.79 -28.62 8.50
C ILE A 55 0.29 -28.55 8.74
N ILE A 56 -0.13 -27.83 9.77
CA ILE A 56 -1.56 -27.65 10.02
C ILE A 56 -2.23 -26.95 8.86
N ASP A 57 -1.52 -26.02 8.21
CA ASP A 57 -2.08 -25.35 7.04
C ASP A 57 -2.24 -26.31 5.88
N LYS A 58 -1.30 -27.24 5.69
CA LYS A 58 -1.46 -28.25 4.64
C LYS A 58 -2.67 -29.13 4.91
N TYR A 59 -2.85 -29.53 6.17
CA TYR A 59 -4.05 -30.29 6.53
C TYR A 59 -5.32 -29.49 6.23
N HIS A 60 -5.31 -28.20 6.55
CA HIS A 60 -6.45 -27.35 6.26
C HIS A 60 -6.71 -27.25 4.77
N GLN A 61 -5.65 -27.13 3.96
CA GLN A 61 -5.80 -27.09 2.51
C GLN A 61 -6.50 -28.34 2.00
N PHE A 62 -6.02 -29.51 2.43
CA PHE A 62 -6.62 -30.76 1.99
C PHE A 62 -8.08 -30.85 2.41
N PHE A 63 -8.37 -30.46 3.66
CA PHE A 63 -9.76 -30.53 4.14
C PHE A 63 -10.66 -29.59 3.33
N ILE A 64 -10.19 -28.37 3.07
CA ILE A 64 -10.98 -27.41 2.30
C ILE A 64 -11.26 -27.97 0.90
N GLU A 65 -10.22 -28.50 0.25
CA GLU A 65 -10.38 -29.10 -1.07
C GLU A 65 -11.46 -30.18 -1.04
N GLU A 66 -11.31 -31.16 -0.14
CA GLU A 66 -12.24 -32.28 -0.08
C GLU A 66 -13.66 -31.80 0.16
N ILE A 67 -13.87 -30.99 1.19
CA ILE A 67 -15.24 -30.65 1.58
C ILE A 67 -15.89 -29.73 0.56
N LEU A 68 -15.13 -28.83 -0.08
CA LEU A 68 -15.73 -27.98 -1.10
C LEU A 68 -16.02 -28.76 -2.37
N SER A 69 -15.19 -29.75 -2.71
CA SER A 69 -15.54 -30.63 -3.81
C SER A 69 -16.71 -31.54 -3.47
N SER A 70 -17.03 -31.69 -2.19
CA SER A 70 -18.23 -32.42 -1.81
C SER A 70 -19.48 -31.53 -1.79
N VAL A 71 -19.30 -30.24 -1.51
CA VAL A 71 -20.43 -29.33 -1.40
C VAL A 71 -21.14 -29.20 -2.74
N CYS A 72 -22.48 -29.26 -2.71
CA CYS A 72 -23.31 -29.03 -3.88
C CYS A 72 -24.38 -28.00 -3.53
N ILE A 73 -24.34 -26.86 -4.21
CA ILE A 73 -25.36 -25.84 -4.04
C ILE A 73 -26.47 -26.08 -5.06
N SER A 74 -27.71 -26.14 -4.58
CA SER A 74 -28.83 -26.41 -5.46
C SER A 74 -29.00 -25.27 -6.47
N GLU A 75 -29.38 -25.65 -7.70
CA GLU A 75 -29.46 -24.67 -8.79
C GLU A 75 -30.54 -23.62 -8.53
N ASP A 76 -31.58 -23.97 -7.78
CA ASP A 76 -32.67 -23.02 -7.56
C ASP A 76 -32.21 -21.83 -6.71
N LEU A 77 -31.44 -22.08 -5.66
CA LEU A 77 -30.88 -21.00 -4.87
C LEU A 77 -29.97 -20.12 -5.72
N LEU A 78 -29.14 -20.74 -6.56
CA LEU A 78 -28.24 -19.99 -7.44
C LEU A 78 -29.03 -19.11 -8.40
N GLN A 79 -30.09 -19.64 -8.99
CA GLN A 79 -30.86 -18.85 -9.97
C GLN A 79 -31.63 -17.73 -9.29
N ASN A 80 -32.19 -17.99 -8.10
CA ASN A 80 -32.84 -16.93 -7.35
C ASN A 80 -31.86 -15.81 -7.02
N TYR A 81 -30.70 -16.18 -6.48
CA TYR A 81 -29.65 -15.20 -6.21
C TYR A 81 -29.28 -14.43 -7.46
N SER A 82 -29.15 -15.12 -8.59
CA SER A 82 -28.74 -14.46 -9.83
C SER A 82 -29.77 -13.45 -10.29
N ASP A 83 -31.04 -13.86 -10.32
CA ASP A 83 -32.10 -12.94 -10.74
C ASP A 83 -32.14 -11.70 -9.86
N VAL A 84 -32.08 -11.89 -8.54
CA VAL A 84 -32.19 -10.74 -7.65
C VAL A 84 -30.95 -9.87 -7.73
N TYR A 85 -29.77 -10.49 -7.86
CA TYR A 85 -28.53 -9.72 -7.97
C TYR A 85 -28.52 -8.85 -9.22
N PHE A 86 -29.01 -9.40 -10.34
CA PHE A 86 -29.07 -8.59 -11.55
C PHE A 86 -30.17 -7.54 -11.49
N LYS A 87 -31.28 -7.85 -10.79
CA LYS A 87 -32.33 -6.85 -10.61
C LYS A 87 -31.84 -5.66 -9.78
N LEU A 88 -30.95 -5.91 -8.81
CA LEU A 88 -30.48 -4.83 -7.95
C LEU A 88 -29.71 -3.76 -8.72
N LYS A 89 -29.14 -4.09 -9.88
CA LYS A 89 -28.40 -3.09 -10.65
C LYS A 89 -29.32 -2.03 -11.25
N LYS A 90 -30.55 -2.42 -11.62
CA LYS A 90 -31.45 -1.51 -12.30
C LYS A 90 -31.87 -0.36 -11.39
N SER A 91 -32.39 -0.69 -10.21
CA SER A 91 -32.84 0.34 -9.27
C SER A 91 -32.73 -0.20 -7.86
N ASP A 92 -32.67 0.72 -6.91
CA ASP A 92 -32.57 0.36 -5.50
C ASP A 92 -33.94 0.36 -4.85
N ASP A 93 -34.15 -0.60 -3.95
CA ASP A 93 -35.33 -0.62 -3.11
C ASP A 93 -35.01 -1.42 -1.85
N ASP A 94 -35.64 -1.03 -0.74
CA ASP A 94 -35.35 -1.68 0.53
C ASP A 94 -35.81 -3.13 0.53
N ASN A 95 -37.06 -3.38 0.11
CA ASN A 95 -37.55 -4.76 0.06
C ASN A 95 -36.72 -5.63 -0.87
N LEU A 96 -36.22 -5.05 -1.97
CA LEU A 96 -35.40 -5.83 -2.89
C LEU A 96 -34.05 -6.19 -2.26
N GLN A 97 -33.43 -5.23 -1.54
CA GLN A 97 -32.17 -5.54 -0.86
C GLN A 97 -32.36 -6.62 0.19
N LYS A 98 -33.47 -6.55 0.95
CA LYS A 98 -33.70 -7.57 1.96
C LYS A 98 -34.02 -8.92 1.34
N ASP A 99 -34.81 -8.94 0.27
CA ASP A 99 -35.13 -10.18 -0.42
C ASP A 99 -33.89 -10.78 -1.08
N PHE A 100 -32.89 -9.94 -1.40
CA PHE A 100 -31.61 -10.45 -1.88
C PHE A 100 -30.81 -11.07 -0.75
N LYS A 101 -30.67 -10.33 0.36
CA LYS A 101 -29.92 -10.85 1.50
C LYS A 101 -30.51 -12.15 2.03
N SER A 102 -31.82 -12.34 1.87
CA SER A 102 -32.43 -13.59 2.27
C SER A 102 -31.81 -14.78 1.53
N ALA A 103 -31.80 -14.72 0.19
CA ALA A 103 -31.23 -15.81 -0.59
C ALA A 103 -29.73 -15.96 -0.34
N LYS A 104 -29.03 -14.83 -0.23
CA LYS A 104 -27.59 -14.89 0.04
C LYS A 104 -27.32 -15.64 1.35
N ASP A 105 -28.02 -15.25 2.42
CA ASP A 105 -27.82 -15.89 3.71
C ASP A 105 -28.27 -17.34 3.70
N THR A 106 -29.26 -17.70 2.89
CA THR A 106 -29.66 -19.11 2.80
C THR A 106 -28.54 -19.95 2.19
N ILE A 107 -27.93 -19.45 1.11
CA ILE A 107 -26.80 -20.15 0.52
C ILE A 107 -25.66 -20.28 1.54
N LYS A 108 -25.35 -19.18 2.22
CA LYS A 108 -24.26 -19.19 3.20
C LYS A 108 -24.56 -20.17 4.32
N LYS A 109 -25.82 -20.25 4.75
CA LYS A 109 -26.18 -21.15 5.84
C LYS A 109 -26.09 -22.61 5.42
N GLN A 110 -26.48 -22.91 4.18
CA GLN A 110 -26.29 -24.27 3.66
C GLN A 110 -24.82 -24.67 3.69
N ILE A 111 -23.96 -23.80 3.17
CA ILE A 111 -22.53 -24.12 3.13
C ILE A 111 -21.98 -24.26 4.55
N SER A 112 -22.40 -23.38 5.46
CA SER A 112 -21.89 -23.40 6.82
C SER A 112 -22.35 -24.65 7.57
N GLU A 113 -23.61 -25.07 7.36
CA GLU A 113 -24.07 -26.29 8.00
C GLU A 113 -23.34 -27.51 7.44
N TYR A 114 -23.04 -27.50 6.14
CA TYR A 114 -22.25 -28.59 5.58
C TYR A 114 -20.88 -28.66 6.26
N ILE A 115 -20.19 -27.52 6.36
CA ILE A 115 -18.84 -27.58 6.93
C ILE A 115 -18.88 -27.86 8.43
N LYS A 116 -19.98 -27.52 9.09
CA LYS A 116 -20.11 -27.83 10.51
C LYS A 116 -20.40 -29.31 10.75
N ASP A 117 -21.15 -29.94 9.83
CA ASP A 117 -21.49 -31.35 10.01
C ASP A 117 -20.31 -32.27 9.73
N SER A 118 -19.36 -31.82 8.91
CA SER A 118 -18.23 -32.67 8.53
C SER A 118 -17.47 -33.12 9.76
N GLU A 119 -17.12 -34.41 9.78
CA GLU A 119 -16.44 -35.00 10.94
C GLU A 119 -15.07 -34.38 11.15
N LYS A 120 -14.38 -34.00 10.07
CA LYS A 120 -13.02 -33.49 10.20
C LYS A 120 -12.99 -32.10 10.82
N PHE A 121 -14.07 -31.32 10.64
CA PHE A 121 -14.11 -29.96 11.16
C PHE A 121 -14.07 -29.94 12.68
N LYS A 122 -14.70 -30.92 13.33
CA LYS A 122 -14.94 -30.85 14.77
C LYS A 122 -13.66 -30.98 15.58
N ASN A 123 -12.58 -31.49 15.00
CA ASN A 123 -11.30 -31.61 15.69
C ASN A 123 -10.30 -30.54 15.29
N LEU A 124 -10.71 -29.57 14.48
CA LEU A 124 -9.74 -28.65 13.89
C LEU A 124 -9.07 -27.76 14.94
N PHE A 125 -9.84 -27.33 15.95
CA PHE A 125 -9.35 -26.34 16.89
C PHE A 125 -9.13 -26.88 18.29
N ASN A 126 -9.45 -28.15 18.54
CA ASN A 126 -9.23 -28.74 19.85
C ASN A 126 -7.75 -29.06 20.05
N GLN A 127 -7.45 -29.68 21.19
CA GLN A 127 -6.18 -30.37 21.34
C GLN A 127 -6.18 -31.71 20.61
N ASN A 128 -7.35 -32.18 20.18
CA ASN A 128 -7.45 -33.40 19.37
C ASN A 128 -6.64 -33.31 18.09
N LEU A 129 -6.34 -32.10 17.61
CA LEU A 129 -5.56 -31.96 16.39
C LEU A 129 -4.09 -32.32 16.65
N ILE A 130 -3.51 -31.76 17.71
CA ILE A 130 -2.07 -31.88 17.94
C ILE A 130 -1.76 -33.01 18.92
N ASP A 131 -2.30 -32.92 20.13
CA ASP A 131 -1.98 -33.85 21.21
C ASP A 131 -3.27 -34.43 21.77
N ALA A 132 -3.54 -35.70 21.44
CA ALA A 132 -4.81 -36.34 21.76
C ALA A 132 -4.79 -36.95 23.15
N LYS A 133 -5.97 -36.99 23.77
CA LYS A 133 -6.15 -37.74 25.00
C LYS A 133 -6.03 -39.24 24.74
N LYS A 134 -5.67 -39.98 25.78
CA LYS A 134 -5.42 -41.40 25.61
C LYS A 134 -6.70 -42.14 25.25
N GLY A 135 -6.57 -43.15 24.41
CA GLY A 135 -7.68 -43.86 23.84
C GLY A 135 -8.00 -43.48 22.41
N GLN A 136 -7.61 -42.28 21.98
CA GLN A 136 -7.80 -41.82 20.62
C GLN A 136 -6.50 -41.16 20.15
N GLU A 137 -6.30 -41.16 18.84
CA GLU A 137 -5.13 -40.56 18.23
C GLU A 137 -5.53 -39.30 17.48
N SER A 138 -4.60 -38.35 17.42
CA SER A 138 -4.90 -37.04 16.85
C SER A 138 -5.17 -37.16 15.35
N ASP A 139 -6.11 -36.33 14.87
CA ASP A 139 -6.49 -36.39 13.46
C ASP A 139 -5.36 -35.92 12.54
N LEU A 140 -4.54 -34.98 13.00
CA LEU A 140 -3.40 -34.55 12.19
C LEU A 140 -2.41 -35.69 12.01
N ILE A 141 -2.03 -36.36 13.09
CA ILE A 141 -1.11 -37.49 13.00
C ILE A 141 -1.75 -38.64 12.22
N LEU A 142 -3.05 -38.86 12.42
CA LEU A 142 -3.76 -39.89 11.65
C LEU A 142 -3.64 -39.62 10.16
N TRP A 143 -3.96 -38.38 9.74
CA TRP A 143 -3.91 -38.04 8.33
C TRP A 143 -2.49 -38.11 7.78
N LEU A 144 -1.50 -37.68 8.58
CA LEU A 144 -0.12 -37.74 8.13
C LEU A 144 0.35 -39.17 7.93
N LYS A 145 0.04 -40.05 8.89
CA LYS A 145 0.43 -41.45 8.78
C LYS A 145 -0.30 -42.14 7.62
N GLN A 146 -1.57 -41.81 7.41
CA GLN A 146 -2.30 -42.37 6.28
C GLN A 146 -1.71 -41.91 4.96
N SER A 147 -1.33 -40.63 4.87
CA SER A 147 -0.72 -40.13 3.64
C SER A 147 0.65 -40.77 3.41
N LYS A 148 1.41 -41.02 4.48
CA LYS A 148 2.69 -41.69 4.33
C LYS A 148 2.52 -43.12 3.87
N ASP A 149 1.61 -43.88 4.51
CA ASP A 149 1.33 -45.23 4.08
C ASP A 149 0.83 -45.28 2.65
N ASN A 150 0.12 -44.24 2.21
CA ASN A 150 -0.29 -44.11 0.82
C ASN A 150 0.82 -43.59 -0.09
N GLY A 151 2.04 -43.44 0.45
CA GLY A 151 3.21 -43.14 -0.36
C GLY A 151 3.25 -41.77 -1.00
N ILE A 152 2.35 -40.88 -0.65
CA ILE A 152 2.32 -39.55 -1.25
C ILE A 152 3.28 -38.64 -0.49
N GLU A 153 4.05 -37.85 -1.24
CA GLU A 153 4.95 -36.86 -0.66
C GLU A 153 4.19 -35.56 -0.47
N LEU A 154 4.06 -35.12 0.78
CA LEU A 154 3.30 -33.92 1.10
C LEU A 154 4.17 -32.67 1.10
N PHE A 155 5.44 -32.79 1.43
CA PHE A 155 6.33 -31.64 1.62
C PHE A 155 7.44 -31.64 0.57
N LYS A 156 7.10 -32.04 -0.65
CA LYS A 156 7.99 -31.82 -1.77
C LYS A 156 8.26 -30.35 -1.97
N ALA A 157 7.25 -29.50 -1.73
CA ALA A 157 7.32 -28.09 -2.10
C ALA A 157 8.44 -27.36 -1.35
N ASN A 158 8.32 -27.29 -0.03
CA ASN A 158 9.26 -26.51 0.76
C ASN A 158 10.45 -27.34 1.19
N SER A 159 11.60 -26.67 1.30
CA SER A 159 12.83 -27.33 1.74
C SER A 159 12.90 -27.48 3.25
N ASP A 160 12.14 -26.68 4.01
CA ASP A 160 12.30 -26.65 5.46
C ASP A 160 11.78 -27.93 6.12
N ILE A 161 10.83 -28.62 5.50
CA ILE A 161 10.30 -29.87 6.01
C ILE A 161 10.79 -30.98 5.09
N THR A 162 11.71 -31.80 5.60
CA THR A 162 12.36 -32.83 4.78
C THR A 162 11.35 -33.82 4.23
N ASP A 163 10.69 -34.56 5.12
CA ASP A 163 9.77 -35.61 4.71
C ASP A 163 8.60 -35.65 5.69
N ILE A 164 7.78 -36.68 5.57
CA ILE A 164 6.62 -36.83 6.46
C ILE A 164 7.07 -37.20 7.87
N ASP A 165 8.18 -37.94 8.02
CA ASP A 165 8.66 -38.28 9.35
C ASP A 165 9.05 -37.05 10.14
N GLU A 166 9.70 -36.08 9.49
CA GLU A 166 10.06 -34.86 10.19
C GLU A 166 8.83 -34.06 10.57
N ALA A 167 7.80 -34.05 9.72
CA ALA A 167 6.54 -33.44 10.09
C ALA A 167 5.93 -34.13 11.30
N LEU A 168 6.01 -35.45 11.34
CA LEU A 168 5.50 -36.22 12.49
C LEU A 168 6.20 -35.80 13.78
N GLU A 169 7.54 -35.76 13.75
CA GLU A 169 8.25 -35.43 14.98
C GLU A 169 8.08 -33.96 15.36
N ILE A 170 7.90 -33.07 14.38
CA ILE A 170 7.62 -31.67 14.68
C ILE A 170 6.28 -31.55 15.39
N ILE A 171 5.24 -32.18 14.85
CA ILE A 171 3.94 -32.17 15.50
C ILE A 171 4.03 -32.80 16.88
N LYS A 172 4.84 -33.86 17.01
CA LYS A 172 5.00 -34.54 18.29
C LYS A 172 5.64 -33.60 19.32
N SER A 173 6.54 -32.73 18.85
CA SER A 173 7.28 -31.87 19.76
C SER A 173 6.39 -30.98 20.63
N PHE A 174 5.22 -30.59 20.11
CA PHE A 174 4.35 -29.64 20.79
C PHE A 174 3.30 -30.32 21.66
N LYS A 175 3.41 -31.62 21.90
CA LYS A 175 2.50 -32.29 22.81
C LYS A 175 2.60 -31.67 24.19
N GLY A 176 1.45 -31.28 24.76
CA GLY A 176 1.44 -30.53 25.99
C GLY A 176 1.60 -29.03 25.82
N TRP A 177 1.64 -28.53 24.59
CA TRP A 177 1.78 -27.12 24.28
C TRP A 177 0.65 -26.63 23.38
N THR A 178 -0.53 -27.25 23.49
CA THR A 178 -1.61 -26.94 22.56
C THR A 178 -2.05 -25.48 22.66
N THR A 179 -2.13 -24.95 23.89
CA THR A 179 -2.58 -23.57 24.05
C THR A 179 -1.64 -22.56 23.43
N TYR A 180 -0.36 -22.92 23.23
CA TYR A 180 0.56 -22.08 22.49
C TYR A 180 0.02 -21.70 21.12
N PHE A 181 -0.92 -22.49 20.60
CA PHE A 181 -1.53 -22.26 19.29
C PHE A 181 -2.84 -21.50 19.35
N LYS A 182 -3.31 -21.11 20.53
CA LYS A 182 -4.66 -20.54 20.65
C LYS A 182 -4.87 -19.41 19.66
N GLY A 183 -4.01 -18.39 19.71
CA GLY A 183 -4.09 -17.30 18.76
C GLY A 183 -4.16 -17.80 17.32
N PHE A 184 -3.22 -18.67 16.95
CA PHE A 184 -3.24 -19.25 15.61
C PHE A 184 -4.60 -19.85 15.30
N HIS A 185 -5.12 -20.68 16.22
CA HIS A 185 -6.40 -21.33 15.97
C HIS A 185 -7.49 -20.29 15.71
N GLU A 186 -7.44 -19.16 16.44
CA GLU A 186 -8.41 -18.10 16.20
C GLU A 186 -8.40 -17.70 14.73
N ASN A 187 -7.22 -17.40 14.19
CA ASN A 187 -7.10 -17.07 12.77
C ASN A 187 -7.76 -18.14 11.92
N ARG A 188 -7.48 -19.41 12.22
CA ARG A 188 -8.02 -20.48 11.39
C ARG A 188 -9.53 -20.62 11.57
N LYS A 189 -10.05 -20.30 12.77
CA LYS A 189 -11.50 -20.24 12.91
C LYS A 189 -12.08 -19.22 11.95
N ASN A 190 -11.39 -18.08 11.78
CA ASN A 190 -11.83 -17.07 10.83
C ASN A 190 -11.93 -17.60 9.41
N VAL A 191 -11.25 -18.72 9.11
CA VAL A 191 -11.32 -19.28 7.77
C VAL A 191 -12.68 -19.89 7.48
N TYR A 192 -13.44 -20.28 8.51
CA TYR A 192 -14.70 -21.01 8.31
C TYR A 192 -15.89 -20.28 8.92
N SER A 193 -15.75 -18.98 9.19
CA SER A 193 -16.73 -18.25 9.98
C SER A 193 -18.07 -18.15 9.26
N SER A 194 -19.15 -18.32 10.03
CA SER A 194 -20.49 -18.06 9.53
C SER A 194 -20.75 -16.56 9.39
N ASN A 195 -20.02 -15.74 10.14
CA ASN A 195 -20.23 -14.30 10.14
C ASN A 195 -19.67 -13.69 8.86
N ASP A 196 -19.99 -12.40 8.66
CA ASP A 196 -19.65 -11.70 7.42
C ASP A 196 -18.28 -11.02 7.56
N ILE A 197 -17.24 -11.85 7.54
CA ILE A 197 -15.87 -11.36 7.59
C ILE A 197 -15.12 -11.86 6.36
N PRO A 198 -14.22 -11.06 5.79
CA PRO A 198 -13.59 -11.43 4.51
C PRO A 198 -12.58 -12.56 4.59
N THR A 199 -12.35 -13.15 5.76
CA THR A 199 -11.35 -14.19 5.91
C THR A 199 -11.90 -15.59 5.62
N SER A 200 -13.22 -15.74 5.49
CA SER A 200 -13.82 -17.06 5.42
C SER A 200 -14.00 -17.54 3.99
N ILE A 201 -13.91 -18.87 3.81
CA ILE A 201 -14.15 -19.46 2.50
C ILE A 201 -15.59 -19.29 2.07
N ILE A 202 -16.52 -19.22 3.03
CA ILE A 202 -17.92 -18.98 2.71
C ILE A 202 -18.09 -17.59 2.10
N TYR A 203 -17.45 -16.59 2.72
CA TYR A 203 -17.45 -15.24 2.17
C TYR A 203 -16.84 -15.23 0.77
N ARG A 204 -15.72 -15.93 0.59
CA ARG A 204 -15.03 -15.92 -0.70
C ARG A 204 -15.89 -16.59 -1.78
N ILE A 205 -16.64 -17.62 -1.41
CA ILE A 205 -17.52 -18.28 -2.38
C ILE A 205 -18.71 -17.39 -2.72
N VAL A 206 -19.44 -16.95 -1.70
CA VAL A 206 -20.71 -16.28 -1.94
C VAL A 206 -20.51 -14.80 -2.26
N ASP A 207 -19.74 -14.10 -1.43
CA ASP A 207 -19.69 -12.64 -1.54
C ASP A 207 -18.75 -12.15 -2.63
N ASP A 208 -17.71 -12.91 -2.96
CA ASP A 208 -16.72 -12.47 -3.94
C ASP A 208 -16.83 -13.20 -5.28
N ASN A 209 -16.75 -14.52 -5.29
CA ASN A 209 -16.61 -15.24 -6.56
C ASN A 209 -17.94 -15.48 -7.26
N LEU A 210 -19.05 -15.55 -6.51
CA LEU A 210 -20.34 -15.72 -7.18
C LEU A 210 -20.72 -14.49 -7.99
N PRO A 211 -20.61 -13.25 -7.50
CA PRO A 211 -20.88 -12.10 -8.37
C PRO A 211 -19.93 -12.03 -9.55
N LYS A 212 -18.66 -12.39 -9.36
CA LYS A 212 -17.72 -12.38 -10.48
C LYS A 212 -18.12 -13.39 -11.54
N PHE A 213 -18.52 -14.60 -11.12
CA PHE A 213 -18.94 -15.61 -12.08
C PHE A 213 -20.22 -15.19 -12.79
N LEU A 214 -21.12 -14.51 -12.09
CA LEU A 214 -22.35 -14.07 -12.75
C LEU A 214 -22.06 -12.93 -13.73
N GLU A 215 -21.14 -12.03 -13.38
CA GLU A 215 -20.70 -11.02 -14.33
C GLU A 215 -20.09 -11.66 -15.57
N ASN A 216 -19.23 -12.66 -15.37
CA ASN A 216 -18.61 -13.33 -16.52
C ASN A 216 -19.63 -14.10 -17.34
N LYS A 217 -20.64 -14.70 -16.70
CA LYS A 217 -21.69 -15.38 -17.44
C LYS A 217 -22.49 -14.40 -18.29
N ALA A 218 -22.86 -13.26 -17.70
CA ALA A 218 -23.56 -12.24 -18.47
C ALA A 218 -22.69 -11.74 -19.62
N LYS A 219 -21.39 -11.61 -19.39
CA LYS A 219 -20.49 -11.17 -20.44
C LYS A 219 -20.37 -12.19 -21.56
N TYR A 220 -20.39 -13.49 -21.22
CA TYR A 220 -20.35 -14.52 -22.25
C TYR A 220 -21.66 -14.58 -23.04
N GLU A 221 -22.79 -14.47 -22.35
CA GLU A 221 -24.08 -14.43 -23.04
C GLU A 221 -24.16 -13.22 -23.96
N SER A 222 -23.62 -12.07 -23.53
CA SER A 222 -23.58 -10.91 -24.38
C SER A 222 -22.57 -11.07 -25.52
N LEU A 223 -21.49 -11.81 -25.27
CA LEU A 223 -20.49 -12.04 -26.31
C LEU A 223 -21.01 -12.95 -27.40
N LYS A 224 -21.99 -13.80 -27.07
CA LYS A 224 -22.55 -14.68 -28.10
C LYS A 224 -23.43 -13.94 -29.10
N ASP A 225 -23.97 -12.76 -28.75
CA ASP A 225 -24.84 -12.06 -29.71
C ASP A 225 -24.06 -11.15 -30.65
N LYS A 226 -23.05 -10.43 -30.14
CA LYS A 226 -22.14 -9.63 -30.95
C LYS A 226 -20.76 -10.26 -30.90
N ALA A 227 -20.14 -10.44 -32.07
CA ALA A 227 -18.87 -11.15 -32.21
C ALA A 227 -19.00 -12.60 -31.77
N PRO A 228 -19.81 -13.42 -32.45
CA PRO A 228 -19.99 -14.82 -32.05
C PRO A 228 -18.80 -15.70 -32.41
N GLU A 229 -18.09 -15.33 -33.47
CA GLU A 229 -16.90 -16.05 -33.90
C GLU A 229 -15.63 -15.44 -33.32
N ALA A 230 -15.75 -14.46 -32.43
CA ALA A 230 -14.57 -13.91 -31.78
C ALA A 230 -13.87 -14.98 -30.96
N ILE A 231 -14.63 -15.75 -30.19
CA ILE A 231 -14.09 -16.87 -29.43
C ILE A 231 -13.89 -18.04 -30.38
N ASN A 232 -12.66 -18.53 -30.46
CA ASN A 232 -12.33 -19.69 -31.30
C ASN A 232 -12.57 -20.94 -30.48
N TYR A 233 -13.83 -21.38 -30.46
CA TYR A 233 -14.23 -22.56 -29.70
C TYR A 233 -13.34 -23.75 -30.01
N GLU A 234 -13.11 -24.00 -31.30
CA GLU A 234 -12.29 -25.14 -31.72
C GLU A 234 -10.91 -25.10 -31.07
N GLN A 235 -10.27 -23.93 -31.08
CA GLN A 235 -8.88 -23.86 -30.62
C GLN A 235 -8.76 -23.95 -29.11
N ILE A 236 -9.75 -23.48 -28.36
CA ILE A 236 -9.69 -23.64 -26.90
C ILE A 236 -10.04 -25.06 -26.51
N LYS A 237 -10.98 -25.69 -27.22
CA LYS A 237 -11.21 -27.12 -26.98
C LYS A 237 -9.96 -27.94 -27.28
N LYS A 238 -9.17 -27.51 -28.26
CA LYS A 238 -7.86 -28.13 -28.50
C LYS A 238 -6.90 -27.84 -27.36
N ASP A 239 -6.80 -26.57 -26.93
CA ASP A 239 -5.72 -26.14 -26.05
C ASP A 239 -6.00 -26.46 -24.58
N LEU A 240 -7.05 -25.86 -24.02
CA LEU A 240 -7.30 -25.95 -22.59
C LEU A 240 -8.15 -27.18 -22.24
N ALA A 241 -7.70 -28.34 -22.72
CA ALA A 241 -8.47 -29.57 -22.51
C ALA A 241 -8.48 -29.96 -21.04
N GLU A 242 -7.31 -29.92 -20.38
CA GLU A 242 -7.25 -30.28 -18.96
C GLU A 242 -8.14 -29.36 -18.13
N GLU A 243 -8.18 -28.08 -18.47
CA GLU A 243 -8.98 -27.13 -17.71
C GLU A 243 -10.47 -27.19 -18.07
N LEU A 244 -10.80 -27.71 -19.25
CA LEU A 244 -12.19 -27.93 -19.63
C LEU A 244 -12.73 -29.27 -19.15
N THR A 245 -11.85 -30.18 -18.70
CA THR A 245 -12.30 -31.45 -18.15
C THR A 245 -12.83 -31.24 -16.74
N PHE A 246 -14.07 -31.65 -16.50
CA PHE A 246 -14.68 -31.60 -15.18
C PHE A 246 -15.23 -32.97 -14.84
N ASP A 247 -15.41 -33.21 -13.55
CA ASP A 247 -15.75 -34.56 -13.09
C ASP A 247 -17.25 -34.85 -13.14
N ILE A 248 -18.10 -33.90 -12.77
CA ILE A 248 -19.54 -34.06 -12.90
C ILE A 248 -20.16 -32.74 -13.37
N ASP A 249 -21.19 -32.84 -14.20
CA ASP A 249 -21.95 -31.69 -14.70
C ASP A 249 -23.17 -31.50 -13.81
N TYR A 250 -23.30 -30.32 -13.22
CA TYR A 250 -24.31 -30.10 -12.18
C TYR A 250 -25.66 -29.67 -12.72
N LYS A 251 -25.72 -29.05 -13.91
CA LYS A 251 -27.01 -28.72 -14.49
C LYS A 251 -27.81 -29.98 -14.79
N THR A 252 -27.17 -30.96 -15.42
CA THR A 252 -27.76 -32.26 -15.66
C THR A 252 -27.58 -33.22 -14.50
N SER A 253 -26.83 -32.83 -13.46
CA SER A 253 -26.52 -33.69 -12.31
C SER A 253 -25.90 -35.02 -12.74
N GLU A 254 -25.23 -35.04 -13.88
CA GLU A 254 -24.63 -36.26 -14.41
C GLU A 254 -23.17 -36.35 -13.99
N VAL A 255 -22.71 -37.57 -13.76
CA VAL A 255 -21.33 -37.86 -13.38
C VAL A 255 -20.61 -38.34 -14.63
N ASN A 256 -19.85 -37.46 -15.26
CA ASN A 256 -19.03 -37.83 -16.42
C ASN A 256 -17.81 -36.92 -16.47
N GLN A 257 -16.69 -37.50 -16.91
CA GLN A 257 -15.44 -36.76 -17.03
C GLN A 257 -15.19 -36.29 -18.45
N ARG A 258 -16.27 -35.91 -19.15
CA ARG A 258 -16.13 -35.37 -20.49
C ARG A 258 -15.56 -33.96 -20.46
N VAL A 259 -15.02 -33.54 -21.60
CA VAL A 259 -14.62 -32.15 -21.77
C VAL A 259 -15.87 -31.28 -21.86
N PHE A 260 -15.83 -30.13 -21.19
CA PHE A 260 -16.99 -29.25 -21.13
C PHE A 260 -16.92 -28.18 -22.21
N SER A 261 -18.09 -27.65 -22.55
CA SER A 261 -18.23 -26.55 -23.49
C SER A 261 -18.42 -25.24 -22.73
N LEU A 262 -18.13 -24.13 -23.41
CA LEU A 262 -18.27 -22.83 -22.78
C LEU A 262 -19.71 -22.59 -22.34
N ASP A 263 -20.68 -22.91 -23.20
CA ASP A 263 -22.08 -22.84 -22.81
C ASP A 263 -22.37 -23.72 -21.61
N GLU A 264 -21.78 -24.91 -21.57
CA GLU A 264 -21.93 -25.78 -20.40
C GLU A 264 -21.18 -25.22 -19.20
N VAL A 265 -19.96 -24.73 -19.42
CA VAL A 265 -19.15 -24.20 -18.33
C VAL A 265 -19.84 -23.01 -17.66
N PHE A 266 -20.39 -22.10 -18.47
CA PHE A 266 -20.99 -20.88 -17.97
C PHE A 266 -22.44 -21.06 -17.54
N GLU A 267 -22.95 -22.29 -17.49
CA GLU A 267 -24.26 -22.52 -16.92
C GLU A 267 -24.19 -22.29 -15.40
N ILE A 268 -25.26 -21.69 -14.86
CA ILE A 268 -25.23 -21.25 -13.47
C ILE A 268 -25.07 -22.45 -12.53
N ALA A 269 -25.78 -23.54 -12.81
CA ALA A 269 -25.73 -24.71 -11.93
C ALA A 269 -24.33 -25.28 -11.81
N ASN A 270 -23.50 -25.12 -12.84
CA ASN A 270 -22.13 -25.62 -12.81
C ASN A 270 -21.22 -24.81 -11.89
N PHE A 271 -21.71 -23.73 -11.28
CA PHE A 271 -20.89 -22.90 -10.40
C PHE A 271 -20.18 -23.73 -9.34
N ASN A 272 -20.74 -24.88 -8.98
CA ASN A 272 -20.13 -25.72 -7.95
C ASN A 272 -18.69 -26.08 -8.31
N ASN A 273 -18.41 -26.33 -9.59
CA ASN A 273 -17.11 -26.80 -10.05
C ASN A 273 -16.06 -25.71 -9.86
N TYR A 274 -16.48 -24.55 -9.38
CA TYR A 274 -15.56 -23.46 -9.13
C TYR A 274 -15.52 -23.06 -7.65
N LEU A 275 -16.06 -23.90 -6.76
CA LEU A 275 -15.88 -23.64 -5.33
C LEU A 275 -14.51 -24.12 -4.87
N ASN A 276 -14.19 -25.38 -5.15
CA ASN A 276 -12.87 -25.92 -4.92
C ASN A 276 -11.80 -25.06 -5.59
N GLN A 277 -10.61 -25.02 -5.00
CA GLN A 277 -9.54 -24.18 -5.53
C GLN A 277 -9.08 -24.69 -6.89
N SER A 278 -9.03 -26.01 -7.08
CA SER A 278 -8.64 -26.56 -8.38
C SER A 278 -9.58 -26.10 -9.47
N GLY A 279 -10.88 -26.05 -9.18
CA GLY A 279 -11.83 -25.50 -10.13
C GLY A 279 -11.63 -24.01 -10.38
N ILE A 280 -11.22 -23.28 -9.35
CA ILE A 280 -10.89 -21.86 -9.54
C ILE A 280 -9.73 -21.71 -10.50
N THR A 281 -8.69 -22.54 -10.35
CA THR A 281 -7.57 -22.49 -11.28
C THR A 281 -8.01 -22.90 -12.68
N LYS A 282 -8.89 -23.89 -12.80
CA LYS A 282 -9.41 -24.26 -14.11
C LYS A 282 -10.11 -23.10 -14.77
N PHE A 283 -11.02 -22.45 -14.04
CA PHE A 283 -11.77 -21.32 -14.60
C PHE A 283 -10.83 -20.19 -14.98
N ASN A 284 -9.91 -19.82 -14.08
CA ASN A 284 -8.99 -18.73 -14.37
C ASN A 284 -8.07 -19.06 -15.54
N THR A 285 -7.75 -20.34 -15.73
CA THR A 285 -6.90 -20.71 -16.86
C THR A 285 -7.66 -20.67 -18.17
N ILE A 286 -8.92 -21.11 -18.19
CA ILE A 286 -9.69 -20.96 -19.42
C ILE A 286 -9.97 -19.50 -19.69
N ILE A 287 -9.91 -18.64 -18.68
CA ILE A 287 -10.01 -17.21 -18.90
C ILE A 287 -8.70 -16.66 -19.48
N GLY A 288 -7.56 -17.13 -18.97
CA GLY A 288 -6.28 -16.53 -19.31
C GLY A 288 -5.30 -17.40 -20.07
N GLY A 289 -5.62 -18.67 -20.30
CA GLY A 289 -4.74 -19.54 -21.05
C GLY A 289 -3.58 -20.07 -20.24
N LYS A 290 -2.65 -20.72 -20.95
CA LYS A 290 -1.51 -21.35 -20.30
C LYS A 290 -0.33 -21.40 -21.27
N PHE A 291 0.87 -21.39 -20.71
CA PHE A 291 2.08 -21.73 -21.44
C PHE A 291 2.34 -23.22 -21.29
N VAL A 292 2.69 -23.87 -22.40
CA VAL A 292 3.06 -25.27 -22.37
C VAL A 292 4.58 -25.38 -22.45
N ASN A 293 5.12 -26.49 -21.93
CA ASN A 293 6.56 -26.60 -21.75
C ASN A 293 7.30 -26.53 -23.08
N GLY A 294 6.85 -27.32 -24.07
CA GLY A 294 7.55 -27.38 -25.34
C GLY A 294 7.14 -26.33 -26.35
N GLU A 295 5.87 -25.94 -26.31
CA GLU A 295 5.33 -25.04 -27.33
C GLU A 295 5.88 -23.63 -27.15
N ASN A 296 6.22 -22.98 -28.28
CA ASN A 296 6.78 -21.64 -28.23
C ASN A 296 5.70 -20.58 -28.04
N THR A 297 4.51 -20.80 -28.56
CA THR A 297 3.43 -19.84 -28.48
C THR A 297 2.46 -20.23 -27.37
N LYS A 298 2.07 -19.22 -26.58
CA LYS A 298 1.17 -19.46 -25.46
C LYS A 298 -0.23 -19.82 -25.94
N ARG A 299 -0.79 -20.87 -25.37
CA ARG A 299 -2.19 -21.20 -25.61
C ARG A 299 -3.07 -20.09 -25.06
N LYS A 300 -4.02 -19.63 -25.86
CA LYS A 300 -4.79 -18.43 -25.54
C LYS A 300 -6.02 -18.74 -24.72
N GLY A 301 -6.42 -17.75 -23.91
CA GLY A 301 -7.64 -17.81 -23.14
C GLY A 301 -8.73 -16.91 -23.71
N ILE A 302 -9.88 -16.96 -23.04
CA ILE A 302 -11.05 -16.23 -23.52
C ILE A 302 -10.74 -14.73 -23.69
N ASN A 303 -10.08 -14.15 -22.68
CA ASN A 303 -9.80 -12.72 -22.70
C ASN A 303 -8.90 -12.34 -23.87
N GLU A 304 -7.94 -13.20 -24.21
CA GLU A 304 -7.05 -12.90 -25.32
C GLU A 304 -7.80 -12.93 -26.65
N TYR A 305 -8.78 -13.83 -26.80
CA TYR A 305 -9.62 -13.82 -28.00
C TYR A 305 -10.47 -12.56 -28.07
N ILE A 306 -11.09 -12.17 -26.96
CA ILE A 306 -11.85 -10.91 -26.91
C ILE A 306 -10.96 -9.76 -27.35
N ASN A 307 -9.74 -9.70 -26.80
CA ASN A 307 -8.80 -8.64 -27.13
C ASN A 307 -8.47 -8.62 -28.61
N LEU A 308 -8.14 -9.80 -29.18
CA LEU A 308 -7.72 -9.85 -30.58
C LEU A 308 -8.86 -9.45 -31.52
N TYR A 309 -10.08 -9.93 -31.27
CA TYR A 309 -11.19 -9.53 -32.12
C TYR A 309 -11.48 -8.04 -31.99
N SER A 310 -11.48 -7.52 -30.76
CA SER A 310 -11.73 -6.10 -30.57
C SER A 310 -10.68 -5.25 -31.27
N GLN A 311 -9.43 -5.72 -31.29
CA GLN A 311 -8.37 -4.96 -31.94
C GLN A 311 -8.44 -5.03 -33.46
N GLN A 312 -8.84 -6.19 -34.01
CA GLN A 312 -8.96 -6.28 -35.47
C GLN A 312 -10.18 -5.51 -35.99
N ILE A 313 -11.25 -5.42 -35.19
CA ILE A 313 -12.42 -4.65 -35.59
C ILE A 313 -12.24 -3.15 -35.35
N ASN A 314 -11.34 -2.76 -34.44
CA ASN A 314 -11.15 -1.36 -34.03
C ASN A 314 -12.36 -0.83 -33.28
N ASP A 315 -13.09 -1.72 -32.63
CA ASP A 315 -14.26 -1.35 -31.82
C ASP A 315 -13.91 -1.58 -30.36
N LYS A 316 -13.70 -0.49 -29.63
CA LYS A 316 -13.44 -0.56 -28.20
C LYS A 316 -14.72 -0.71 -27.38
N THR A 317 -15.84 -1.00 -28.03
CA THR A 317 -17.06 -1.33 -27.30
C THR A 317 -16.95 -2.68 -26.60
N LEU A 318 -16.24 -3.63 -27.20
CA LEU A 318 -16.17 -4.97 -26.66
C LEU A 318 -15.18 -5.11 -25.51
N LYS A 319 -14.32 -4.11 -25.28
CA LYS A 319 -13.44 -4.12 -24.11
C LYS A 319 -14.19 -4.42 -22.84
N LYS A 320 -15.44 -3.96 -22.75
CA LYS A 320 -16.23 -4.09 -21.52
C LYS A 320 -16.68 -5.52 -21.25
N TYR A 321 -16.49 -6.44 -22.20
CA TYR A 321 -16.88 -7.82 -21.98
C TYR A 321 -15.72 -8.67 -21.48
N LYS A 322 -14.66 -8.05 -20.99
CA LYS A 322 -13.50 -8.77 -20.47
C LYS A 322 -13.87 -9.51 -19.19
N MET A 323 -13.47 -10.78 -19.10
CA MET A 323 -13.79 -11.60 -17.95
C MET A 323 -12.92 -11.23 -16.76
N SER A 324 -13.51 -11.27 -15.57
CA SER A 324 -12.77 -11.11 -14.32
C SER A 324 -12.41 -12.48 -13.78
N VAL A 325 -11.12 -12.67 -13.47
CA VAL A 325 -10.69 -13.93 -12.87
C VAL A 325 -11.27 -14.08 -11.48
N LEU A 326 -11.46 -15.32 -11.05
CA LEU A 326 -12.01 -15.59 -9.73
C LEU A 326 -10.92 -15.49 -8.67
N PHE A 327 -11.30 -14.99 -7.50
CA PHE A 327 -10.37 -14.90 -6.39
C PHE A 327 -10.03 -16.28 -5.86
N LYS A 328 -8.84 -16.40 -5.27
CA LYS A 328 -8.34 -17.69 -4.83
C LYS A 328 -9.10 -18.17 -3.59
N GLN A 329 -8.87 -19.44 -3.24
CA GLN A 329 -9.43 -19.96 -2.00
C GLN A 329 -8.51 -19.62 -0.83
N ILE A 330 -9.09 -19.62 0.37
CA ILE A 330 -8.53 -18.84 1.48
C ILE A 330 -7.16 -19.36 1.91
N LEU A 331 -6.98 -20.67 1.94
CA LEU A 331 -5.71 -21.22 2.41
C LEU A 331 -4.93 -21.94 1.31
N SER A 332 -5.35 -21.79 0.06
CA SER A 332 -4.79 -22.58 -1.03
C SER A 332 -3.35 -22.19 -1.31
N ASP A 333 -2.56 -23.18 -1.73
CA ASP A 333 -1.19 -22.98 -2.19
C ASP A 333 -0.97 -23.98 -3.33
N THR A 334 -1.15 -23.52 -4.57
CA THR A 334 -1.23 -24.39 -5.73
C THR A 334 -0.26 -23.95 -6.81
N GLU A 335 0.40 -24.92 -7.43
CA GLU A 335 1.21 -24.62 -8.60
C GLU A 335 0.32 -24.26 -9.79
N SER A 336 0.89 -23.51 -10.72
CA SER A 336 0.15 -22.95 -11.83
C SER A 336 0.06 -23.93 -12.98
N LYS A 337 -1.07 -23.89 -13.70
CA LYS A 337 -1.22 -24.69 -14.90
C LYS A 337 -0.36 -24.17 -16.04
N SER A 338 0.13 -22.94 -15.94
CA SER A 338 1.13 -22.45 -16.87
C SER A 338 2.51 -22.92 -16.43
N PHE A 339 3.46 -22.89 -17.36
CA PHE A 339 4.80 -23.42 -17.09
C PHE A 339 5.47 -22.62 -15.98
N VAL A 340 6.01 -23.33 -15.00
CA VAL A 340 6.77 -22.74 -13.91
C VAL A 340 8.22 -23.19 -14.06
N ILE A 341 9.14 -22.25 -14.01
CA ILE A 341 10.55 -22.51 -14.23
C ILE A 341 11.18 -22.95 -12.90
N ASP A 342 12.16 -23.84 -13.00
CA ASP A 342 12.82 -24.33 -11.79
C ASP A 342 13.57 -23.21 -11.10
N LYS A 343 13.56 -23.24 -9.77
CA LYS A 343 14.16 -22.19 -8.96
C LYS A 343 15.66 -22.46 -8.77
N LEU A 344 16.31 -21.56 -8.04
CA LEU A 344 17.67 -21.74 -7.57
C LEU A 344 17.69 -21.60 -6.06
N GLU A 345 18.52 -22.40 -5.39
CA GLU A 345 18.51 -22.48 -3.94
C GLU A 345 19.54 -21.59 -3.26
N ASP A 346 20.68 -21.32 -3.89
CA ASP A 346 21.72 -20.52 -3.27
C ASP A 346 22.57 -19.85 -4.35
N ASP A 347 23.61 -19.15 -3.90
CA ASP A 347 24.48 -18.42 -4.82
C ASP A 347 25.26 -19.37 -5.74
N SER A 348 25.69 -20.51 -5.18
CA SER A 348 26.49 -21.47 -5.96
C SER A 348 25.73 -21.93 -7.20
N ASP A 349 24.40 -22.07 -7.09
CA ASP A 349 23.58 -22.44 -8.25
C ASP A 349 23.72 -21.42 -9.37
N VAL A 350 23.57 -20.14 -9.03
CA VAL A 350 23.76 -19.07 -10.01
C VAL A 350 25.12 -19.18 -10.66
N VAL A 351 26.16 -19.32 -9.84
CA VAL A 351 27.53 -19.36 -10.38
C VAL A 351 27.68 -20.51 -11.37
N THR A 352 27.27 -21.71 -10.96
CA THR A 352 27.48 -22.89 -11.79
C THR A 352 26.71 -22.78 -13.11
N THR A 353 25.43 -22.41 -13.05
CA THR A 353 24.63 -22.34 -14.26
C THR A 353 25.16 -21.29 -15.23
N MET A 354 25.46 -20.10 -14.70
CA MET A 354 25.99 -19.03 -15.55
C MET A 354 27.30 -19.45 -16.21
N GLN A 355 28.20 -20.07 -15.44
CA GLN A 355 29.48 -20.48 -16.01
C GLN A 355 29.29 -21.54 -17.08
N SER A 356 28.40 -22.49 -16.83
CA SER A 356 28.13 -23.52 -17.84
C SER A 356 27.69 -22.89 -19.16
N PHE A 357 26.69 -22.00 -19.11
CA PHE A 357 26.20 -21.38 -20.33
C PHE A 357 27.29 -20.58 -21.04
N TYR A 358 28.04 -19.78 -20.28
CA TYR A 358 28.99 -18.88 -20.91
C TYR A 358 30.21 -19.61 -21.45
N GLU A 359 30.54 -20.77 -20.89
CA GLU A 359 31.55 -21.60 -21.54
C GLU A 359 30.99 -22.35 -22.74
N GLN A 360 29.70 -22.68 -22.71
CA GLN A 360 29.06 -23.31 -23.86
C GLN A 360 29.19 -22.44 -25.09
N ILE A 361 28.85 -21.16 -24.97
CA ILE A 361 28.77 -20.32 -26.17
C ILE A 361 30.13 -20.22 -26.85
N ALA A 362 31.22 -20.20 -26.06
CA ALA A 362 32.55 -20.16 -26.65
C ALA A 362 32.99 -21.53 -27.15
N ALA A 363 32.49 -22.61 -26.55
CA ALA A 363 32.90 -23.95 -26.96
C ALA A 363 32.17 -24.44 -28.20
N PHE A 364 31.02 -23.87 -28.54
CA PHE A 364 30.17 -24.44 -29.58
C PHE A 364 30.77 -24.27 -30.97
N LYS A 365 30.68 -25.32 -31.77
CA LYS A 365 31.03 -25.31 -33.18
C LYS A 365 29.89 -25.89 -34.00
N THR A 366 29.78 -25.43 -35.24
CA THR A 366 28.69 -25.81 -36.12
C THR A 366 29.11 -27.04 -36.94
N VAL A 367 28.35 -27.35 -37.98
CA VAL A 367 28.80 -28.32 -38.98
C VAL A 367 30.20 -27.98 -39.46
N GLU A 368 30.45 -26.69 -39.72
CA GLU A 368 31.77 -26.22 -40.07
C GLU A 368 32.64 -26.11 -38.82
N GLU A 369 33.91 -25.81 -39.02
CA GLU A 369 34.85 -25.62 -37.92
C GLU A 369 34.86 -24.18 -37.42
N LYS A 370 33.85 -23.39 -37.74
CA LYS A 370 33.78 -22.00 -37.35
C LYS A 370 33.09 -21.85 -35.99
N SER A 371 33.67 -21.00 -35.14
CA SER A 371 33.10 -20.72 -33.83
C SER A 371 31.79 -19.95 -33.97
N ILE A 372 31.04 -19.89 -32.86
CA ILE A 372 29.79 -19.13 -32.85
C ILE A 372 30.07 -17.68 -33.18
N LYS A 373 31.00 -17.06 -32.46
CA LYS A 373 31.44 -15.72 -32.82
C LYS A 373 32.02 -15.70 -34.23
N GLU A 374 32.80 -16.72 -34.58
CA GLU A 374 33.36 -16.77 -35.93
C GLU A 374 32.27 -16.91 -36.98
N THR A 375 31.28 -17.77 -36.74
CA THR A 375 30.19 -17.93 -37.70
C THR A 375 29.43 -16.63 -37.88
N LEU A 376 29.04 -15.99 -36.78
CA LEU A 376 28.27 -14.75 -36.88
C LEU A 376 29.09 -13.63 -37.51
N SER A 377 30.36 -13.50 -37.13
CA SER A 377 31.21 -12.46 -37.70
C SER A 377 31.42 -12.69 -39.19
N LEU A 378 31.70 -13.93 -39.59
CA LEU A 378 31.87 -14.25 -41.00
C LEU A 378 30.60 -13.91 -41.78
N LEU A 379 29.45 -14.35 -41.29
CA LEU A 379 28.20 -14.11 -42.00
C LEU A 379 27.87 -12.62 -42.10
N PHE A 380 28.08 -11.88 -41.01
CA PHE A 380 27.67 -10.47 -41.00
C PHE A 380 28.66 -9.58 -41.76
N ASP A 381 29.95 -9.93 -41.77
CA ASP A 381 30.89 -9.24 -42.64
C ASP A 381 30.68 -9.64 -44.10
N ASP A 382 30.18 -10.85 -44.33
CA ASP A 382 29.77 -11.25 -45.68
C ASP A 382 28.53 -10.48 -46.11
N LEU A 383 27.70 -10.07 -45.15
CA LEU A 383 26.57 -9.19 -45.45
C LEU A 383 27.00 -7.74 -45.61
N LYS A 384 28.13 -7.34 -45.00
CA LYS A 384 28.73 -6.05 -45.33
C LYS A 384 28.91 -5.93 -46.84
N ALA A 385 29.67 -6.84 -47.42
CA ALA A 385 29.72 -6.96 -48.87
C ALA A 385 28.37 -7.43 -49.39
N GLN A 386 28.15 -7.23 -50.69
CA GLN A 386 26.89 -7.58 -51.33
C GLN A 386 26.89 -9.03 -51.84
N LYS A 387 27.68 -9.91 -51.23
CA LYS A 387 27.84 -11.26 -51.77
C LYS A 387 26.54 -12.06 -51.70
N LEU A 388 25.79 -11.92 -50.62
CA LEU A 388 24.56 -12.69 -50.44
C LEU A 388 23.42 -12.06 -51.24
N ASP A 389 22.49 -12.91 -51.67
CA ASP A 389 21.33 -12.48 -52.43
C ASP A 389 20.19 -12.16 -51.48
N LEU A 390 19.75 -10.89 -51.50
CA LEU A 390 18.77 -10.42 -50.53
C LEU A 390 17.37 -10.93 -50.83
N SER A 391 17.16 -11.62 -51.93
CA SER A 391 15.90 -12.30 -52.17
C SER A 391 15.75 -13.55 -51.32
N LYS A 392 16.79 -13.96 -50.61
CA LYS A 392 16.76 -15.16 -49.79
C LYS A 392 16.94 -14.91 -48.31
N ILE A 393 17.33 -13.71 -47.89
CA ILE A 393 17.42 -13.37 -46.48
C ILE A 393 16.17 -12.58 -46.11
N TYR A 394 15.55 -12.95 -44.99
CA TYR A 394 14.25 -12.42 -44.60
C TYR A 394 14.30 -11.86 -43.18
N PHE A 395 13.84 -10.62 -43.03
CA PHE A 395 13.54 -10.09 -41.70
C PHE A 395 12.16 -10.55 -41.27
N LYS A 396 11.99 -10.69 -39.95
CA LYS A 396 10.67 -11.05 -39.42
C LYS A 396 9.86 -9.77 -39.22
N ASN A 397 8.70 -9.71 -39.89
CA ASN A 397 7.81 -8.55 -39.80
C ASN A 397 7.09 -8.57 -38.45
N ASP A 398 7.85 -8.23 -37.40
CA ASP A 398 7.37 -8.37 -36.03
C ASP A 398 8.00 -7.24 -35.21
N LYS A 399 7.99 -7.38 -33.88
CA LYS A 399 8.57 -6.34 -33.03
C LYS A 399 10.03 -6.11 -33.33
N SER A 400 10.74 -7.13 -33.85
CA SER A 400 12.15 -6.95 -34.15
C SER A 400 12.35 -6.06 -35.37
N LEU A 401 11.46 -6.14 -36.36
CA LEU A 401 11.59 -5.28 -37.53
C LEU A 401 11.36 -3.81 -37.16
N THR A 402 10.29 -3.52 -36.44
CA THR A 402 10.08 -2.16 -35.97
C THR A 402 11.15 -1.72 -34.98
N ASP A 403 11.70 -2.66 -34.21
CA ASP A 403 12.80 -2.33 -33.30
C ASP A 403 14.03 -1.89 -34.07
N LEU A 404 14.40 -2.63 -35.11
CA LEU A 404 15.54 -2.25 -35.93
C LEU A 404 15.27 -0.96 -36.69
N SER A 405 14.02 -0.73 -37.10
CA SER A 405 13.66 0.54 -37.74
C SER A 405 13.86 1.71 -36.78
N GLN A 406 13.32 1.58 -35.56
CA GLN A 406 13.51 2.62 -34.55
C GLN A 406 14.97 2.79 -34.17
N GLN A 407 15.75 1.71 -34.26
CA GLN A 407 17.16 1.80 -33.90
C GLN A 407 17.97 2.51 -34.98
N VAL A 408 17.64 2.28 -36.25
CA VAL A 408 18.45 2.81 -37.34
C VAL A 408 17.99 4.21 -37.73
N PHE A 409 16.69 4.41 -37.92
CA PHE A 409 16.18 5.68 -38.42
C PHE A 409 15.46 6.50 -37.35
N ASP A 410 15.43 6.03 -36.11
CA ASP A 410 14.75 6.73 -35.01
C ASP A 410 13.25 6.88 -35.29
N ASP A 411 12.67 5.87 -35.93
CA ASP A 411 11.23 5.81 -36.15
C ASP A 411 10.86 4.37 -36.46
N TYR A 412 9.72 3.93 -35.92
CA TYR A 412 9.30 2.55 -36.08
C TYR A 412 8.52 2.29 -37.36
N SER A 413 7.96 3.32 -37.99
CA SER A 413 7.06 3.14 -39.10
C SER A 413 7.70 3.33 -40.47
N VAL A 414 8.95 3.82 -40.53
CA VAL A 414 9.55 4.16 -41.81
C VAL A 414 9.67 2.92 -42.69
N ILE A 415 10.07 1.79 -42.12
CA ILE A 415 10.18 0.57 -42.92
C ILE A 415 8.80 0.08 -43.36
N GLY A 416 7.83 0.13 -42.46
CA GLY A 416 6.49 -0.33 -42.82
C GLY A 416 5.87 0.51 -43.91
N THR A 417 5.88 1.84 -43.74
CA THR A 417 5.35 2.72 -44.77
C THR A 417 6.14 2.59 -46.07
N ALA A 418 7.46 2.38 -45.96
CA ALA A 418 8.28 2.25 -47.16
C ALA A 418 7.89 1.01 -47.96
N VAL A 419 7.75 -0.13 -47.30
CA VAL A 419 7.41 -1.36 -48.03
C VAL A 419 5.98 -1.30 -48.53
N LEU A 420 5.07 -0.71 -47.74
CA LEU A 420 3.70 -0.55 -48.18
C LEU A 420 3.63 0.30 -49.45
N GLU A 421 4.37 1.42 -49.47
CA GLU A 421 4.37 2.28 -50.64
C GLU A 421 5.05 1.62 -51.83
N TYR A 422 6.11 0.85 -51.60
CA TYR A 422 6.76 0.17 -52.72
C TYR A 422 5.82 -0.84 -53.36
N ILE A 423 5.14 -1.64 -52.55
CA ILE A 423 4.26 -2.66 -53.14
C ILE A 423 3.01 -2.01 -53.74
N THR A 424 2.55 -0.91 -53.16
CA THR A 424 1.43 -0.18 -53.76
C THR A 424 1.83 0.43 -55.10
N GLN A 425 3.08 0.88 -55.22
CA GLN A 425 3.54 1.47 -56.47
C GLN A 425 3.80 0.41 -57.53
N GLN A 426 4.40 -0.72 -57.14
CA GLN A 426 4.69 -1.79 -58.09
C GLN A 426 3.43 -2.54 -58.49
N ILE A 427 2.58 -2.90 -57.53
CA ILE A 427 1.41 -3.71 -57.78
C ILE A 427 0.19 -2.80 -57.83
N ALA A 428 -0.71 -3.06 -58.76
CA ALA A 428 -1.89 -2.23 -59.01
C ALA A 428 -1.52 -0.75 -59.20
N PRO A 429 -0.58 -0.44 -60.09
CA PRO A 429 -0.15 0.95 -60.24
C PRO A 429 -1.22 1.84 -60.85
N LYS A 430 -2.14 1.28 -61.63
CA LYS A 430 -3.18 2.08 -62.25
C LYS A 430 -4.20 2.53 -61.21
N ASN A 431 -4.46 3.83 -61.16
CA ASN A 431 -5.39 4.43 -60.19
C ASN A 431 -5.00 4.04 -58.77
N LEU A 432 -3.83 4.53 -58.37
CA LEU A 432 -3.17 4.09 -57.14
C LEU A 432 -4.04 4.25 -55.91
N ASP A 433 -4.69 5.41 -55.77
CA ASP A 433 -5.24 5.81 -54.48
C ASP A 433 -6.27 4.80 -53.97
N ASN A 434 -7.18 4.36 -54.83
CA ASN A 434 -8.18 3.36 -54.47
C ASN A 434 -8.20 2.27 -55.52
N PRO A 435 -7.42 1.20 -55.32
CA PRO A 435 -7.40 0.09 -56.27
C PRO A 435 -8.63 -0.80 -56.15
N SER A 436 -8.66 -1.90 -56.89
CA SER A 436 -9.80 -2.79 -56.89
C SER A 436 -9.80 -3.68 -55.65
N LYS A 437 -10.87 -4.47 -55.49
CA LYS A 437 -10.96 -5.36 -54.33
C LYS A 437 -9.87 -6.43 -54.34
N LYS A 438 -9.67 -7.07 -55.48
CA LYS A 438 -8.62 -8.08 -55.59
C LYS A 438 -7.23 -7.46 -55.50
N GLU A 439 -7.08 -6.22 -56.00
CA GLU A 439 -5.79 -5.57 -55.93
C GLU A 439 -5.38 -5.27 -54.49
N GLN A 440 -6.35 -4.88 -53.65
CA GLN A 440 -6.03 -4.59 -52.25
C GLN A 440 -5.70 -5.87 -51.48
N GLU A 441 -6.45 -6.94 -51.72
CA GLU A 441 -6.20 -8.19 -51.02
C GLU A 441 -4.83 -8.77 -51.36
N LEU A 442 -4.43 -8.69 -52.63
CA LEU A 442 -3.08 -9.07 -53.01
C LEU A 442 -2.06 -8.15 -52.35
N ILE A 443 -2.30 -6.83 -52.41
CA ILE A 443 -1.42 -5.87 -51.75
C ILE A 443 -1.42 -6.07 -50.26
N ALA A 444 -2.56 -6.49 -49.69
CA ALA A 444 -2.64 -6.72 -48.26
C ALA A 444 -1.58 -7.72 -47.80
N LYS A 445 -1.42 -8.83 -48.54
CA LYS A 445 -0.50 -9.88 -48.14
C LYS A 445 0.95 -9.40 -48.11
N LYS A 446 1.35 -8.60 -49.10
CA LYS A 446 2.75 -8.23 -49.24
C LYS A 446 3.24 -7.31 -48.14
N THR A 447 2.35 -6.54 -47.53
CA THR A 447 2.74 -5.52 -46.56
C THR A 447 2.39 -5.88 -45.12
N GLU A 448 1.22 -6.44 -44.89
CA GLU A 448 0.86 -7.05 -43.62
C GLU A 448 0.43 -8.48 -43.90
N LYS A 449 0.19 -9.25 -42.83
CA LYS A 449 -0.16 -10.67 -42.97
C LYS A 449 0.94 -11.43 -43.72
N ALA A 450 2.16 -10.89 -43.68
CA ALA A 450 3.35 -11.54 -44.22
C ALA A 450 4.35 -11.66 -43.07
N LYS A 451 4.60 -12.89 -42.62
CA LYS A 451 5.46 -13.08 -41.46
C LYS A 451 6.86 -12.52 -41.69
N TYR A 452 7.40 -12.71 -42.89
CA TYR A 452 8.77 -12.30 -43.20
C TYR A 452 8.80 -11.50 -44.50
N LEU A 453 9.77 -10.59 -44.56
CA LEU A 453 10.00 -9.76 -45.73
C LEU A 453 11.44 -9.97 -46.20
N SER A 454 11.60 -10.27 -47.49
CA SER A 454 12.94 -10.45 -48.05
C SER A 454 13.70 -9.13 -48.00
N LEU A 455 15.01 -9.22 -47.74
CA LEU A 455 15.83 -8.02 -47.72
C LEU A 455 15.85 -7.32 -49.08
N GLU A 456 15.57 -8.05 -50.17
CA GLU A 456 15.48 -7.43 -51.48
C GLU A 456 14.28 -6.50 -51.56
N THR A 457 13.12 -6.97 -51.07
CA THR A 457 11.95 -6.12 -50.98
C THR A 457 12.23 -4.87 -50.16
N ILE A 458 12.91 -5.05 -49.02
CA ILE A 458 13.25 -3.93 -48.15
C ILE A 458 14.14 -2.93 -48.88
N LYS A 459 15.14 -3.44 -49.60
CA LYS A 459 16.09 -2.55 -50.27
C LYS A 459 15.40 -1.77 -51.39
N LEU A 460 14.52 -2.42 -52.15
CA LEU A 460 13.81 -1.70 -53.20
C LEU A 460 12.87 -0.65 -52.62
N ALA A 461 12.13 -1.02 -51.56
CA ALA A 461 11.26 -0.05 -50.90
C ALA A 461 12.05 1.16 -50.41
N LEU A 462 13.20 0.92 -49.79
CA LEU A 462 13.99 2.03 -49.27
C LEU A 462 14.59 2.87 -50.39
N GLU A 463 15.03 2.23 -51.47
CA GLU A 463 15.56 2.98 -52.61
C GLU A 463 14.51 3.92 -53.18
N GLU A 464 13.26 3.47 -53.25
CA GLU A 464 12.20 4.35 -53.74
C GLU A 464 11.92 5.47 -52.73
N PHE A 465 11.68 5.10 -51.48
CA PHE A 465 11.26 6.07 -50.46
C PHE A 465 12.31 7.14 -50.23
N ASN A 466 13.60 6.77 -50.27
CA ASN A 466 14.67 7.73 -50.05
C ASN A 466 14.71 8.77 -51.15
N LYS A 467 14.83 8.32 -52.41
CA LYS A 467 14.90 9.25 -53.53
C LYS A 467 13.67 10.13 -53.61
N HIS A 468 12.50 9.63 -53.19
CA HIS A 468 11.32 10.49 -53.18
C HIS A 468 11.50 11.66 -52.23
N ARG A 469 11.91 11.39 -50.99
CA ARG A 469 12.15 12.44 -50.01
C ARG A 469 13.49 13.13 -50.27
N ASP A 470 13.73 14.23 -49.55
CA ASP A 470 14.94 14.99 -49.81
C ASP A 470 16.14 14.37 -49.08
N ILE A 471 17.33 14.81 -49.48
CA ILE A 471 18.58 14.21 -49.00
C ILE A 471 18.84 14.53 -47.53
N ASP A 472 18.13 15.49 -46.95
CA ASP A 472 18.30 15.81 -45.53
C ASP A 472 18.26 14.56 -44.66
N LYS A 473 17.18 13.79 -44.75
CA LYS A 473 17.10 12.51 -44.06
C LYS A 473 17.79 11.45 -44.91
N GLN A 474 18.81 10.81 -44.34
CA GLN A 474 19.58 9.82 -45.09
C GLN A 474 18.76 8.56 -45.33
N CYS A 475 18.40 7.87 -44.24
CA CYS A 475 17.47 6.74 -44.26
C CYS A 475 17.88 5.67 -45.27
N ARG A 476 19.15 5.27 -45.21
CA ARG A 476 19.72 4.38 -46.20
C ARG A 476 19.71 2.93 -45.73
N PHE A 477 19.72 2.01 -46.70
CA PHE A 477 19.76 0.57 -46.43
C PHE A 477 21.13 0.15 -45.92
N GLU A 478 22.17 0.86 -46.35
CA GLU A 478 23.53 0.60 -45.87
C GLU A 478 23.62 0.81 -44.36
N GLU A 479 22.76 1.66 -43.80
CA GLU A 479 22.74 1.82 -42.35
C GLU A 479 22.27 0.54 -41.65
N ILE A 480 21.26 -0.13 -42.21
CA ILE A 480 20.82 -1.41 -41.64
C ILE A 480 21.91 -2.46 -41.80
N LEU A 481 22.52 -2.52 -42.98
CA LEU A 481 23.60 -3.47 -43.20
C LEU A 481 24.75 -3.25 -42.22
N ALA A 482 25.06 -1.98 -41.92
CA ALA A 482 26.15 -1.68 -40.99
C ALA A 482 25.74 -1.96 -39.55
N ASN A 483 24.47 -1.72 -39.21
CA ASN A 483 23.96 -2.14 -37.91
C ASN A 483 24.23 -3.61 -37.68
N PHE A 484 23.87 -4.45 -38.64
CA PHE A 484 24.16 -5.87 -38.48
C PHE A 484 25.67 -6.12 -38.47
N ALA A 485 26.40 -5.43 -39.33
CA ALA A 485 27.86 -5.56 -39.35
C ALA A 485 28.45 -5.35 -37.95
N ALA A 486 27.84 -4.47 -37.16
CA ALA A 486 28.35 -4.15 -35.83
C ALA A 486 28.09 -5.23 -34.78
N ILE A 487 27.25 -6.21 -35.09
CA ILE A 487 26.86 -7.20 -34.08
C ILE A 487 28.03 -8.06 -33.61
N PRO A 488 28.91 -8.57 -34.47
CA PRO A 488 30.01 -9.41 -33.97
C PRO A 488 30.90 -8.76 -32.93
N MET A 489 30.93 -7.43 -32.85
CA MET A 489 31.82 -6.76 -31.91
C MET A 489 31.38 -6.88 -30.46
N ILE A 490 30.17 -7.37 -30.20
CA ILE A 490 29.66 -7.46 -28.84
C ILE A 490 30.41 -8.52 -28.03
N PHE A 491 30.87 -9.59 -28.71
CA PHE A 491 31.54 -10.68 -28.02
C PHE A 491 32.78 -10.22 -27.27
N ASP A 492 33.45 -9.17 -27.75
CA ASP A 492 34.66 -8.71 -27.08
C ASP A 492 34.35 -7.96 -25.79
N GLU A 493 33.30 -7.13 -25.77
CA GLU A 493 32.84 -6.55 -24.51
C GLU A 493 32.42 -7.65 -23.55
N ILE A 494 31.71 -8.65 -24.06
CA ILE A 494 31.35 -9.81 -23.24
C ILE A 494 32.60 -10.45 -22.66
N ALA A 495 33.67 -10.55 -23.45
CA ALA A 495 34.90 -11.17 -22.98
C ALA A 495 35.57 -10.36 -21.89
N GLN A 496 35.61 -9.03 -22.04
CA GLN A 496 36.18 -8.19 -21.00
C GLN A 496 35.42 -8.37 -19.69
N ASN A 497 34.09 -8.29 -19.75
CA ASN A 497 33.29 -8.46 -18.53
C ASN A 497 33.46 -9.85 -17.94
N LYS A 498 33.54 -10.87 -18.82
CA LYS A 498 33.67 -12.24 -18.36
C LYS A 498 35.02 -12.47 -17.69
N ASP A 499 36.08 -11.84 -18.19
CA ASP A 499 37.38 -11.94 -17.55
C ASP A 499 37.37 -11.25 -16.18
N ASN A 500 36.83 -10.03 -16.12
CA ASN A 500 36.79 -9.34 -14.82
C ASN A 500 35.84 -10.01 -13.84
N LEU A 501 34.92 -10.85 -14.33
CA LEU A 501 33.97 -11.53 -13.46
C LEU A 501 34.60 -12.67 -12.66
N ALA A 502 35.87 -12.98 -12.87
CA ALA A 502 36.47 -14.14 -12.20
C ALA A 502 36.50 -13.97 -10.69
N GLN A 503 36.96 -12.82 -10.21
CA GLN A 503 37.03 -12.57 -8.78
C GLN A 503 35.65 -12.58 -8.14
N ILE A 504 34.68 -11.91 -8.79
CA ILE A 504 33.31 -11.89 -8.29
C ILE A 504 32.74 -13.30 -8.21
N SER A 505 33.07 -14.13 -9.20
CA SER A 505 32.65 -15.53 -9.16
C SER A 505 33.28 -16.26 -7.99
N ILE A 506 34.57 -15.99 -7.72
CA ILE A 506 35.23 -16.57 -6.56
C ILE A 506 34.49 -16.20 -5.28
N LYS A 507 34.00 -14.96 -5.20
CA LYS A 507 33.29 -14.52 -4.00
C LYS A 507 32.11 -15.42 -3.67
N TYR A 508 31.32 -15.78 -4.67
CA TYR A 508 30.11 -16.58 -4.47
C TYR A 508 30.24 -17.99 -5.04
N GLN A 509 31.45 -18.40 -5.43
CA GLN A 509 31.67 -19.75 -5.93
C GLN A 509 31.24 -20.80 -4.92
N ASN A 510 31.39 -20.51 -3.62
CA ASN A 510 31.11 -21.47 -2.58
C ASN A 510 29.60 -21.71 -2.46
N GLN A 511 29.26 -22.77 -1.73
CA GLN A 511 27.87 -23.16 -1.50
C GLN A 511 27.18 -22.30 -0.45
N GLY A 512 27.90 -21.37 0.20
CA GLY A 512 27.34 -20.49 1.20
C GLY A 512 26.06 -19.82 0.73
N LYS A 513 25.04 -19.80 1.58
CA LYS A 513 23.67 -19.52 1.15
C LYS A 513 23.35 -18.03 1.21
N LYS A 514 22.82 -17.51 0.10
CA LYS A 514 22.08 -16.26 0.05
C LYS A 514 22.94 -15.02 0.33
N ASP A 515 24.21 -15.04 -0.06
CA ASP A 515 25.04 -13.86 0.13
C ASP A 515 24.78 -12.78 -0.90
N LEU A 516 24.20 -13.13 -2.05
CA LEU A 516 23.91 -12.13 -3.08
C LEU A 516 22.70 -11.27 -2.72
N LEU A 517 21.75 -11.82 -1.97
CA LEU A 517 20.51 -11.10 -1.67
C LEU A 517 20.74 -9.89 -0.77
N GLN A 518 21.87 -9.84 -0.07
CA GLN A 518 22.14 -8.74 0.84
C GLN A 518 22.50 -7.47 0.07
N ALA A 519 22.28 -6.33 0.71
CA ALA A 519 22.62 -5.06 0.06
C ALA A 519 24.11 -4.98 -0.27
N SER A 520 24.94 -5.62 0.53
CA SER A 520 26.39 -5.56 0.36
C SER A 520 26.85 -6.04 -1.02
N ALA A 521 26.02 -6.81 -1.73
CA ALA A 521 26.37 -7.33 -3.04
C ALA A 521 26.00 -6.39 -4.18
N GLU A 522 25.44 -5.21 -3.88
CA GLU A 522 24.87 -4.32 -4.88
C GLU A 522 25.75 -4.16 -6.12
N ASP A 523 26.98 -3.66 -5.93
CA ASP A 523 27.90 -3.45 -7.05
C ASP A 523 28.10 -4.75 -7.82
N ASP A 524 28.43 -5.83 -7.12
CA ASP A 524 28.65 -7.11 -7.79
C ASP A 524 27.39 -7.58 -8.50
N VAL A 525 26.21 -7.22 -7.97
CA VAL A 525 24.96 -7.58 -8.64
C VAL A 525 24.80 -6.80 -9.94
N LYS A 526 25.27 -5.56 -9.98
CA LYS A 526 25.13 -4.75 -11.19
C LYS A 526 25.90 -5.39 -12.34
N ALA A 527 27.22 -5.53 -12.18
CA ALA A 527 28.09 -6.13 -13.18
C ALA A 527 27.47 -7.39 -13.79
N ILE A 528 27.16 -8.38 -12.94
CA ILE A 528 26.54 -9.61 -13.39
C ILE A 528 25.39 -9.30 -14.35
N LYS A 529 24.39 -8.53 -13.86
CA LYS A 529 23.22 -8.24 -14.68
C LYS A 529 23.63 -7.66 -16.02
N ASP A 530 24.53 -6.67 -16.00
CA ASP A 530 24.94 -6.03 -17.24
C ASP A 530 25.40 -7.06 -18.26
N LEU A 531 26.28 -7.97 -17.83
CA LEU A 531 26.75 -9.02 -18.74
C LEU A 531 25.56 -9.71 -19.39
N LEU A 532 24.66 -10.25 -18.57
CA LEU A 532 23.48 -10.93 -19.11
C LEU A 532 22.74 -10.04 -20.10
N ASP A 533 22.49 -8.78 -19.69
CA ASP A 533 21.80 -7.85 -20.57
C ASP A 533 22.42 -7.87 -21.95
N GLN A 534 23.74 -7.68 -22.02
CA GLN A 534 24.44 -7.70 -23.30
C GLN A 534 24.05 -8.92 -24.11
N THR A 535 24.29 -10.11 -23.55
CA THR A 535 23.94 -11.33 -24.27
C THR A 535 22.47 -11.32 -24.65
N ASN A 536 21.60 -11.00 -23.69
CA ASN A 536 20.17 -10.95 -23.97
C ASN A 536 19.89 -9.98 -25.10
N ASN A 537 20.49 -8.78 -25.04
CA ASN A 537 20.31 -7.81 -26.12
C ASN A 537 20.75 -8.41 -27.44
N LEU A 538 21.92 -9.06 -27.44
CA LEU A 538 22.39 -9.72 -28.66
C LEU A 538 21.33 -10.68 -29.18
N LEU A 539 20.74 -11.47 -28.28
CA LEU A 539 19.71 -12.41 -28.70
C LEU A 539 18.54 -11.68 -29.34
N HIS A 540 18.12 -10.55 -28.75
CA HIS A 540 17.05 -9.78 -29.37
C HIS A 540 17.51 -9.10 -30.65
N LYS A 541 18.80 -8.79 -30.76
CA LYS A 541 19.30 -8.08 -31.94
C LYS A 541 19.21 -8.97 -33.17
N LEU A 542 19.67 -10.20 -33.07
CA LEU A 542 19.59 -11.14 -34.18
C LEU A 542 18.36 -12.03 -34.13
N LYS A 543 17.44 -11.78 -33.19
CA LYS A 543 16.18 -12.53 -33.16
C LYS A 543 15.40 -12.36 -34.46
N ILE A 544 15.69 -11.32 -35.24
CA ILE A 544 14.89 -10.98 -36.40
C ILE A 544 15.05 -12.04 -37.49
N PHE A 545 16.26 -12.57 -37.67
CA PHE A 545 16.48 -13.57 -38.72
C PHE A 545 15.83 -14.90 -38.38
N HIS A 546 15.65 -15.18 -37.08
CA HIS A 546 15.15 -16.49 -36.65
C HIS A 546 13.80 -16.80 -37.27
N ILE A 547 13.71 -17.97 -37.91
CA ILE A 547 12.44 -18.45 -38.45
C ILE A 547 11.65 -19.06 -37.30
N SER A 548 10.50 -18.47 -36.99
CA SER A 548 9.74 -18.86 -35.80
C SER A 548 9.13 -20.26 -35.89
N GLN A 549 9.27 -20.96 -37.01
CA GLN A 549 8.85 -22.36 -37.16
C GLN A 549 7.36 -22.54 -36.81
N SER A 550 6.51 -21.83 -37.54
CA SER A 550 5.09 -21.86 -37.23
C SER A 550 4.25 -21.65 -38.48
N GLU A 551 3.64 -22.75 -38.96
CA GLU A 551 2.47 -22.72 -39.83
C GLU A 551 2.74 -22.01 -41.16
N ASP A 552 3.74 -22.51 -41.88
CA ASP A 552 3.94 -22.13 -43.28
C ASP A 552 3.34 -23.19 -44.20
N LYS A 553 2.01 -23.32 -44.08
CA LYS A 553 1.28 -24.39 -44.78
C LYS A 553 1.63 -24.40 -46.26
N ALA A 554 1.54 -23.25 -46.91
CA ALA A 554 2.08 -23.07 -48.25
C ALA A 554 2.99 -21.85 -48.24
N ASN A 555 3.47 -21.45 -49.43
CA ASN A 555 4.29 -20.25 -49.58
C ASN A 555 5.52 -20.28 -48.68
N ILE A 556 6.38 -21.26 -48.94
CA ILE A 556 7.64 -21.35 -48.19
C ILE A 556 8.59 -20.26 -48.67
N LEU A 557 9.40 -19.76 -47.75
CA LEU A 557 10.44 -18.80 -48.13
C LEU A 557 11.57 -19.52 -48.86
N ASP A 558 12.03 -18.91 -49.94
CA ASP A 558 13.22 -19.40 -50.64
C ASP A 558 14.43 -18.71 -50.03
N LYS A 559 15.11 -19.39 -49.12
CA LYS A 559 16.18 -18.79 -48.34
C LYS A 559 17.48 -19.57 -48.52
N ASP A 560 18.59 -18.88 -48.27
CA ASP A 560 19.90 -19.52 -48.24
C ASP A 560 19.92 -20.57 -47.14
N GLU A 561 20.06 -21.84 -47.52
CA GLU A 561 19.93 -22.93 -46.54
C GLU A 561 21.15 -23.00 -45.62
N HIS A 562 22.35 -22.76 -46.16
CA HIS A 562 23.56 -22.83 -45.34
C HIS A 562 23.61 -21.68 -44.34
N PHE A 563 23.34 -20.47 -44.83
CA PHE A 563 23.13 -19.28 -44.01
C PHE A 563 22.26 -19.59 -42.80
N TYR A 564 21.03 -20.00 -43.06
CA TYR A 564 20.08 -20.21 -41.98
C TYR A 564 20.41 -21.45 -41.15
N LEU A 565 21.09 -22.44 -41.71
CA LEU A 565 21.53 -23.58 -40.90
C LEU A 565 22.48 -23.12 -39.80
N VAL A 566 23.59 -22.48 -40.20
CA VAL A 566 24.55 -22.03 -39.20
C VAL A 566 23.92 -21.00 -38.27
N PHE A 567 23.05 -20.14 -38.82
CA PHE A 567 22.39 -19.14 -37.99
C PHE A 567 21.52 -19.80 -36.93
N GLU A 568 20.64 -20.70 -37.34
CA GLU A 568 19.72 -21.34 -36.41
C GLU A 568 20.46 -22.15 -35.37
N GLU A 569 21.59 -22.75 -35.73
CA GLU A 569 22.39 -23.42 -34.71
C GLU A 569 22.89 -22.43 -33.66
N CYS A 570 23.49 -21.33 -34.11
CA CYS A 570 23.94 -20.31 -33.15
C CYS A 570 22.80 -19.76 -32.32
N TYR A 571 21.63 -19.55 -32.94
CA TYR A 571 20.50 -18.95 -32.23
C TYR A 571 19.91 -19.93 -31.23
N PHE A 572 19.84 -21.22 -31.57
CA PHE A 572 19.38 -22.22 -30.62
C PHE A 572 20.31 -22.28 -29.42
N GLU A 573 21.62 -22.17 -29.66
CA GLU A 573 22.55 -22.18 -28.53
C GLU A 573 22.39 -20.92 -27.68
N LEU A 574 22.13 -19.78 -28.32
CA LEU A 574 22.06 -18.53 -27.55
C LEU A 574 20.73 -18.38 -26.81
N ALA A 575 19.64 -18.92 -27.37
CA ALA A 575 18.31 -18.74 -26.77
C ALA A 575 18.18 -19.41 -25.41
N ASN A 576 19.19 -20.17 -24.98
CA ASN A 576 19.19 -20.73 -23.64
C ASN A 576 19.39 -19.67 -22.56
N ILE A 577 19.63 -18.41 -22.93
CA ILE A 577 19.82 -17.38 -21.90
C ILE A 577 18.49 -16.92 -21.32
N VAL A 578 17.41 -16.96 -22.13
CA VAL A 578 16.09 -16.59 -21.61
C VAL A 578 15.75 -17.35 -20.33
N PRO A 579 15.82 -18.69 -20.28
CA PRO A 579 15.58 -19.37 -18.99
C PRO A 579 16.63 -19.03 -17.95
N LEU A 580 17.89 -18.89 -18.34
CA LEU A 580 18.95 -18.53 -17.39
C LEU A 580 18.73 -17.14 -16.81
N TYR A 581 18.48 -16.16 -17.70
CA TYR A 581 18.19 -14.81 -17.25
C TYR A 581 17.02 -14.81 -16.28
N ASN A 582 15.93 -15.50 -16.64
CA ASN A 582 14.76 -15.53 -15.77
C ASN A 582 15.07 -16.18 -14.43
N LYS A 583 15.79 -17.31 -14.43
CA LYS A 583 16.07 -18.02 -13.19
C LYS A 583 16.90 -17.18 -12.24
N ILE A 584 18.01 -16.63 -12.73
CA ILE A 584 18.87 -15.90 -11.81
C ILE A 584 18.30 -14.53 -11.45
N ARG A 585 17.42 -13.96 -12.29
CA ARG A 585 16.70 -12.76 -11.86
C ARG A 585 15.72 -13.10 -10.74
N ASN A 586 15.00 -14.22 -10.89
CA ASN A 586 14.08 -14.64 -9.83
C ASN A 586 14.82 -14.90 -8.53
N TYR A 587 16.04 -15.45 -8.61
CA TYR A 587 16.79 -15.70 -7.39
C TYR A 587 17.30 -14.40 -6.76
N ILE A 588 17.98 -13.56 -7.55
CA ILE A 588 18.76 -12.47 -6.97
C ILE A 588 17.87 -11.35 -6.43
N THR A 589 16.64 -11.18 -6.95
CA THR A 589 15.80 -10.06 -6.54
C THR A 589 15.02 -10.32 -5.25
N GLN A 590 15.34 -11.38 -4.51
CA GLN A 590 14.62 -11.67 -3.28
C GLN A 590 15.07 -10.74 -2.15
N LYS A 591 14.16 -10.51 -1.20
CA LYS A 591 14.50 -9.71 -0.02
C LYS A 591 15.53 -10.46 0.82
N PRO A 592 16.59 -9.78 1.28
CA PRO A 592 17.74 -10.53 1.83
C PRO A 592 17.43 -11.47 2.99
N TYR A 593 16.70 -11.02 4.01
CA TYR A 593 16.58 -11.82 5.22
C TYR A 593 15.16 -11.75 5.78
N SER A 594 14.85 -12.71 6.65
CA SER A 594 13.66 -12.68 7.49
C SER A 594 13.97 -13.19 8.90
N ASP A 595 15.12 -12.77 9.47
CA ASP A 595 15.66 -13.47 10.64
C ASP A 595 15.97 -12.54 11.81
N GLU A 596 15.14 -11.53 12.06
CA GLU A 596 15.50 -10.53 13.06
C GLU A 596 15.39 -11.08 14.48
N LYS A 597 14.18 -11.46 14.90
CA LYS A 597 13.94 -11.83 16.28
C LYS A 597 13.01 -13.02 16.36
N PHE A 598 12.87 -13.56 17.56
CA PHE A 598 11.99 -14.69 17.83
C PHE A 598 11.46 -14.58 19.24
N LYS A 599 10.32 -15.23 19.47
CA LYS A 599 9.60 -15.14 20.73
C LYS A 599 10.29 -15.96 21.82
N LEU A 600 10.52 -15.34 22.97
CA LEU A 600 11.07 -16.03 24.14
C LEU A 600 9.91 -16.53 25.01
N ASN A 601 9.98 -17.81 25.40
CA ASN A 601 8.89 -18.44 26.14
C ASN A 601 9.27 -18.85 27.56
N PHE A 602 10.54 -19.15 27.81
CA PHE A 602 11.01 -19.57 29.13
C PHE A 602 10.21 -20.75 29.66
N GLU A 603 10.10 -21.79 28.82
CA GLU A 603 9.48 -23.07 29.16
C GLU A 603 8.03 -22.92 29.63
N ASN A 604 7.38 -21.82 29.26
CA ASN A 604 5.99 -21.57 29.66
C ASN A 604 5.22 -21.16 28.41
N SER A 605 4.32 -22.03 27.97
CA SER A 605 3.52 -21.73 26.78
C SER A 605 2.63 -20.51 27.00
N THR A 606 2.12 -20.36 28.22
CA THR A 606 1.23 -19.27 28.58
C THR A 606 1.97 -18.07 29.17
N LEU A 607 3.24 -17.88 28.78
CA LEU A 607 4.07 -16.85 29.38
C LEU A 607 3.47 -15.47 29.18
N ALA A 608 3.31 -14.73 30.29
CA ALA A 608 2.88 -13.33 30.28
C ALA A 608 1.52 -13.16 29.63
N ASN A 609 0.70 -14.20 29.64
CA ASN A 609 -0.65 -14.09 29.09
C ASN A 609 -1.58 -13.30 30.01
N GLY A 610 -1.20 -13.10 31.27
CA GLY A 610 -2.02 -12.38 32.22
C GLY A 610 -1.28 -12.07 33.49
N TRP A 611 -1.40 -10.84 33.99
CA TRP A 611 -0.60 -10.38 35.11
C TRP A 611 -1.23 -10.64 36.47
N ASP A 612 -2.49 -11.05 36.52
CA ASP A 612 -3.19 -11.21 37.79
C ASP A 612 -2.44 -12.18 38.70
N LYS A 613 -2.54 -11.92 40.01
CA LYS A 613 -1.81 -12.73 40.98
C LYS A 613 -2.32 -14.17 41.01
N ASN A 614 -3.63 -14.36 40.79
CA ASN A 614 -4.18 -15.71 40.74
C ASN A 614 -3.64 -16.51 39.57
N LYS A 615 -3.16 -15.84 38.52
CA LYS A 615 -2.55 -16.49 37.38
C LYS A 615 -1.04 -16.39 37.37
N GLU A 616 -0.44 -15.80 38.41
CA GLU A 616 1.02 -15.69 38.47
C GLU A 616 1.74 -17.04 38.43
N PRO A 617 1.27 -18.10 39.10
CA PRO A 617 1.93 -19.40 38.88
C PRO A 617 1.82 -19.89 37.45
N ASP A 618 0.66 -19.77 36.83
CA ASP A 618 0.49 -20.31 35.48
C ASP A 618 1.18 -19.45 34.42
N ASN A 619 1.32 -18.14 34.65
CA ASN A 619 1.88 -17.22 33.67
C ASN A 619 3.30 -16.74 33.99
N THR A 620 3.73 -16.82 35.26
CA THR A 620 5.14 -16.67 35.63
C THR A 620 5.73 -15.32 35.25
N ALA A 621 4.91 -14.27 35.18
CA ALA A 621 5.39 -12.93 34.83
C ALA A 621 5.07 -11.97 35.96
N ILE A 622 6.11 -11.34 36.51
CA ILE A 622 5.97 -10.42 37.63
C ILE A 622 6.66 -9.11 37.29
N LEU A 623 6.15 -8.01 37.85
CA LEU A 623 6.73 -6.69 37.68
C LEU A 623 7.19 -6.13 39.02
N PHE A 624 8.34 -5.48 39.03
CA PHE A 624 8.91 -4.89 40.22
C PHE A 624 9.38 -3.47 39.94
N ILE A 625 9.45 -2.66 41.01
CA ILE A 625 9.99 -1.30 40.93
C ILE A 625 10.98 -1.11 42.06
N LYS A 626 12.01 -0.31 41.80
CA LYS A 626 13.03 -0.01 42.81
C LYS A 626 13.78 1.24 42.40
N ASP A 627 13.77 2.25 43.27
CA ASP A 627 14.53 3.49 43.07
C ASP A 627 14.27 4.10 41.70
N ASP A 628 12.99 4.17 41.33
CA ASP A 628 12.55 4.73 40.05
C ASP A 628 13.13 3.97 38.85
N LYS A 629 13.32 2.66 39.01
CA LYS A 629 13.70 1.78 37.92
C LYS A 629 12.77 0.58 37.89
N TYR A 630 12.40 0.14 36.70
CA TYR A 630 11.38 -0.89 36.52
C TYR A 630 12.04 -2.19 36.08
N TYR A 631 11.50 -3.31 36.59
CA TYR A 631 12.10 -4.61 36.39
C TYR A 631 11.02 -5.63 36.07
N LEU A 632 11.36 -6.57 35.19
CA LEU A 632 10.50 -7.70 34.87
C LEU A 632 11.15 -8.98 35.40
N GLY A 633 10.32 -9.89 35.90
CA GLY A 633 10.79 -11.15 36.44
C GLY A 633 10.03 -12.35 35.92
N VAL A 634 10.77 -13.35 35.48
CA VAL A 634 10.20 -14.60 35.00
C VAL A 634 10.71 -15.71 35.92
N MET A 635 9.81 -16.32 36.68
CA MET A 635 10.22 -17.36 37.60
C MET A 635 10.30 -18.70 36.87
N ASN A 636 11.25 -19.53 37.31
CA ASN A 636 11.47 -20.84 36.70
C ASN A 636 10.17 -21.64 36.69
N LYS A 637 9.92 -22.30 35.55
CA LYS A 637 8.69 -23.08 35.39
C LYS A 637 8.53 -24.10 36.51
N LYS A 638 9.61 -24.79 36.85
CA LYS A 638 9.57 -25.76 37.94
C LYS A 638 9.37 -25.07 39.29
N ASN A 639 10.06 -23.95 39.50
CA ASN A 639 9.88 -23.16 40.72
C ASN A 639 8.65 -22.27 40.55
N ASN A 640 7.49 -22.91 40.64
CA ASN A 640 6.23 -22.27 40.26
C ASN A 640 5.72 -21.30 41.32
N LYS A 641 6.09 -21.49 42.58
CA LYS A 641 5.45 -20.79 43.69
C LYS A 641 6.40 -19.84 44.41
N ILE A 642 7.34 -19.25 43.67
CA ILE A 642 8.36 -18.42 44.30
C ILE A 642 7.74 -17.21 45.01
N PHE A 643 6.67 -16.66 44.46
CA PHE A 643 6.02 -15.49 45.03
C PHE A 643 4.62 -15.80 45.52
N ASP A 644 4.48 -16.94 46.21
CA ASP A 644 3.25 -17.28 46.88
C ASP A 644 2.95 -16.28 47.99
N ASP A 645 1.74 -16.37 48.55
CA ASP A 645 1.40 -15.50 49.67
C ASP A 645 2.34 -15.74 50.85
N LYS A 646 2.63 -17.01 51.13
CA LYS A 646 3.49 -17.33 52.27
C LYS A 646 4.90 -16.81 52.08
N ALA A 647 5.34 -16.67 50.84
CA ALA A 647 6.68 -16.18 50.57
C ALA A 647 6.77 -14.66 50.63
N ILE A 648 5.64 -13.96 50.55
CA ILE A 648 5.67 -12.49 50.57
C ILE A 648 6.10 -11.99 51.94
N LYS A 649 5.41 -12.42 52.99
CA LYS A 649 5.64 -11.85 54.33
C LYS A 649 7.02 -12.21 54.85
N GLU A 650 7.51 -13.42 54.58
CA GLU A 650 8.80 -13.84 55.11
C GLU A 650 9.93 -12.97 54.60
N ASN A 651 9.83 -12.46 53.38
CA ASN A 651 10.89 -11.70 52.74
C ASN A 651 10.51 -10.25 52.55
N LYS A 652 9.61 -9.73 53.37
CA LYS A 652 9.26 -8.32 53.32
C LYS A 652 10.46 -7.48 53.77
N GLY A 653 10.73 -6.42 53.02
CA GLY A 653 11.82 -5.51 53.36
C GLY A 653 11.73 -4.14 52.72
N GLU A 654 12.86 -3.58 52.30
CA GLU A 654 12.89 -2.26 51.72
C GLU A 654 13.46 -2.23 50.31
N GLY A 655 13.93 -3.36 49.78
CA GLY A 655 14.64 -3.38 48.52
C GLY A 655 13.79 -3.11 47.29
N TYR A 656 12.84 -3.99 47.00
CA TYR A 656 12.05 -3.92 45.79
C TYR A 656 10.57 -3.81 46.11
N LYS A 657 9.79 -3.46 45.09
CA LYS A 657 8.35 -3.28 45.20
C LYS A 657 7.67 -4.15 44.15
N LYS A 658 6.96 -5.19 44.58
CA LYS A 658 6.30 -6.11 43.66
C LYS A 658 4.96 -5.54 43.20
N ILE A 659 4.65 -5.76 41.93
CA ILE A 659 3.37 -5.36 41.37
C ILE A 659 2.33 -6.43 41.66
N VAL A 660 1.24 -6.04 42.32
CA VAL A 660 0.12 -6.92 42.58
C VAL A 660 -1.01 -6.48 41.68
N TYR A 661 -1.37 -7.32 40.71
CA TYR A 661 -2.24 -6.97 39.60
C TYR A 661 -3.56 -7.72 39.78
N LYS A 662 -4.67 -7.00 39.81
CA LYS A 662 -5.99 -7.60 39.91
C LYS A 662 -6.91 -7.00 38.85
N LEU A 663 -7.60 -7.87 38.11
CA LEU A 663 -8.39 -7.43 36.96
C LEU A 663 -9.56 -8.38 36.73
N LEU A 664 -10.74 -7.81 36.49
CA LEU A 664 -11.92 -8.56 36.07
C LEU A 664 -12.16 -8.24 34.61
N PRO A 665 -11.71 -9.06 33.67
CA PRO A 665 -11.88 -8.76 32.25
C PRO A 665 -13.16 -9.37 31.68
N GLY A 666 -13.74 -8.63 30.73
CA GLY A 666 -14.93 -9.07 30.02
C GLY A 666 -16.09 -9.43 30.91
N ALA A 667 -16.66 -8.44 31.60
CA ALA A 667 -17.72 -8.70 32.57
C ALA A 667 -18.88 -9.46 31.93
N ASN A 668 -19.27 -9.05 30.72
CA ASN A 668 -20.38 -9.71 30.03
C ASN A 668 -20.15 -11.22 29.86
N LYS A 669 -18.89 -11.63 29.76
CA LYS A 669 -18.54 -13.05 29.71
C LYS A 669 -18.29 -13.62 31.10
N MET A 670 -17.60 -12.86 31.97
CA MET A 670 -17.11 -13.43 33.21
C MET A 670 -18.23 -13.64 34.23
N LEU A 671 -19.14 -12.68 34.36
CA LEU A 671 -20.20 -12.81 35.37
C LEU A 671 -21.12 -13.99 35.10
N PRO A 672 -21.68 -14.18 33.90
CA PRO A 672 -22.49 -15.39 33.67
C PRO A 672 -21.66 -16.66 33.72
N LYS A 673 -20.36 -16.56 33.45
CA LYS A 673 -19.50 -17.74 33.50
C LYS A 673 -19.36 -18.26 34.92
N VAL A 674 -19.17 -17.36 35.88
CA VAL A 674 -18.94 -17.77 37.26
C VAL A 674 -20.27 -18.02 37.98
N PHE A 675 -21.27 -17.17 37.73
CA PHE A 675 -22.48 -17.22 38.54
C PHE A 675 -23.48 -18.28 38.09
N PHE A 676 -23.22 -18.97 36.97
CA PHE A 676 -24.05 -20.10 36.56
C PHE A 676 -23.21 -21.33 36.25
N SER A 677 -21.94 -21.33 36.63
CA SER A 677 -21.07 -22.47 36.39
C SER A 677 -21.57 -23.68 37.15
N ALA A 678 -21.41 -24.86 36.55
CA ALA A 678 -21.83 -26.10 37.22
C ALA A 678 -21.14 -26.26 38.56
N LYS A 679 -19.90 -25.76 38.68
CA LYS A 679 -19.17 -25.91 39.93
C LYS A 679 -19.67 -24.96 41.01
N SER A 680 -20.28 -23.83 40.63
CA SER A 680 -20.66 -22.84 41.63
C SER A 680 -22.04 -22.23 41.40
N ILE A 681 -22.91 -22.86 40.59
CA ILE A 681 -24.26 -22.35 40.43
C ILE A 681 -25.03 -22.44 41.74
N LYS A 682 -24.67 -23.40 42.59
CA LYS A 682 -25.38 -23.62 43.84
C LYS A 682 -25.03 -22.56 44.89
N PHE A 683 -23.77 -22.13 44.93
CA PHE A 683 -23.37 -21.06 45.84
C PHE A 683 -24.18 -19.80 45.59
N TYR A 684 -24.05 -19.24 44.39
CA TYR A 684 -24.88 -18.10 43.97
C TYR A 684 -26.20 -18.67 43.44
N ASN A 685 -27.04 -19.13 44.39
CA ASN A 685 -28.25 -19.84 44.01
C ASN A 685 -29.19 -18.91 43.22
N PRO A 686 -29.42 -19.21 41.94
CA PRO A 686 -30.21 -18.30 41.10
C PRO A 686 -31.70 -18.56 41.30
N SER A 687 -32.45 -17.48 41.49
CA SER A 687 -33.90 -17.60 41.49
C SER A 687 -34.37 -18.19 40.17
N GLU A 688 -35.45 -18.98 40.23
CA GLU A 688 -36.01 -19.54 39.00
C GLU A 688 -36.32 -18.44 37.99
N ASP A 689 -36.79 -17.29 38.48
CA ASP A 689 -37.06 -16.15 37.61
C ASP A 689 -35.79 -15.69 36.90
N ILE A 690 -34.66 -15.68 37.62
CA ILE A 690 -33.41 -15.29 36.99
C ILE A 690 -32.98 -16.31 35.95
N LEU A 691 -33.27 -17.60 36.17
CA LEU A 691 -32.95 -18.60 35.16
C LEU A 691 -33.78 -18.40 33.91
N ARG A 692 -35.07 -18.07 34.06
CA ARG A 692 -35.89 -17.72 32.90
C ARG A 692 -35.32 -16.48 32.19
N ILE A 693 -34.97 -15.46 32.97
CA ILE A 693 -34.49 -14.20 32.42
C ILE A 693 -33.13 -14.36 31.74
N ARG A 694 -32.37 -15.40 32.10
CA ARG A 694 -31.12 -15.66 31.39
C ARG A 694 -31.34 -16.51 30.15
N ASN A 695 -32.11 -17.60 30.27
CA ASN A 695 -32.30 -18.52 29.16
C ASN A 695 -32.85 -17.80 27.93
N HIS A 696 -33.98 -17.13 28.09
CA HIS A 696 -34.39 -16.13 27.11
C HIS A 696 -33.67 -14.83 27.44
N SER A 697 -32.88 -14.31 26.51
CA SER A 697 -32.10 -13.13 26.83
C SER A 697 -32.95 -11.86 26.99
N THR A 698 -33.79 -11.83 28.03
CA THR A 698 -34.62 -10.67 28.31
C THR A 698 -33.84 -9.51 28.93
N HIS A 699 -32.66 -9.78 29.48
CA HIS A 699 -31.81 -8.74 30.03
C HIS A 699 -30.99 -8.03 28.96
N THR A 700 -30.94 -8.55 27.74
CA THR A 700 -30.14 -7.99 26.66
C THR A 700 -31.01 -7.67 25.47
N LYS A 701 -30.71 -6.55 24.79
CA LYS A 701 -31.46 -6.18 23.60
C LYS A 701 -31.13 -7.12 22.44
N ASN A 702 -29.85 -7.33 22.18
CA ASN A 702 -29.39 -8.17 21.07
C ASN A 702 -28.50 -9.32 21.54
N GLY A 703 -28.52 -9.65 22.82
CA GLY A 703 -27.68 -10.71 23.33
C GLY A 703 -28.19 -12.09 22.96
N SER A 704 -27.28 -13.05 22.93
CA SER A 704 -27.63 -14.42 22.56
C SER A 704 -28.33 -15.11 23.73
N PRO A 705 -29.33 -15.95 23.46
CA PRO A 705 -29.99 -16.68 24.55
C PRO A 705 -29.24 -17.95 24.88
N GLN A 706 -29.76 -18.76 25.81
CA GLN A 706 -29.10 -19.99 26.16
C GLN A 706 -29.25 -21.02 25.04
N LYS A 707 -28.47 -22.10 25.16
CA LYS A 707 -28.44 -23.12 24.11
C LYS A 707 -29.82 -23.76 23.94
N GLY A 708 -30.29 -23.76 22.69
CA GLY A 708 -31.60 -24.30 22.38
C GLY A 708 -32.76 -23.40 22.72
N TYR A 709 -32.56 -22.34 23.49
CA TYR A 709 -33.61 -21.39 23.77
C TYR A 709 -33.67 -20.33 22.67
N GLU A 710 -34.64 -19.43 22.76
CA GLU A 710 -34.86 -18.42 21.74
C GLU A 710 -34.84 -17.02 22.36
N LYS A 711 -34.40 -16.05 21.57
CA LYS A 711 -34.35 -14.67 22.02
C LYS A 711 -35.76 -14.12 22.18
N PHE A 712 -36.01 -13.45 23.30
CA PHE A 712 -37.24 -12.73 23.52
C PHE A 712 -36.94 -11.24 23.65
N GLU A 713 -38.00 -10.44 23.62
CA GLU A 713 -37.85 -9.00 23.63
C GLU A 713 -37.23 -8.50 24.92
N PHE A 714 -36.38 -7.47 24.81
CA PHE A 714 -35.76 -6.88 25.97
C PHE A 714 -36.80 -6.31 26.91
N ASN A 715 -36.70 -6.68 28.18
CA ASN A 715 -37.56 -6.16 29.24
C ASN A 715 -36.70 -5.39 30.23
N ILE A 716 -37.10 -4.15 30.52
CA ILE A 716 -36.28 -3.30 31.38
C ILE A 716 -36.31 -3.81 32.82
N GLU A 717 -37.47 -4.28 33.28
CA GLU A 717 -37.55 -4.81 34.64
C GLU A 717 -36.75 -6.10 34.77
N ASP A 718 -36.83 -6.97 33.76
CA ASP A 718 -36.00 -8.17 33.77
C ASP A 718 -34.51 -7.81 33.80
N CYS A 719 -34.13 -6.77 33.06
CA CYS A 719 -32.74 -6.35 33.05
C CYS A 719 -32.30 -5.85 34.41
N ARG A 720 -33.12 -5.01 35.04
CA ARG A 720 -32.74 -4.47 36.35
C ARG A 720 -32.75 -5.56 37.43
N LYS A 721 -33.65 -6.54 37.32
CA LYS A 721 -33.64 -7.67 38.24
C LYS A 721 -32.38 -8.51 38.06
N PHE A 722 -31.97 -8.75 36.81
CA PHE A 722 -30.72 -9.47 36.56
C PHE A 722 -29.53 -8.70 37.10
N ILE A 723 -29.58 -7.36 37.03
CA ILE A 723 -28.50 -6.55 37.57
C ILE A 723 -28.45 -6.66 39.10
N ASP A 724 -29.62 -6.67 39.75
CA ASP A 724 -29.64 -6.87 41.20
C ASP A 724 -29.08 -8.24 41.57
N PHE A 725 -29.42 -9.27 40.81
CA PHE A 725 -28.84 -10.59 41.03
C PHE A 725 -27.33 -10.56 40.85
N TYR A 726 -26.85 -9.81 39.86
CA TYR A 726 -25.40 -9.67 39.66
C TYR A 726 -24.75 -9.02 40.87
N LYS A 727 -25.36 -7.96 41.41
CA LYS A 727 -24.79 -7.30 42.58
C LYS A 727 -24.75 -8.25 43.78
N GLN A 728 -25.83 -8.99 44.01
CA GLN A 728 -25.86 -9.96 45.10
C GLN A 728 -24.78 -11.02 44.92
N SER A 729 -24.62 -11.52 43.70
CA SER A 729 -23.62 -12.56 43.44
C SER A 729 -22.21 -12.01 43.61
N ILE A 730 -21.99 -10.74 43.24
CA ILE A 730 -20.69 -10.12 43.46
C ILE A 730 -20.39 -10.04 44.95
N SER A 731 -21.38 -9.59 45.73
CA SER A 731 -21.19 -9.58 47.17
C SER A 731 -20.91 -10.97 47.71
N LYS A 732 -21.47 -12.01 47.07
CA LYS A 732 -21.22 -13.38 47.49
C LYS A 732 -19.82 -13.86 47.14
N HIS A 733 -19.21 -13.29 46.10
CA HIS A 733 -17.97 -13.83 45.56
C HIS A 733 -16.87 -13.85 46.62
N PRO A 734 -16.03 -14.89 46.63
CA PRO A 734 -15.03 -15.01 47.70
C PRO A 734 -13.99 -13.90 47.72
N GLU A 735 -13.61 -13.35 46.58
CA GLU A 735 -12.53 -12.37 46.57
C GLU A 735 -12.76 -11.12 45.74
N TRP A 736 -13.78 -11.08 44.87
CA TRP A 736 -13.96 -9.89 44.02
C TRP A 736 -14.35 -8.66 44.83
N LYS A 737 -14.87 -8.83 46.05
CA LYS A 737 -15.14 -7.68 46.90
C LYS A 737 -13.89 -6.93 47.28
N ASP A 738 -12.70 -7.46 46.98
CA ASP A 738 -11.48 -6.68 47.16
C ASP A 738 -11.45 -5.47 46.26
N PHE A 739 -12.18 -5.52 45.14
CA PHE A 739 -12.23 -4.37 44.24
C PHE A 739 -12.93 -3.17 44.85
N GLY A 740 -13.76 -3.39 45.87
CA GLY A 740 -14.51 -2.31 46.49
C GLY A 740 -15.44 -1.64 45.51
N PHE A 741 -16.37 -2.41 44.93
CA PHE A 741 -17.24 -1.87 43.90
C PHE A 741 -18.22 -0.87 44.48
N ARG A 742 -18.25 0.33 43.90
CA ARG A 742 -19.27 1.33 44.17
C ARG A 742 -20.13 1.44 42.92
N PHE A 743 -21.35 0.90 42.98
CA PHE A 743 -22.25 0.87 41.85
C PHE A 743 -23.29 1.97 41.95
N SER A 744 -23.84 2.35 40.80
CA SER A 744 -24.94 3.30 40.78
C SER A 744 -26.23 2.61 41.22
N ASP A 745 -27.27 3.42 41.44
CA ASP A 745 -28.58 2.87 41.72
C ASP A 745 -29.03 1.99 40.55
N THR A 746 -29.67 0.86 40.89
CA THR A 746 -30.11 -0.06 39.85
C THR A 746 -31.09 0.60 38.89
N GLN A 747 -31.95 1.49 39.41
CA GLN A 747 -32.96 2.11 38.57
C GLN A 747 -32.34 3.02 37.51
N ARG A 748 -31.15 3.56 37.78
CA ARG A 748 -30.52 4.45 36.82
C ARG A 748 -29.97 3.72 35.62
N TYR A 749 -29.76 2.41 35.72
CA TYR A 749 -29.34 1.62 34.56
C TYR A 749 -30.50 1.46 33.59
N ASN A 750 -30.25 1.81 32.33
CA ASN A 750 -31.24 1.66 31.27
C ASN A 750 -30.92 0.50 30.33
N SER A 751 -29.79 -0.16 30.52
CA SER A 751 -29.37 -1.33 29.76
C SER A 751 -28.21 -1.98 30.49
N ILE A 752 -28.08 -3.30 30.32
CA ILE A 752 -27.12 -4.06 31.11
C ILE A 752 -25.67 -3.65 30.82
N ASP A 753 -25.41 -3.04 29.66
CA ASP A 753 -24.04 -2.69 29.32
C ASP A 753 -23.51 -1.56 30.20
N GLU A 754 -24.38 -0.71 30.74
CA GLU A 754 -23.91 0.32 31.67
C GLU A 754 -23.37 -0.30 32.95
N PHE A 755 -24.08 -1.30 33.48
CA PHE A 755 -23.57 -2.02 34.65
C PHE A 755 -22.29 -2.77 34.31
N TYR A 756 -22.24 -3.40 33.13
CA TYR A 756 -21.02 -4.05 32.69
C TYR A 756 -19.86 -3.07 32.64
N ARG A 757 -20.12 -1.84 32.17
CA ARG A 757 -19.08 -0.82 32.09
C ARG A 757 -18.60 -0.42 33.48
N GLU A 758 -19.50 -0.23 34.43
CA GLU A 758 -19.07 0.08 35.78
C GLU A 758 -18.21 -1.04 36.36
N VAL A 759 -18.62 -2.30 36.13
CA VAL A 759 -17.87 -3.44 36.61
C VAL A 759 -16.46 -3.43 36.03
N GLU A 760 -16.35 -3.28 34.71
CA GLU A 760 -15.05 -3.33 34.06
C GLU A 760 -14.19 -2.13 34.42
N ASN A 761 -14.80 -0.96 34.63
CA ASN A 761 -14.02 0.23 34.98
C ASN A 761 -13.43 0.08 36.38
N GLN A 762 -14.23 -0.38 37.34
CA GLN A 762 -13.74 -0.49 38.70
C GLN A 762 -13.02 -1.80 38.99
N GLY A 763 -13.10 -2.77 38.09
CA GLY A 763 -12.52 -4.08 38.33
C GLY A 763 -11.08 -4.25 37.88
N TYR A 764 -10.22 -3.28 38.21
CA TYR A 764 -8.80 -3.36 37.89
C TYR A 764 -8.06 -2.49 38.88
N LYS A 765 -7.21 -3.08 39.71
CA LYS A 765 -6.37 -2.32 40.62
C LYS A 765 -4.96 -2.90 40.68
N LEU A 766 -4.02 -2.03 41.02
CA LEU A 766 -2.64 -2.39 41.26
C LEU A 766 -2.26 -2.02 42.69
N THR A 767 -1.51 -2.89 43.35
CA THR A 767 -0.98 -2.62 44.67
C THR A 767 0.50 -3.01 44.70
N PHE A 768 1.14 -2.77 45.84
CA PHE A 768 2.57 -3.00 45.98
C PHE A 768 2.85 -3.68 47.31
N GLU A 769 3.54 -4.81 47.26
CA GLU A 769 4.02 -5.52 48.44
C GLU A 769 5.53 -5.41 48.50
N ASN A 770 6.07 -4.95 49.63
CA ASN A 770 7.49 -4.75 49.76
C ASN A 770 8.22 -6.07 49.96
N ILE A 771 9.43 -6.14 49.41
CA ILE A 771 10.26 -7.34 49.42
C ILE A 771 11.71 -6.93 49.61
N SER A 772 12.39 -7.58 50.54
CA SER A 772 13.78 -7.27 50.82
C SER A 772 14.65 -7.50 49.60
N GLU A 773 15.57 -6.56 49.35
CA GLU A 773 16.52 -6.70 48.25
C GLU A 773 17.31 -8.00 48.34
N SER A 774 17.55 -8.47 49.57
CA SER A 774 18.34 -9.68 49.77
C SER A 774 17.64 -10.90 49.18
N TYR A 775 16.32 -10.99 49.31
CA TYR A 775 15.61 -12.17 48.81
C TYR A 775 15.64 -12.23 47.29
N ILE A 776 15.40 -11.09 46.63
CA ILE A 776 15.44 -11.07 45.17
C ILE A 776 16.86 -11.31 44.66
N ASP A 777 17.85 -10.74 45.35
CA ASP A 777 19.25 -11.04 44.99
C ASP A 777 19.53 -12.54 45.14
N SER A 778 18.99 -13.16 46.19
CA SER A 778 19.25 -14.58 46.42
C SER A 778 18.59 -15.45 45.38
N VAL A 779 17.36 -15.12 44.98
CA VAL A 779 16.70 -15.92 43.95
C VAL A 779 17.27 -15.66 42.56
N VAL A 780 17.86 -14.48 42.33
CA VAL A 780 18.53 -14.26 41.05
C VAL A 780 19.86 -15.01 41.00
N ASN A 781 20.61 -15.02 42.11
CA ASN A 781 21.84 -15.80 42.17
C ASN A 781 21.57 -17.29 42.11
N GLN A 782 20.46 -17.74 42.71
CA GLN A 782 20.06 -19.14 42.71
C GLN A 782 19.51 -19.61 41.37
N GLY A 783 19.16 -18.69 40.47
CA GLY A 783 18.66 -19.05 39.17
C GLY A 783 17.18 -19.33 39.09
N LYS A 784 16.50 -19.43 40.23
CA LYS A 784 15.07 -19.73 40.22
C LYS A 784 14.25 -18.60 39.61
N LEU A 785 14.81 -17.39 39.53
CA LEU A 785 14.13 -16.25 38.94
C LEU A 785 15.07 -15.54 37.99
N TYR A 786 14.57 -15.18 36.81
CA TYR A 786 15.30 -14.41 35.81
C TYR A 786 14.81 -12.97 35.90
N LEU A 787 15.73 -12.04 36.13
CA LEU A 787 15.40 -10.64 36.37
C LEU A 787 15.99 -9.79 35.25
N PHE A 788 15.18 -8.88 34.71
CA PHE A 788 15.61 -7.95 33.68
C PHE A 788 15.23 -6.53 34.07
N GLN A 789 16.12 -5.58 33.83
CA GLN A 789 15.76 -4.18 33.94
C GLN A 789 15.12 -3.72 32.64
N ILE A 790 13.94 -3.11 32.76
CA ILE A 790 13.22 -2.55 31.63
C ILE A 790 13.87 -1.20 31.30
N TYR A 791 14.50 -1.10 30.14
CA TYR A 791 15.43 0.00 29.88
C TYR A 791 15.19 0.62 28.51
N ASN A 792 15.52 1.90 28.42
CA ASN A 792 15.67 2.64 27.18
C ASN A 792 16.58 3.84 27.48
N LYS A 793 16.65 4.79 26.55
CA LYS A 793 17.50 5.96 26.73
C LYS A 793 17.15 6.71 28.02
N ASP A 794 15.89 7.12 28.14
CA ASP A 794 15.49 8.01 29.22
C ASP A 794 15.68 7.41 30.60
N PHE A 795 15.88 6.10 30.68
CA PHE A 795 16.03 5.44 31.97
C PHE A 795 17.47 5.39 32.47
N SER A 796 18.45 5.75 31.65
CA SER A 796 19.82 5.82 32.13
C SER A 796 19.98 7.01 33.08
N ALA A 797 20.97 6.91 33.97
CA ALA A 797 21.23 8.01 34.89
C ALA A 797 21.74 9.24 34.15
N TYR A 798 22.42 9.05 33.02
CA TYR A 798 22.91 10.15 32.21
C TYR A 798 21.81 10.87 31.44
N SER A 799 20.55 10.44 31.55
CA SER A 799 19.46 11.01 30.76
C SER A 799 18.92 12.24 31.48
N LYS A 800 19.07 13.41 30.86
CA LYS A 800 18.55 14.66 31.40
C LYS A 800 17.55 15.36 30.47
N GLY A 801 17.42 14.91 29.23
CA GLY A 801 16.53 15.55 28.28
C GLY A 801 15.09 15.07 28.41
N ARG A 802 14.24 15.66 27.56
CA ARG A 802 12.82 15.33 27.55
C ARG A 802 12.61 13.88 27.15
N PRO A 803 12.07 13.04 28.03
CA PRO A 803 11.94 11.61 27.73
C PRO A 803 11.02 11.36 26.56
N ASN A 804 11.17 10.16 25.96
CA ASN A 804 10.26 9.73 24.92
C ASN A 804 8.84 9.64 25.48
N LEU A 805 7.85 9.74 24.57
CA LEU A 805 6.46 9.67 25.00
C LEU A 805 6.14 8.34 25.64
N HIS A 806 6.66 7.25 25.08
CA HIS A 806 6.39 5.93 25.65
C HIS A 806 6.98 5.78 27.04
N THR A 807 8.11 6.45 27.30
CA THR A 807 8.64 6.50 28.66
C THR A 807 7.62 7.09 29.63
N LEU A 808 6.99 8.21 29.22
CA LEU A 808 5.98 8.83 30.06
C LEU A 808 4.77 7.92 30.26
N TYR A 809 4.31 7.29 29.17
CA TYR A 809 3.18 6.36 29.28
C TYR A 809 3.47 5.24 30.27
N TRP A 810 4.64 4.62 30.13
CA TRP A 810 5.01 3.52 31.02
C TRP A 810 5.09 3.99 32.46
N LYS A 811 5.80 5.10 32.71
CA LYS A 811 5.91 5.60 34.07
C LYS A 811 4.55 5.98 34.65
N ALA A 812 3.62 6.40 33.79
CA ALA A 812 2.28 6.74 34.24
C ALA A 812 1.45 5.50 34.57
N LEU A 813 1.74 4.37 33.94
CA LEU A 813 1.06 3.11 34.25
C LEU A 813 0.96 2.85 35.74
N PHE A 814 2.01 3.14 36.50
CA PHE A 814 2.06 2.82 37.92
C PHE A 814 2.04 4.05 38.83
N ASP A 815 1.81 5.23 38.27
CA ASP A 815 1.70 6.44 39.08
C ASP A 815 0.42 6.39 39.92
N GLU A 816 0.48 7.03 41.09
CA GLU A 816 -0.70 7.03 41.98
C GLU A 816 -1.77 7.99 41.49
N ARG A 817 -1.36 9.17 41.01
CA ARG A 817 -2.29 10.06 40.33
C ARG A 817 -3.06 9.32 39.24
N ASN A 818 -2.41 8.34 38.60
CA ASN A 818 -3.10 7.47 37.66
C ASN A 818 -4.03 6.50 38.39
N LEU A 819 -3.52 5.86 39.44
CA LEU A 819 -4.23 4.75 40.07
C LEU A 819 -5.47 5.18 40.86
N GLN A 820 -5.64 6.47 41.15
CA GLN A 820 -6.86 6.88 41.85
C GLN A 820 -8.07 6.80 40.93
N ASP A 821 -7.94 7.32 39.71
CA ASP A 821 -8.98 7.26 38.67
C ASP A 821 -8.28 6.79 37.40
N VAL A 822 -8.26 5.47 37.18
CA VAL A 822 -7.28 4.87 36.28
C VAL A 822 -7.49 5.34 34.85
N VAL A 823 -6.43 5.87 34.25
CA VAL A 823 -6.39 6.16 32.83
C VAL A 823 -5.55 5.13 32.08
N TYR A 824 -4.36 4.83 32.58
CA TYR A 824 -3.46 3.86 31.99
C TYR A 824 -3.61 2.51 32.67
N LYS A 825 -3.90 1.48 31.87
CA LYS A 825 -4.18 0.14 32.38
C LYS A 825 -3.27 -0.86 31.69
N LEU A 826 -2.50 -1.60 32.50
CA LEU A 826 -1.64 -2.65 31.96
C LEU A 826 -2.48 -3.74 31.32
N ASN A 827 -2.11 -4.13 30.11
CA ASN A 827 -2.86 -5.13 29.35
C ASN A 827 -2.17 -6.48 29.38
N GLY A 828 -2.94 -7.51 29.05
CA GLY A 828 -2.60 -8.89 29.34
C GLY A 828 -1.43 -9.51 28.61
N GLU A 829 -1.57 -9.74 27.31
CA GLU A 829 -0.65 -10.62 26.59
C GLU A 829 0.58 -9.84 26.12
N ALA A 830 1.57 -9.74 27.01
CA ALA A 830 2.87 -9.20 26.64
C ALA A 830 3.75 -10.30 26.06
N GLU A 831 4.76 -9.89 25.28
CA GLU A 831 5.65 -10.84 24.64
C GLU A 831 7.10 -10.41 24.81
N LEU A 832 7.99 -11.40 24.74
CA LEU A 832 9.43 -11.20 24.92
C LEU A 832 10.16 -11.76 23.71
N PHE A 833 11.17 -11.04 23.24
CA PHE A 833 11.88 -11.41 22.03
C PHE A 833 13.38 -11.34 22.25
N TYR A 834 14.13 -11.90 21.31
CA TYR A 834 15.58 -11.98 21.38
C TYR A 834 16.12 -11.65 20.00
N ARG A 835 16.95 -10.61 19.91
CA ARG A 835 17.57 -10.22 18.65
C ARG A 835 19.06 -10.55 18.71
N LYS A 836 19.46 -11.56 17.93
CA LYS A 836 20.85 -11.93 17.82
C LYS A 836 21.67 -10.80 17.21
N GLN A 837 22.99 -10.94 17.33
CA GLN A 837 23.90 -9.99 16.70
C GLN A 837 23.75 -10.03 15.18
N SER A 838 23.58 -8.86 14.58
CA SER A 838 23.43 -8.77 13.14
C SER A 838 24.75 -8.43 12.45
N ILE A 839 25.51 -7.52 13.04
CA ILE A 839 26.76 -7.04 12.43
C ILE A 839 27.88 -7.12 13.46
N PRO A 840 29.14 -7.28 13.04
CA PRO A 840 30.24 -7.25 14.00
C PRO A 840 30.51 -5.84 14.50
N LYS A 841 31.15 -5.78 15.66
CA LYS A 841 31.49 -4.49 16.24
C LYS A 841 32.58 -3.80 15.42
N LYS A 842 32.47 -2.49 15.28
CA LYS A 842 33.44 -1.71 14.52
C LYS A 842 33.36 -0.26 14.96
N ILE A 843 34.45 0.27 15.50
CA ILE A 843 34.51 1.65 15.98
C ILE A 843 34.69 2.54 14.75
N THR A 844 33.59 3.09 14.25
CA THR A 844 33.66 3.93 13.06
C THR A 844 34.32 5.28 13.38
N HIS A 845 34.07 5.81 14.56
CA HIS A 845 34.63 7.10 14.95
C HIS A 845 35.50 6.94 16.20
N PRO A 846 36.82 6.97 16.05
CA PRO A 846 37.70 6.79 17.22
C PRO A 846 37.58 7.95 18.20
N ALA A 847 37.97 7.67 19.44
CA ALA A 847 37.83 8.65 20.50
C ALA A 847 38.78 9.82 20.29
N LYS A 848 38.34 10.99 20.73
CA LYS A 848 39.13 12.21 20.78
C LYS A 848 39.45 12.78 19.40
N GLU A 849 38.71 12.38 18.37
CA GLU A 849 38.87 12.98 17.05
C GLU A 849 37.76 14.00 16.81
N ALA A 850 37.98 14.84 15.80
CA ALA A 850 37.09 15.98 15.58
C ALA A 850 35.66 15.56 15.29
N ILE A 851 35.48 14.52 14.46
CA ILE A 851 34.15 13.97 14.14
C ILE A 851 33.17 15.04 13.66
N LYS A 854 27.96 16.59 10.53
CA LYS A 854 27.39 16.26 9.23
C LYS A 854 26.39 17.34 8.79
N ASN A 855 25.52 17.75 9.72
CA ASN A 855 24.65 18.90 9.48
C ASN A 855 25.49 20.16 9.39
N LYS A 856 25.22 20.96 8.36
CA LYS A 856 26.05 22.12 8.06
C LYS A 856 25.87 23.24 9.09
N ASP A 857 24.67 23.38 9.64
CA ASP A 857 24.34 24.52 10.47
C ASP A 857 24.70 24.35 11.94
N ASN A 858 25.31 23.24 12.33
CA ASN A 858 25.75 23.09 13.71
C ASN A 858 26.97 23.98 13.94
N PRO A 859 26.95 24.84 14.96
CA PRO A 859 28.15 25.66 15.23
C PRO A 859 29.36 24.84 15.61
N LYS A 860 29.20 23.83 16.46
CA LYS A 860 30.31 22.97 16.89
C LYS A 860 30.55 21.93 15.81
N LYS A 861 31.25 22.35 14.76
CA LYS A 861 31.49 21.47 13.61
C LYS A 861 32.45 20.34 13.92
N GLU A 862 33.28 20.48 14.95
CA GLU A 862 34.30 19.49 15.26
C GLU A 862 34.15 19.01 16.69
N SER A 863 32.93 18.63 17.05
CA SER A 863 32.61 18.19 18.41
C SER A 863 33.45 16.98 18.81
N VAL A 864 34.19 17.12 19.91
CA VAL A 864 35.08 16.07 20.39
C VAL A 864 34.41 15.34 21.53
N PHE A 865 34.55 14.01 21.56
CA PHE A 865 33.97 13.17 22.59
C PHE A 865 35.08 12.39 23.28
N GLU A 866 35.05 12.35 24.61
CA GLU A 866 36.00 11.52 25.35
C GLU A 866 35.97 10.08 24.88
N TYR A 867 34.81 9.62 24.41
CA TYR A 867 34.55 8.22 24.13
C TYR A 867 34.48 7.97 22.63
N ASP A 868 34.85 6.77 22.23
CA ASP A 868 34.72 6.33 20.84
C ASP A 868 33.38 5.64 20.67
N LEU A 869 32.64 6.05 19.64
CA LEU A 869 31.25 5.65 19.47
C LEU A 869 31.12 4.69 18.30
N ILE A 870 30.33 3.61 18.52
CA ILE A 870 30.16 2.54 17.54
C ILE A 870 28.95 2.84 16.69
N LYS A 871 29.05 2.54 15.39
CA LYS A 871 27.95 2.73 14.47
C LYS A 871 27.00 1.52 14.53
N ASP A 872 25.71 1.80 14.64
CA ASP A 872 24.69 0.76 14.80
C ASP A 872 25.04 -0.17 15.96
N LYS A 873 25.27 0.44 17.13
CA LYS A 873 25.71 -0.31 18.30
C LYS A 873 24.69 -1.35 18.74
N ARG A 874 23.39 -1.05 18.59
CA ARG A 874 22.34 -1.93 19.08
C ARG A 874 22.34 -3.29 18.39
N PHE A 875 22.92 -3.39 17.20
CA PHE A 875 22.95 -4.65 16.45
C PHE A 875 24.25 -5.43 16.63
N THR A 876 25.21 -4.89 17.39
CA THR A 876 26.50 -5.56 17.53
C THR A 876 26.44 -6.74 18.50
N GLU A 877 25.60 -6.69 19.52
CA GLU A 877 25.47 -7.77 20.48
C GLU A 877 24.01 -8.20 20.59
N ASP A 878 23.81 -9.45 21.02
CA ASP A 878 22.47 -9.97 21.22
C ASP A 878 21.75 -9.17 22.31
N LYS A 879 20.44 -9.06 22.17
CA LYS A 879 19.66 -8.26 23.12
C LYS A 879 18.30 -8.89 23.38
N PHE A 880 17.75 -8.60 24.56
CA PHE A 880 16.41 -9.01 24.95
C PHE A 880 15.45 -7.83 24.79
N PHE A 881 14.21 -8.13 24.41
CA PHE A 881 13.23 -7.08 24.15
C PHE A 881 11.88 -7.46 24.74
N PHE A 882 11.14 -6.43 25.15
CA PHE A 882 9.88 -6.59 25.86
C PHE A 882 8.82 -5.73 25.17
N HIS A 883 7.77 -6.38 24.66
CA HIS A 883 6.61 -5.70 24.07
C HIS A 883 5.44 -5.87 25.03
N CYS A 884 4.93 -4.74 25.54
CA CYS A 884 3.90 -4.75 26.56
C CYS A 884 2.69 -3.95 26.08
N PRO A 885 1.52 -4.56 25.97
CA PRO A 885 0.32 -3.82 25.60
C PRO A 885 -0.27 -3.06 26.77
N ILE A 886 -0.87 -1.91 26.47
CA ILE A 886 -1.60 -1.11 27.43
C ILE A 886 -2.81 -0.49 26.74
N THR A 887 -3.80 -0.13 27.54
CA THR A 887 -4.98 0.59 27.09
C THR A 887 -5.00 1.96 27.74
N ILE A 888 -5.33 2.99 26.96
CA ILE A 888 -5.38 4.36 27.44
C ILE A 888 -6.81 4.86 27.34
N ASN A 889 -7.16 5.76 28.26
CA ASN A 889 -8.55 6.12 28.53
C ASN A 889 -9.35 4.87 28.87
N PHE A 890 -8.80 4.10 29.81
CA PHE A 890 -9.32 2.78 30.15
C PHE A 890 -10.80 2.79 30.50
N LYS A 891 -11.30 3.89 31.05
CA LYS A 891 -12.69 3.98 31.46
C LYS A 891 -13.58 4.69 30.44
N SER A 892 -13.06 5.02 29.26
CA SER A 892 -13.85 5.67 28.22
C SER A 892 -14.40 4.63 27.25
N SER A 893 -15.60 4.89 26.75
CA SER A 893 -16.32 3.90 25.96
C SER A 893 -15.62 3.64 24.62
N GLY A 894 -15.30 4.69 23.89
CA GLY A 894 -14.74 4.55 22.56
C GLY A 894 -15.23 5.61 21.60
N ALA A 895 -14.57 5.74 20.46
CA ALA A 895 -14.87 6.82 19.53
C ALA A 895 -16.14 6.51 18.75
N ASN A 896 -17.18 7.34 18.96
CA ASN A 896 -18.44 7.20 18.24
C ASN A 896 -18.95 8.58 17.90
N LYS A 897 -19.22 8.81 16.60
CA LYS A 897 -19.72 10.10 16.11
C LYS A 897 -18.80 11.24 16.54
N PHE A 898 -17.49 11.02 16.35
CA PHE A 898 -16.49 11.97 16.79
C PHE A 898 -16.59 13.28 16.03
N ASN A 899 -16.80 13.19 14.70
CA ASN A 899 -16.92 14.40 13.89
C ASN A 899 -18.08 15.26 14.36
N ASP A 900 -19.17 14.61 14.81
CA ASP A 900 -20.34 15.38 15.27
C ASP A 900 -20.00 16.22 16.49
N GLU A 901 -19.31 15.62 17.47
CA GLU A 901 -18.95 16.37 18.66
C GLU A 901 -17.91 17.44 18.36
N ILE A 902 -16.96 17.15 17.45
CA ILE A 902 -16.00 18.16 17.05
C ILE A 902 -16.71 19.34 16.41
N ASN A 903 -17.68 19.08 15.54
CA ASN A 903 -18.40 20.16 14.88
C ASN A 903 -19.25 20.94 15.86
N LEU A 904 -19.83 20.27 16.86
CA LEU A 904 -20.57 20.98 17.90
C LEU A 904 -19.66 21.93 18.66
N LEU A 905 -18.50 21.42 19.10
CA LEU A 905 -17.53 22.27 19.78
C LEU A 905 -17.13 23.46 18.93
N LEU A 906 -16.80 23.22 17.67
CA LEU A 906 -16.35 24.30 16.80
C LEU A 906 -17.46 25.31 16.55
N LYS A 907 -18.71 24.85 16.45
CA LYS A 907 -19.82 25.76 16.30
C LYS A 907 -19.96 26.67 17.51
N GLU A 908 -19.76 26.12 18.72
CA GLU A 908 -19.96 26.97 19.89
C GLU A 908 -18.77 27.88 20.16
N LYS A 909 -17.56 27.51 19.75
CA LYS A 909 -16.36 28.29 20.01
C LYS A 909 -15.82 28.95 18.75
N ALA A 910 -16.70 29.28 17.80
CA ALA A 910 -16.26 29.65 16.45
C ALA A 910 -15.43 30.93 16.46
N ASN A 911 -15.84 31.93 17.26
CA ASN A 911 -15.18 33.23 17.21
C ASN A 911 -13.68 33.15 17.50
N ASP A 912 -13.27 32.20 18.34
CA ASP A 912 -11.86 32.05 18.68
C ASP A 912 -11.10 31.16 17.70
N VAL A 913 -11.79 30.40 16.87
CA VAL A 913 -11.13 29.42 16.01
C VAL A 913 -10.26 30.13 14.97
N HIS A 914 -9.07 29.59 14.76
CA HIS A 914 -8.21 29.96 13.63
C HIS A 914 -8.17 28.79 12.65
N ILE A 915 -7.66 29.06 11.45
CA ILE A 915 -7.63 28.07 10.39
C ILE A 915 -6.19 27.93 9.92
N LEU A 916 -5.54 26.84 10.28
CA LEU A 916 -4.21 26.52 9.82
C LEU A 916 -4.33 25.66 8.57
N SER A 917 -4.05 26.24 7.42
CA SER A 917 -4.09 25.53 6.15
C SER A 917 -2.67 25.23 5.69
N ILE A 918 -2.46 24.02 5.18
CA ILE A 918 -1.13 23.60 4.76
C ILE A 918 -1.18 23.24 3.28
N ASP A 919 -0.07 23.50 2.58
CA ASP A 919 0.01 23.09 1.18
C ASP A 919 1.44 22.71 0.84
N ARG A 920 1.57 21.70 -0.01
CA ARG A 920 2.86 21.37 -0.63
C ARG A 920 3.06 22.25 -1.86
N GLY A 921 4.27 22.81 -1.98
CA GLY A 921 4.57 23.79 -2.99
C GLY A 921 5.58 23.31 -4.01
N GLU A 922 5.74 24.11 -5.06
CA GLU A 922 6.74 23.82 -6.09
C GLU A 922 8.15 24.13 -5.57
N ARG A 923 8.30 25.24 -4.86
CA ARG A 923 9.58 25.62 -4.27
C ARG A 923 9.71 25.13 -2.84
N HIS A 924 8.69 25.38 -2.02
CA HIS A 924 8.68 24.89 -0.64
C HIS A 924 8.21 23.45 -0.59
N LEU A 925 8.80 22.67 0.32
CA LEU A 925 8.28 21.34 0.61
C LEU A 925 6.85 21.42 1.10
N ALA A 926 6.60 22.29 2.09
CA ALA A 926 5.27 22.52 2.63
C ALA A 926 5.26 23.85 3.35
N TYR A 927 4.24 24.66 3.08
CA TYR A 927 4.07 25.97 3.71
C TYR A 927 2.71 26.02 4.39
N TYR A 928 2.67 26.66 5.56
CA TYR A 928 1.45 26.77 6.35
C TYR A 928 1.07 28.24 6.51
N THR A 929 -0.23 28.49 6.49
CA THR A 929 -0.77 29.82 6.79
C THR A 929 -1.96 29.64 7.72
N LEU A 930 -1.95 30.33 8.85
CA LEU A 930 -3.09 30.32 9.76
C LEU A 930 -3.79 31.68 9.69
N VAL A 931 -5.11 31.63 9.49
CA VAL A 931 -5.94 32.78 9.19
C VAL A 931 -6.96 32.95 10.32
N ASP A 932 -7.28 34.20 10.63
CA ASP A 932 -8.33 34.50 11.58
C ASP A 932 -9.70 34.40 10.90
N GLY A 933 -10.75 34.74 11.64
CA GLY A 933 -12.09 34.60 11.10
C GLY A 933 -12.39 35.53 9.94
N LYS A 934 -11.76 36.71 9.91
CA LYS A 934 -12.12 37.71 8.92
C LYS A 934 -11.46 37.45 7.58
N GLY A 935 -10.31 36.79 7.56
CA GLY A 935 -9.63 36.52 6.32
C GLY A 935 -8.18 36.93 6.34
N ASN A 936 -7.75 37.62 7.40
CA ASN A 936 -6.37 38.08 7.49
C ASN A 936 -5.46 36.99 8.06
N ILE A 937 -4.28 36.84 7.48
CA ILE A 937 -3.29 35.91 8.00
C ILE A 937 -2.75 36.44 9.32
N ILE A 938 -2.48 35.54 10.26
CA ILE A 938 -1.89 35.90 11.54
C ILE A 938 -0.44 35.42 11.66
N LYS A 939 -0.14 34.24 11.12
CA LYS A 939 1.22 33.73 11.18
C LYS A 939 1.50 32.86 9.97
N GLN A 940 2.71 32.96 9.43
CA GLN A 940 3.11 32.14 8.30
C GLN A 940 4.60 31.83 8.42
N ASP A 941 4.95 30.56 8.29
CA ASP A 941 6.34 30.13 8.24
C ASP A 941 6.40 28.86 7.39
N THR A 942 7.62 28.36 7.18
CA THR A 942 7.82 27.22 6.29
C THR A 942 8.23 25.98 7.08
N PHE A 943 7.89 24.83 6.52
CA PHE A 943 8.34 23.54 7.03
C PHE A 943 9.52 22.99 6.24
N ASN A 944 10.15 23.81 5.39
CA ASN A 944 11.37 23.39 4.73
C ASN A 944 12.49 23.16 5.74
N ILE A 945 12.49 23.91 6.82
CA ILE A 945 13.53 23.83 7.84
C ILE A 945 12.86 23.58 9.18
N ILE A 946 13.12 22.41 9.77
CA ILE A 946 12.66 22.08 11.11
C ILE A 946 13.85 22.25 12.05
N GLY A 947 13.69 23.14 13.04
CA GLY A 947 14.82 23.39 13.92
C GLY A 947 14.49 24.07 15.23
N ASN A 948 15.08 23.55 16.30
CA ASN A 948 15.08 24.24 17.58
C ASN A 948 15.94 25.49 17.49
N ASP A 949 15.65 26.47 18.36
CA ASP A 949 16.40 27.72 18.32
C ASP A 949 17.87 27.53 18.66
N ARG A 950 18.21 26.44 19.34
CA ARG A 950 19.62 26.15 19.63
C ARG A 950 20.39 25.83 18.34
N MET A 951 19.95 24.80 17.62
CA MET A 951 20.49 24.47 16.31
C MET A 951 19.35 23.98 15.42
N LYS A 952 19.30 24.49 14.20
CA LYS A 952 18.21 24.21 13.29
C LYS A 952 18.67 23.33 12.13
N THR A 953 17.81 22.42 11.71
CA THR A 953 18.09 21.45 10.67
C THR A 953 17.32 21.80 9.40
N ASN A 954 18.03 21.90 8.29
CA ASN A 954 17.42 22.17 6.99
C ASN A 954 17.10 20.85 6.31
N TYR A 955 15.80 20.56 6.16
CA TYR A 955 15.35 19.37 5.47
C TYR A 955 15.08 19.60 3.99
N HIS A 956 15.02 20.86 3.55
CA HIS A 956 14.92 21.15 2.12
C HIS A 956 16.14 20.63 1.39
N ASP A 957 17.34 21.01 1.84
CA ASP A 957 18.56 20.53 1.22
C ASP A 957 18.75 19.04 1.44
N LYS A 958 18.28 18.51 2.57
CA LYS A 958 18.44 17.08 2.84
C LYS A 958 17.54 16.25 1.92
N LEU A 959 16.38 16.78 1.55
CA LEU A 959 15.48 16.09 0.64
C LEU A 959 15.76 16.42 -0.82
N ALA A 960 16.58 17.43 -1.11
CA ALA A 960 16.90 17.74 -2.49
C ALA A 960 17.72 16.63 -3.16
N ALA A 961 18.57 15.94 -2.41
CA ALA A 961 19.50 14.99 -3.01
C ALA A 961 18.87 13.63 -3.29
N ILE A 962 17.74 13.33 -2.65
CA ILE A 962 17.24 11.96 -2.59
C ILE A 962 16.68 11.52 -3.94
N GLU A 963 15.85 12.37 -4.56
CA GLU A 963 15.07 11.95 -5.72
C GLU A 963 15.93 11.56 -6.92
N LYS A 964 17.19 12.02 -6.97
CA LYS A 964 18.03 11.70 -8.12
C LYS A 964 18.46 10.23 -8.13
N ASP A 965 18.51 9.59 -6.96
CA ASP A 965 19.06 8.24 -6.90
C ASP A 965 18.12 7.20 -7.51
N ARG A 966 16.82 7.34 -7.29
CA ARG A 966 15.88 6.34 -7.79
C ARG A 966 15.77 6.38 -9.31
N ASP A 967 15.40 7.55 -9.85
CA ASP A 967 15.20 7.68 -11.29
C ASP A 967 16.39 7.17 -12.08
N SER A 968 17.60 7.24 -11.52
CA SER A 968 18.81 6.82 -12.20
C SER A 968 18.94 5.31 -12.29
N ALA A 969 18.44 4.58 -11.30
CA ALA A 969 18.60 3.13 -11.24
C ALA A 969 17.33 2.47 -10.70
N ARG A 970 16.18 2.91 -11.21
CA ARG A 970 14.92 2.35 -10.75
C ARG A 970 14.72 0.90 -11.18
N LYS A 971 15.30 0.48 -12.30
CA LYS A 971 15.11 -0.86 -12.81
C LYS A 971 16.24 -1.82 -12.46
N ASP A 972 17.18 -1.39 -11.62
CA ASP A 972 18.30 -2.25 -11.27
C ASP A 972 17.83 -3.39 -10.35
N TRP A 973 18.64 -4.45 -10.30
CA TRP A 973 18.21 -5.67 -9.62
C TRP A 973 18.31 -5.52 -8.11
N LYS A 974 19.44 -5.06 -7.62
CA LYS A 974 19.65 -4.84 -6.19
C LYS A 974 19.86 -3.37 -5.93
N LYS A 975 19.10 -2.81 -5.00
CA LYS A 975 19.21 -1.40 -4.65
C LYS A 975 18.64 -1.21 -3.25
N ILE A 976 19.51 -0.83 -2.31
CA ILE A 976 19.09 -0.58 -0.93
C ILE A 976 18.34 0.75 -0.88
N ASN A 977 17.29 0.80 -0.07
CA ASN A 977 16.42 1.97 -0.01
C ASN A 977 16.16 2.34 1.45
N ASN A 978 16.70 3.47 1.87
CA ASN A 978 16.36 4.11 3.13
C ASN A 978 15.46 5.32 2.92
N ILE A 979 14.92 5.47 1.71
CA ILE A 979 14.27 6.72 1.32
C ILE A 979 12.92 6.88 2.01
N LYS A 980 12.09 5.83 1.96
CA LYS A 980 10.78 5.86 2.62
C LYS A 980 10.93 6.18 4.10
N GLU A 981 11.88 5.53 4.76
CA GLU A 981 12.08 5.73 6.19
C GLU A 981 12.50 7.17 6.48
N MET A 982 13.38 7.74 5.65
CA MET A 982 13.87 9.09 5.88
C MET A 982 12.77 10.13 5.65
N LYS A 983 11.98 9.94 4.59
CA LYS A 983 10.84 10.82 4.36
C LYS A 983 9.85 10.75 5.52
N GLU A 984 9.58 9.55 6.02
CA GLU A 984 8.69 9.40 7.17
C GLU A 984 9.26 10.07 8.41
N GLY A 985 10.58 10.02 8.58
CA GLY A 985 11.19 10.70 9.72
C GLY A 985 11.02 12.20 9.64
N TYR A 986 11.23 12.78 8.45
CA TYR A 986 10.97 14.21 8.28
C TYR A 986 9.51 14.54 8.59
N LEU A 987 8.58 13.74 8.08
CA LEU A 987 7.17 13.99 8.37
C LEU A 987 6.85 13.87 9.85
N SER A 988 7.51 12.95 10.55
CA SER A 988 7.34 12.83 12.00
C SER A 988 7.90 14.04 12.73
N GLN A 989 8.95 14.66 12.18
CA GLN A 989 9.37 15.95 12.72
C GLN A 989 8.29 17.00 12.51
N VAL A 990 7.60 16.95 11.37
CA VAL A 990 6.65 18.02 11.01
C VAL A 990 5.38 17.92 11.85
N VAL A 991 4.93 16.70 12.17
CA VAL A 991 3.64 16.55 12.83
C VAL A 991 3.64 17.23 14.20
N HIS A 992 4.79 17.22 14.90
CA HIS A 992 4.87 17.86 16.20
C HIS A 992 4.69 19.37 16.10
N GLU A 993 5.32 19.99 15.10
CA GLU A 993 5.14 21.42 14.88
C GLU A 993 3.68 21.73 14.55
N ILE A 994 3.05 20.90 13.74
CA ILE A 994 1.64 21.11 13.41
C ILE A 994 0.79 21.06 14.67
N ALA A 995 1.06 20.09 15.54
CA ALA A 995 0.29 19.96 16.78
C ALA A 995 0.50 21.16 17.69
N LYS A 996 1.76 21.61 17.80
CA LYS A 996 2.05 22.80 18.61
C LYS A 996 1.24 23.99 18.12
N LEU A 997 1.24 24.22 16.81
CA LEU A 997 0.50 25.35 16.25
C LEU A 997 -0.99 25.22 16.52
N VAL A 998 -1.54 24.01 16.30
CA VAL A 998 -2.96 23.78 16.54
C VAL A 998 -3.34 24.13 17.97
N ILE A 999 -2.59 23.58 18.94
CA ILE A 999 -2.96 23.78 20.33
C ILE A 999 -2.78 25.23 20.76
N GLU A 1000 -1.68 25.87 20.34
CA GLU A 1000 -1.44 27.23 20.81
C GLU A 1000 -2.40 28.24 20.18
N TYR A 1001 -2.81 28.02 18.93
CA TYR A 1001 -3.61 29.01 18.21
C TYR A 1001 -5.07 28.60 18.06
N ASN A 1002 -5.47 27.49 18.69
CA ASN A 1002 -6.87 27.04 18.67
C ASN A 1002 -7.39 26.93 17.25
N ALA A 1003 -6.64 26.24 16.40
CA ALA A 1003 -6.92 26.21 14.98
C ALA A 1003 -7.39 24.84 14.53
N ILE A 1004 -8.22 24.82 13.50
CA ILE A 1004 -8.49 23.61 12.74
C ILE A 1004 -7.44 23.48 11.65
N VAL A 1005 -7.27 22.27 11.13
CA VAL A 1005 -6.28 21.99 10.10
C VAL A 1005 -6.99 21.76 8.79
N VAL A 1006 -6.49 22.38 7.71
CA VAL A 1006 -7.07 22.24 6.38
C VAL A 1006 -6.00 21.70 5.44
N PHE A 1007 -6.37 20.64 4.72
CA PHE A 1007 -5.49 19.94 3.79
C PHE A 1007 -6.14 19.84 2.42
N GLU A 1008 -5.32 19.48 1.44
CA GLU A 1008 -5.79 19.20 0.09
C GLU A 1008 -6.33 17.77 0.05
N ASP A 1009 -7.61 17.64 -0.32
CA ASP A 1009 -8.25 16.33 -0.44
C ASP A 1009 -7.51 15.49 -1.46
N LEU A 1010 -6.86 14.41 -1.02
CA LEU A 1010 -6.05 13.58 -1.89
C LEU A 1010 -6.82 12.43 -2.53
N ASN A 1011 -8.06 12.18 -2.12
CA ASN A 1011 -8.91 11.26 -2.86
C ASN A 1011 -9.56 11.92 -4.06
N PHE A 1012 -9.90 13.22 -3.94
CA PHE A 1012 -10.58 13.93 -5.00
C PHE A 1012 -10.25 15.41 -4.89
N GLY A 1013 -9.95 16.04 -6.02
CA GLY A 1013 -9.59 17.44 -6.03
C GLY A 1013 -8.12 17.74 -5.85
N PHE A 1014 -7.26 16.74 -6.04
CA PHE A 1014 -5.82 16.91 -5.84
C PHE A 1014 -5.18 17.59 -7.05
N LYS A 1015 -4.01 18.17 -6.83
CA LYS A 1015 -3.32 18.93 -7.86
C LYS A 1015 -2.62 18.01 -8.85
N ARG A 1016 -2.70 18.37 -10.13
CA ARG A 1016 -2.13 17.55 -11.18
C ARG A 1016 -0.64 17.80 -11.41
N GLY A 1017 -0.12 18.90 -10.87
CA GLY A 1017 1.22 19.34 -11.16
C GLY A 1017 2.29 18.47 -10.53
N ARG A 1018 3.51 18.99 -10.56
CA ARG A 1018 4.68 18.32 -10.01
C ARG A 1018 5.29 19.19 -8.93
N PHE A 1019 5.53 18.59 -7.76
CA PHE A 1019 5.94 19.32 -6.58
C PHE A 1019 7.11 18.60 -5.91
N LYS A 1020 7.70 19.28 -4.91
CA LYS A 1020 8.82 18.69 -4.19
C LYS A 1020 8.40 17.49 -3.34
N VAL A 1021 7.21 17.55 -2.77
CA VAL A 1021 6.70 16.47 -1.93
C VAL A 1021 5.69 15.68 -2.75
N GLU A 1022 5.97 14.40 -2.98
CA GLU A 1022 5.10 13.54 -3.75
C GLU A 1022 3.73 13.43 -3.10
N LYS A 1023 2.74 13.01 -3.90
CA LYS A 1023 1.37 12.91 -3.39
C LYS A 1023 1.24 11.84 -2.32
N GLN A 1024 1.81 10.65 -2.57
CA GLN A 1024 1.72 9.57 -1.61
C GLN A 1024 2.37 9.94 -0.28
N VAL A 1025 3.51 10.63 -0.35
CA VAL A 1025 4.18 11.08 0.88
C VAL A 1025 3.30 12.06 1.64
N TYR A 1026 2.62 12.96 0.91
CA TYR A 1026 1.73 13.91 1.56
C TYR A 1026 0.57 13.19 2.22
N GLN A 1027 0.08 12.12 1.60
CA GLN A 1027 -0.96 11.30 2.20
C GLN A 1027 -0.45 10.63 3.48
N LYS A 1028 0.80 10.16 3.45
CA LYS A 1028 1.42 9.63 4.66
C LYS A 1028 1.47 10.69 5.77
N LEU A 1029 1.78 11.93 5.41
CA LEU A 1029 1.80 13.00 6.40
C LEU A 1029 0.41 13.23 6.99
N GLU A 1030 -0.62 13.23 6.14
CA GLU A 1030 -1.99 13.40 6.64
C GLU A 1030 -2.37 12.29 7.61
N LYS A 1031 -2.06 11.03 7.24
CA LYS A 1031 -2.36 9.92 8.12
C LYS A 1031 -1.58 10.02 9.43
N MET A 1032 -0.31 10.43 9.36
CA MET A 1032 0.50 10.57 10.56
C MET A 1032 -0.06 11.65 11.48
N LEU A 1033 -0.59 12.74 10.89
CA LEU A 1033 -1.20 13.77 11.72
C LEU A 1033 -2.46 13.26 12.40
N ILE A 1034 -3.28 12.50 11.67
CA ILE A 1034 -4.45 11.87 12.29
C ILE A 1034 -4.03 11.00 13.48
N GLU A 1035 -3.05 10.12 13.24
CA GLU A 1035 -2.61 9.21 14.30
C GLU A 1035 -2.04 9.97 15.49
N LYS A 1036 -1.29 11.04 15.23
CA LYS A 1036 -0.69 11.82 16.30
C LYS A 1036 -1.78 12.49 17.13
N LEU A 1037 -2.77 13.10 16.46
CA LEU A 1037 -3.84 13.78 17.17
C LEU A 1037 -4.84 12.82 17.79
N ASN A 1038 -4.70 11.50 17.56
CA ASN A 1038 -5.43 10.54 18.39
C ASN A 1038 -5.17 10.78 19.87
N TYR A 1039 -3.90 10.85 20.26
CA TYR A 1039 -3.50 10.98 21.67
C TYR A 1039 -2.34 11.96 21.74
N LEU A 1040 -2.64 13.23 22.06
CA LEU A 1040 -1.68 14.32 21.99
C LEU A 1040 -1.35 14.80 23.40
N VAL A 1041 -0.13 14.55 23.85
CA VAL A 1041 0.38 15.10 25.09
C VAL A 1041 1.65 15.89 24.78
N PHE A 1042 1.83 17.00 25.48
CA PHE A 1042 3.05 17.80 25.37
C PHE A 1042 3.93 17.52 26.59
N LYS A 1043 5.19 17.17 26.33
CA LYS A 1043 6.09 16.77 27.41
C LYS A 1043 6.28 17.88 28.44
N ASP A 1044 6.21 19.14 28.02
CA ASP A 1044 6.39 20.25 28.95
C ASP A 1044 5.17 20.48 29.83
N ASN A 1045 3.99 19.99 29.45
CA ASN A 1045 2.79 20.23 30.23
C ASN A 1045 2.83 19.44 31.54
N GLU A 1046 2.17 19.97 32.55
CA GLU A 1046 2.11 19.31 33.85
C GLU A 1046 1.34 18.00 33.76
N PHE A 1047 1.53 17.15 34.77
CA PHE A 1047 0.98 15.80 34.75
C PHE A 1047 -0.55 15.78 34.86
N ASP A 1048 -1.17 16.88 35.29
CA ASP A 1048 -2.61 16.89 35.53
C ASP A 1048 -3.37 17.92 34.71
N LYS A 1049 -2.73 19.00 34.27
CA LYS A 1049 -3.42 19.96 33.42
C LYS A 1049 -3.60 19.39 32.02
N THR A 1050 -4.54 19.96 31.27
CA THR A 1050 -4.84 19.47 29.93
C THR A 1050 -3.60 19.57 29.04
N GLY A 1051 -3.43 18.58 28.16
CA GLY A 1051 -2.23 18.44 27.38
C GLY A 1051 -1.14 17.65 28.07
N GLY A 1052 -1.32 17.32 29.35
CA GLY A 1052 -0.36 16.54 30.10
C GLY A 1052 -0.59 15.05 29.96
N VAL A 1053 0.16 14.30 30.79
CA VAL A 1053 0.20 12.85 30.62
C VAL A 1053 -1.16 12.23 30.95
N LEU A 1054 -1.86 12.81 31.93
CA LEU A 1054 -3.14 12.27 32.33
C LEU A 1054 -4.28 12.76 31.44
N ARG A 1055 -4.15 13.98 30.92
CA ARG A 1055 -5.23 14.66 30.20
C ARG A 1055 -4.74 14.96 28.78
N ALA A 1056 -4.90 13.99 27.88
CA ALA A 1056 -4.40 14.08 26.53
C ALA A 1056 -5.43 14.71 25.60
N TYR A 1057 -4.95 15.50 24.64
CA TYR A 1057 -5.81 16.03 23.60
C TYR A 1057 -6.18 14.92 22.63
N GLN A 1058 -7.48 14.71 22.43
CA GLN A 1058 -8.00 13.76 21.46
C GLN A 1058 -8.84 14.56 20.46
N LEU A 1059 -8.19 14.98 19.37
CA LEU A 1059 -8.83 15.82 18.37
C LEU A 1059 -9.16 15.07 17.08
N THR A 1060 -8.71 13.83 16.94
CA THR A 1060 -9.05 13.00 15.79
C THR A 1060 -9.48 11.62 16.28
N ALA A 1061 -10.39 11.01 15.53
CA ALA A 1061 -10.78 9.63 15.74
C ALA A 1061 -9.74 8.71 15.13
N PRO A 1062 -9.76 7.41 15.45
CA PRO A 1062 -8.80 6.48 14.85
C PRO A 1062 -8.93 6.43 13.32
N PHE A 1063 -7.76 6.37 12.68
CA PHE A 1063 -7.69 6.19 11.23
C PHE A 1063 -8.31 4.86 10.83
N GLU A 1064 -9.07 4.85 9.75
CA GLU A 1064 -9.63 3.61 9.21
C GLU A 1064 -9.05 3.25 7.85
N THR A 1065 -9.24 4.12 6.85
CA THR A 1065 -8.68 3.93 5.51
C THR A 1065 -8.44 5.30 4.91
N PHE A 1066 -7.66 5.32 3.83
CA PHE A 1066 -7.45 6.58 3.11
C PHE A 1066 -8.75 7.07 2.48
N LYS A 1067 -9.51 6.16 1.87
CA LYS A 1067 -10.75 6.55 1.20
C LYS A 1067 -11.77 7.08 2.21
N LYS A 1068 -11.83 6.48 3.40
CA LYS A 1068 -12.78 6.92 4.41
C LYS A 1068 -12.37 8.19 5.12
N MET A 1069 -11.19 8.75 4.81
CA MET A 1069 -10.86 10.08 5.32
C MET A 1069 -11.88 11.11 4.87
N GLY A 1070 -12.36 10.97 3.63
CA GLY A 1070 -13.43 11.83 3.14
C GLY A 1070 -13.04 13.29 3.17
N LYS A 1071 -13.83 14.08 3.88
CA LYS A 1071 -13.62 15.52 3.97
C LYS A 1071 -13.42 16.02 5.39
N GLN A 1072 -13.52 15.14 6.40
CA GLN A 1072 -13.31 15.54 7.79
C GLN A 1072 -12.91 14.32 8.60
N THR A 1073 -11.75 14.42 9.26
CA THR A 1073 -11.30 13.44 10.25
C THR A 1073 -11.02 14.24 11.52
N GLY A 1074 -12.05 14.44 12.33
CA GLY A 1074 -11.93 15.26 13.52
C GLY A 1074 -11.79 16.73 13.17
N ILE A 1075 -10.69 17.35 13.61
CA ILE A 1075 -10.47 18.77 13.37
C ILE A 1075 -9.67 18.98 12.09
N ILE A 1076 -9.50 17.92 11.30
CA ILE A 1076 -8.77 17.99 10.04
C ILE A 1076 -9.78 17.88 8.90
N TYR A 1077 -9.81 18.89 8.04
CA TYR A 1077 -10.74 18.96 6.91
C TYR A 1077 -9.96 18.93 5.60
N TYR A 1078 -10.62 18.45 4.55
CA TYR A 1078 -9.98 18.19 3.27
C TYR A 1078 -10.79 18.84 2.16
N VAL A 1079 -10.16 19.75 1.42
CA VAL A 1079 -10.85 20.51 0.39
C VAL A 1079 -10.18 20.28 -0.96
N PRO A 1080 -10.92 20.41 -2.07
CA PRO A 1080 -10.27 20.37 -3.38
C PRO A 1080 -9.34 21.56 -3.55
N ALA A 1081 -8.17 21.30 -4.12
CA ALA A 1081 -7.15 22.32 -4.33
C ALA A 1081 -7.33 23.08 -5.64
N GLY A 1082 -8.48 22.95 -6.28
CA GLY A 1082 -8.74 23.65 -7.53
C GLY A 1082 -8.71 25.15 -7.41
N PHE A 1083 -7.89 25.80 -8.25
CA PHE A 1083 -7.81 27.26 -8.31
C PHE A 1083 -7.36 27.87 -6.99
N THR A 1084 -6.47 27.19 -6.28
CA THR A 1084 -5.92 27.72 -5.04
C THR A 1084 -4.65 28.54 -5.25
N SER A 1085 -3.93 28.33 -6.35
CA SER A 1085 -2.62 28.94 -6.58
C SER A 1085 -2.68 30.12 -7.55
N LYS A 1086 -3.24 29.93 -8.74
CA LYS A 1086 -3.28 30.98 -9.76
C LYS A 1086 -4.44 31.95 -9.53
N ILE A 1087 -4.56 32.53 -8.35
CA ILE A 1087 -5.71 33.36 -8.03
C ILE A 1087 -5.24 34.56 -7.20
N CYS A 1088 -5.93 35.68 -7.39
CA CYS A 1088 -5.60 36.92 -6.68
C CYS A 1088 -6.24 36.91 -5.29
N PRO A 1089 -5.47 37.17 -4.23
CA PRO A 1089 -6.03 37.06 -2.89
C PRO A 1089 -6.93 38.21 -2.46
N VAL A 1090 -6.83 39.38 -3.09
CA VAL A 1090 -7.67 40.50 -2.67
C VAL A 1090 -9.00 40.52 -3.41
N THR A 1091 -9.03 40.14 -4.69
CA THR A 1091 -10.28 40.18 -5.47
C THR A 1091 -10.75 38.81 -5.93
N GLY A 1092 -9.92 37.77 -5.82
CA GLY A 1092 -10.34 36.45 -6.23
C GLY A 1092 -10.45 36.26 -7.73
N PHE A 1093 -9.59 36.91 -8.51
CA PHE A 1093 -9.57 36.78 -9.96
C PHE A 1093 -8.52 35.75 -10.36
N VAL A 1094 -8.95 34.71 -11.08
CA VAL A 1094 -8.07 33.71 -11.65
C VAL A 1094 -8.08 33.87 -13.15
N ASN A 1095 -6.92 33.68 -13.78
CA ASN A 1095 -6.82 33.70 -15.23
C ASN A 1095 -7.61 32.53 -15.80
N GLN A 1096 -8.76 32.83 -16.41
CA GLN A 1096 -9.59 31.83 -17.06
C GLN A 1096 -9.75 32.11 -18.54
N LEU A 1097 -8.91 32.99 -19.10
CA LEU A 1097 -9.02 33.37 -20.51
C LEU A 1097 -8.26 32.40 -21.42
N TYR A 1098 -7.08 31.96 -21.01
CA TYR A 1098 -6.22 31.04 -21.75
C TYR A 1098 -6.17 31.40 -23.25
N PRO A 1099 -5.76 32.61 -23.60
CA PRO A 1099 -5.79 33.06 -25.00
C PRO A 1099 -4.57 32.57 -25.76
N LYS A 1100 -4.80 31.70 -26.73
CA LYS A 1100 -3.77 31.20 -27.63
C LYS A 1100 -3.96 31.81 -29.01
N TYR A 1101 -2.86 32.12 -29.69
CA TYR A 1101 -2.94 32.70 -31.02
C TYR A 1101 -3.34 31.63 -32.03
N GLU A 1102 -4.35 31.94 -32.83
CA GLU A 1102 -4.76 31.10 -33.95
C GLU A 1102 -4.87 31.99 -35.19
N SER A 1103 -5.49 31.46 -36.25
CA SER A 1103 -5.61 32.20 -37.51
C SER A 1103 -6.10 33.63 -37.28
N VAL A 1104 -5.66 34.54 -38.15
CA VAL A 1104 -5.96 35.97 -38.01
C VAL A 1104 -7.46 36.20 -37.89
N SER A 1105 -8.25 35.52 -38.73
CA SER A 1105 -9.70 35.65 -38.65
C SER A 1105 -10.20 35.30 -37.25
N LYS A 1106 -9.72 34.20 -36.69
CA LYS A 1106 -10.17 33.79 -35.37
C LYS A 1106 -9.73 34.76 -34.28
N SER A 1107 -8.57 35.39 -34.44
CA SER A 1107 -8.15 36.38 -33.44
C SER A 1107 -8.98 37.66 -33.54
N GLN A 1108 -9.35 38.04 -34.77
CA GLN A 1108 -10.32 39.11 -34.94
C GLN A 1108 -11.60 38.81 -34.20
N GLU A 1109 -12.14 37.61 -34.40
CA GLU A 1109 -13.37 37.21 -33.72
C GLU A 1109 -13.17 37.16 -32.20
N PHE A 1110 -11.98 36.78 -31.74
CA PHE A 1110 -11.69 36.76 -30.31
C PHE A 1110 -11.77 38.16 -29.71
N PHE A 1111 -11.00 39.09 -30.28
CA PHE A 1111 -10.98 40.45 -29.75
C PHE A 1111 -12.25 41.23 -30.04
N SER A 1112 -13.14 40.70 -30.88
CA SER A 1112 -14.40 41.38 -31.15
C SER A 1112 -15.24 41.52 -29.89
N LYS A 1113 -15.27 40.48 -29.06
CA LYS A 1113 -16.25 40.39 -27.97
C LYS A 1113 -15.75 40.95 -26.64
N PHE A 1114 -14.58 41.60 -26.62
CA PHE A 1114 -14.20 42.34 -25.43
C PHE A 1114 -15.19 43.49 -25.20
N ASP A 1115 -15.26 43.94 -23.95
CA ASP A 1115 -16.12 45.07 -23.63
C ASP A 1115 -15.41 46.39 -23.92
N LYS A 1116 -14.19 46.56 -23.41
CA LYS A 1116 -13.46 47.80 -23.61
C LYS A 1116 -11.98 47.52 -23.43
N ILE A 1117 -11.17 48.08 -24.34
CA ILE A 1117 -9.71 48.00 -24.29
C ILE A 1117 -9.09 49.39 -24.16
N CYS A 1118 -9.90 50.41 -23.91
CA CYS A 1118 -9.43 51.79 -23.93
C CYS A 1118 -8.28 51.99 -22.94
N TYR A 1119 -7.32 52.80 -23.35
CA TYR A 1119 -6.15 53.10 -22.54
C TYR A 1119 -6.50 54.07 -21.42
N ASN A 1120 -5.89 53.87 -20.25
CA ASN A 1120 -6.11 54.73 -19.10
C ASN A 1120 -5.14 55.90 -19.15
N LEU A 1121 -5.69 57.11 -19.22
CA LEU A 1121 -4.85 58.31 -19.34
C LEU A 1121 -4.15 58.62 -18.03
N ASP A 1122 -4.80 58.36 -16.90
CA ASP A 1122 -4.35 58.92 -15.63
C ASP A 1122 -3.10 58.21 -15.11
N LYS A 1123 -3.20 56.92 -14.81
CA LYS A 1123 -2.13 56.21 -14.14
C LYS A 1123 -1.12 55.60 -15.11
N GLY A 1124 -1.32 55.76 -16.42
CA GLY A 1124 -0.32 55.34 -17.39
C GLY A 1124 -0.21 53.84 -17.60
N TYR A 1125 -1.35 53.18 -17.83
CA TYR A 1125 -1.35 51.78 -18.21
C TYR A 1125 -2.60 51.52 -19.05
N PHE A 1126 -2.74 50.27 -19.48
CA PHE A 1126 -3.82 49.86 -20.37
C PHE A 1126 -4.87 49.09 -19.56
N GLU A 1127 -6.12 49.19 -20.01
CA GLU A 1127 -7.25 48.60 -19.30
C GLU A 1127 -8.11 47.80 -20.27
N PHE A 1128 -8.28 46.52 -19.98
CA PHE A 1128 -9.18 45.65 -20.72
C PHE A 1128 -10.47 45.45 -19.92
N SER A 1129 -11.56 45.20 -20.64
CA SER A 1129 -12.85 44.99 -20.01
C SER A 1129 -13.62 43.96 -20.82
N PHE A 1130 -14.40 43.13 -20.11
CA PHE A 1130 -15.06 42.00 -20.74
C PHE A 1130 -15.97 41.32 -19.73
N ASP A 1131 -16.81 40.41 -20.24
CA ASP A 1131 -17.67 39.57 -19.42
C ASP A 1131 -17.46 38.12 -19.86
N TYR A 1132 -17.11 37.26 -18.89
CA TYR A 1132 -16.79 35.87 -19.21
C TYR A 1132 -17.95 35.12 -19.88
N LYS A 1133 -19.19 35.55 -19.65
CA LYS A 1133 -20.33 34.86 -20.25
C LYS A 1133 -20.33 34.99 -21.77
N ASN A 1134 -19.75 36.06 -22.30
CA ASN A 1134 -19.69 36.25 -23.75
C ASN A 1134 -18.65 35.36 -24.42
N PHE A 1135 -17.77 34.71 -23.66
CA PHE A 1135 -16.70 33.93 -24.23
C PHE A 1135 -17.10 32.46 -24.38
N GLY A 1136 -16.18 31.65 -24.88
CA GLY A 1136 -16.44 30.26 -25.18
C GLY A 1136 -16.84 29.41 -23.98
N ALA A 1139 -17.55 28.64 -19.19
CA ALA A 1139 -18.32 29.87 -19.28
C ALA A 1139 -18.64 30.42 -17.90
N ALA A 1140 -17.65 31.05 -17.28
CA ALA A 1140 -17.82 31.63 -15.95
C ALA A 1140 -18.57 32.96 -16.06
N LYS A 1141 -18.79 33.61 -14.91
CA LYS A 1141 -19.58 34.82 -14.83
C LYS A 1141 -18.73 35.97 -14.28
N GLY A 1142 -19.19 37.18 -14.54
CA GLY A 1142 -18.61 38.37 -13.95
C GLY A 1142 -17.90 39.24 -14.97
N LYS A 1143 -17.53 40.43 -14.51
CA LYS A 1143 -16.76 41.39 -15.30
C LYS A 1143 -15.52 41.80 -14.51
N TRP A 1144 -14.41 41.99 -15.23
CA TRP A 1144 -13.14 42.34 -14.63
C TRP A 1144 -12.45 43.41 -15.45
N THR A 1145 -11.49 44.08 -14.83
CA THR A 1145 -10.67 45.10 -15.49
C THR A 1145 -9.23 44.62 -15.46
N ILE A 1146 -8.75 44.13 -16.59
CA ILE A 1146 -7.37 43.67 -16.70
C ILE A 1146 -6.46 44.88 -16.93
N ALA A 1147 -5.37 44.94 -16.17
CA ALA A 1147 -4.43 46.06 -16.25
C ALA A 1147 -3.02 45.53 -16.46
N SER A 1148 -2.18 46.39 -17.04
CA SER A 1148 -0.83 46.01 -17.49
C SER A 1148 0.27 46.61 -16.62
N PHE A 1149 -0.01 46.83 -15.34
CA PHE A 1149 0.99 47.39 -14.44
C PHE A 1149 2.02 46.34 -14.04
N GLY A 1150 3.22 46.82 -13.73
CA GLY A 1150 4.25 45.95 -13.18
C GLY A 1150 5.02 45.18 -14.23
N SER A 1151 5.94 44.36 -13.75
CA SER A 1151 6.83 43.57 -14.60
C SER A 1151 6.68 42.10 -14.22
N ARG A 1152 6.25 41.29 -15.19
CA ARG A 1152 6.23 39.85 -15.03
C ARG A 1152 7.56 39.27 -15.54
N LEU A 1153 7.68 37.95 -15.50
CA LEU A 1153 8.91 37.27 -15.86
C LEU A 1153 8.62 36.13 -16.84
N ILE A 1154 9.40 36.06 -17.91
CA ILE A 1154 9.39 34.92 -18.81
C ILE A 1154 10.79 34.34 -18.88
N GLU A 1169 13.36 40.64 -17.18
CA GLU A 1169 11.98 41.08 -16.97
C GLU A 1169 11.39 41.62 -18.26
N VAL A 1170 10.14 41.25 -18.54
CA VAL A 1170 9.43 41.71 -19.73
C VAL A 1170 8.29 42.59 -19.24
N TYR A 1171 8.46 43.90 -19.38
CA TYR A 1171 7.45 44.85 -18.92
C TYR A 1171 6.34 44.96 -19.96
N PRO A 1172 5.10 44.58 -19.62
CA PRO A 1172 4.05 44.57 -20.65
C PRO A 1172 3.63 45.96 -21.11
N THR A 1173 3.68 46.97 -20.24
CA THR A 1173 3.26 48.31 -20.64
C THR A 1173 4.15 48.84 -21.76
N LYS A 1174 5.47 48.75 -21.59
CA LYS A 1174 6.38 49.23 -22.62
C LYS A 1174 6.25 48.43 -23.92
N GLU A 1175 6.14 47.10 -23.80
CA GLU A 1175 5.94 46.27 -24.99
C GLU A 1175 4.68 46.67 -25.75
N LEU A 1176 3.57 46.90 -25.04
CA LEU A 1176 2.34 47.28 -25.69
C LEU A 1176 2.45 48.66 -26.31
N GLU A 1177 3.11 49.60 -25.63
CA GLU A 1177 3.32 50.92 -26.20
C GLU A 1177 4.09 50.84 -27.51
N LYS A 1178 5.18 50.07 -27.53
CA LYS A 1178 5.98 49.97 -28.74
C LYS A 1178 5.21 49.28 -29.86
N LEU A 1179 4.48 48.20 -29.54
CA LEU A 1179 3.70 47.50 -30.54
C LEU A 1179 2.64 48.42 -31.16
N LEU A 1180 1.98 49.25 -30.33
CA LEU A 1180 0.94 50.11 -30.85
C LEU A 1180 1.53 51.31 -31.61
N LYS A 1181 2.71 51.78 -31.19
CA LYS A 1181 3.37 52.85 -31.93
C LYS A 1181 3.77 52.39 -33.33
N ASP A 1182 4.34 51.18 -33.43
CA ASP A 1182 4.80 50.70 -34.73
C ASP A 1182 3.64 50.52 -35.71
N TYR A 1183 2.44 50.26 -35.21
CA TYR A 1183 1.27 50.11 -36.05
C TYR A 1183 0.48 51.42 -36.10
N SER A 1184 -0.64 51.39 -36.84
CA SER A 1184 -1.38 52.62 -37.11
C SER A 1184 -2.11 53.15 -35.88
N ILE A 1185 -2.56 52.26 -34.99
CA ILE A 1185 -3.42 52.66 -33.88
C ILE A 1185 -2.67 53.62 -32.96
N GLU A 1186 -3.27 54.79 -32.73
CA GLU A 1186 -2.74 55.73 -31.75
C GLU A 1186 -3.57 55.65 -30.47
N TYR A 1187 -2.87 55.63 -29.34
CA TYR A 1187 -3.50 55.59 -28.03
C TYR A 1187 -3.25 56.89 -27.25
N GLY A 1188 -3.03 57.99 -27.97
CA GLY A 1188 -2.64 59.26 -27.38
C GLY A 1188 -3.44 59.72 -26.19
N HIS A 1189 -4.74 59.98 -26.39
CA HIS A 1189 -5.61 60.49 -25.33
C HIS A 1189 -6.84 59.60 -25.22
N GLY A 1190 -6.71 58.53 -24.45
CA GLY A 1190 -7.84 57.69 -24.09
C GLY A 1190 -8.59 57.08 -25.26
N GLU A 1191 -7.92 56.87 -26.39
CA GLU A 1191 -8.59 56.26 -27.54
C GLU A 1191 -9.01 54.84 -27.20
N CYS A 1192 -10.26 54.50 -27.52
CA CYS A 1192 -10.76 53.15 -27.28
C CYS A 1192 -10.30 52.26 -28.42
N ILE A 1193 -9.30 51.44 -28.14
CA ILE A 1193 -8.60 50.65 -29.15
C ILE A 1193 -9.41 49.44 -29.62
N LYS A 1194 -10.42 49.03 -28.86
CA LYS A 1194 -11.17 47.81 -29.16
C LYS A 1194 -11.62 47.75 -30.61
N ALA A 1195 -12.20 48.84 -31.11
CA ALA A 1195 -12.62 48.86 -32.51
C ALA A 1195 -11.43 48.96 -33.47
N ALA A 1196 -10.31 49.52 -33.00
CA ALA A 1196 -9.18 49.74 -33.88
C ALA A 1196 -8.44 48.44 -34.18
N ILE A 1197 -8.25 47.60 -33.17
CA ILE A 1197 -7.43 46.41 -33.36
C ILE A 1197 -8.17 45.35 -34.18
N CYS A 1198 -9.51 45.32 -34.13
CA CYS A 1198 -10.26 44.36 -34.92
C CYS A 1198 -10.09 44.59 -36.42
N GLY A 1199 -9.74 45.80 -36.82
CA GLY A 1199 -9.54 46.13 -38.22
C GLY A 1199 -8.21 45.74 -38.81
N GLU A 1200 -7.21 45.46 -37.96
CA GLU A 1200 -5.92 45.05 -38.46
C GLU A 1200 -5.97 43.65 -39.06
N SER A 1201 -5.01 43.37 -39.94
CA SER A 1201 -5.00 42.12 -40.70
C SER A 1201 -3.69 41.35 -40.62
N ASP A 1202 -2.58 41.98 -40.24
CA ASP A 1202 -1.30 41.27 -40.22
C ASP A 1202 -1.27 40.22 -39.11
N LYS A 1203 -0.60 39.11 -39.39
CA LYS A 1203 -0.54 38.01 -38.43
C LYS A 1203 0.36 38.35 -37.23
N LYS A 1204 1.52 38.97 -37.50
CA LYS A 1204 2.48 39.29 -36.44
C LYS A 1204 1.83 40.15 -35.36
N PHE A 1205 0.94 41.06 -35.76
CA PHE A 1205 0.33 41.99 -34.82
C PHE A 1205 -0.47 41.24 -33.75
N PHE A 1206 -1.43 40.42 -34.18
CA PHE A 1206 -2.22 39.64 -33.24
C PHE A 1206 -1.35 38.65 -32.47
N ALA A 1207 -0.31 38.11 -33.12
CA ALA A 1207 0.60 37.21 -32.42
C ALA A 1207 1.21 37.89 -31.20
N LYS A 1208 1.89 39.02 -31.42
CA LYS A 1208 2.54 39.73 -30.31
C LYS A 1208 1.52 40.26 -29.31
N LEU A 1209 0.33 40.66 -29.79
CA LEU A 1209 -0.68 41.18 -28.86
C LEU A 1209 -1.15 40.10 -27.90
N THR A 1210 -1.48 38.91 -28.41
CA THR A 1210 -1.86 37.82 -27.54
C THR A 1210 -0.71 37.37 -26.66
N SER A 1211 0.53 37.46 -27.16
CA SER A 1211 1.67 37.12 -26.32
C SER A 1211 1.77 38.06 -25.11
N VAL A 1212 1.67 39.36 -25.35
CA VAL A 1212 1.72 40.32 -24.25
C VAL A 1212 0.51 40.15 -23.33
N LEU A 1213 -0.64 39.81 -23.89
CA LEU A 1213 -1.83 39.56 -23.06
C LEU A 1213 -1.59 38.39 -22.12
N ASN A 1214 -0.97 37.32 -22.62
CA ASN A 1214 -0.66 36.17 -21.76
C ASN A 1214 0.37 36.54 -20.71
N THR A 1215 1.39 37.30 -21.09
CA THR A 1215 2.39 37.73 -20.12
C THR A 1215 1.77 38.60 -19.03
N ILE A 1216 0.74 39.37 -19.37
CA ILE A 1216 0.03 40.17 -18.37
C ILE A 1216 -0.64 39.29 -17.33
N LEU A 1217 -1.22 38.17 -17.78
CA LEU A 1217 -1.98 37.29 -16.89
C LEU A 1217 -1.09 36.35 -16.08
N GLN A 1218 0.23 36.47 -16.18
CA GLN A 1218 1.16 35.62 -15.43
C GLN A 1218 1.30 36.20 -14.02
N MET A 1219 0.39 35.78 -13.14
CA MET A 1219 0.48 36.22 -11.75
C MET A 1219 1.69 35.62 -11.06
N ARG A 1220 2.09 34.42 -11.47
CA ARG A 1220 3.25 33.74 -10.92
C ARG A 1220 4.49 34.11 -11.71
N ASN A 1221 5.55 34.50 -11.00
CA ASN A 1221 6.82 34.90 -11.62
C ASN A 1221 7.79 33.73 -11.52
N SER A 1222 8.23 33.24 -12.69
CA SER A 1222 9.05 32.05 -12.80
C SER A 1222 10.50 32.46 -12.97
N LYS A 1223 11.13 32.83 -11.86
CA LYS A 1223 12.56 33.10 -11.85
C LYS A 1223 13.32 31.78 -11.78
N THR A 1224 14.16 31.51 -12.78
CA THR A 1224 14.94 30.28 -12.76
C THR A 1224 15.95 30.27 -11.61
N GLY A 1225 16.35 31.46 -11.15
CA GLY A 1225 17.10 31.55 -9.91
C GLY A 1225 16.21 31.20 -8.73
N THR A 1226 16.66 30.25 -7.92
CA THR A 1226 15.80 29.60 -6.95
C THR A 1226 15.73 30.30 -5.61
N GLU A 1227 16.21 31.54 -5.50
CA GLU A 1227 16.17 32.21 -4.21
C GLU A 1227 14.74 32.59 -3.82
N LEU A 1228 13.99 33.17 -4.75
CA LEU A 1228 12.64 33.63 -4.47
C LEU A 1228 11.72 33.41 -5.66
N ASP A 1229 10.47 33.09 -5.35
CA ASP A 1229 9.41 32.93 -6.35
C ASP A 1229 8.18 33.61 -5.76
N TYR A 1230 7.73 34.69 -6.39
CA TYR A 1230 6.68 35.53 -5.81
C TYR A 1230 5.54 35.71 -6.81
N LEU A 1231 4.51 36.45 -6.37
CA LEU A 1231 3.24 36.57 -7.07
C LEU A 1231 2.78 38.01 -7.11
N ILE A 1232 2.19 38.41 -8.23
CA ILE A 1232 1.68 39.77 -8.43
C ILE A 1232 0.30 39.67 -9.08
N SER A 1233 -0.56 40.71 -8.83
CA SER A 1233 -1.94 40.66 -9.30
C SER A 1233 -2.15 41.57 -10.50
N PRO A 1234 -3.07 41.20 -11.41
CA PRO A 1234 -3.33 42.02 -12.60
C PRO A 1234 -4.50 42.99 -12.44
N VAL A 1235 -5.27 42.85 -11.36
CA VAL A 1235 -6.48 43.63 -11.15
C VAL A 1235 -6.28 44.50 -9.92
N ALA A 1236 -6.53 45.80 -10.07
CA ALA A 1236 -6.41 46.73 -8.96
C ALA A 1236 -7.65 46.66 -8.07
N ASP A 1237 -7.46 46.96 -6.80
CA ASP A 1237 -8.55 47.00 -5.85
C ASP A 1237 -9.28 48.35 -5.96
N VAL A 1238 -10.24 48.57 -5.06
CA VAL A 1238 -10.95 49.84 -5.05
C VAL A 1238 -10.00 50.99 -4.75
N ASN A 1239 -8.94 50.72 -3.98
CA ASN A 1239 -7.93 51.74 -3.72
C ASN A 1239 -7.24 52.16 -5.01
N GLY A 1240 -6.95 51.20 -5.89
CA GLY A 1240 -6.32 51.50 -7.16
C GLY A 1240 -4.92 50.95 -7.33
N ASN A 1241 -4.33 50.36 -6.31
CA ASN A 1241 -3.00 49.78 -6.39
C ASN A 1241 -3.09 48.27 -6.40
N PHE A 1242 -2.15 47.63 -7.10
CA PHE A 1242 -2.17 46.19 -7.29
C PHE A 1242 -1.37 45.51 -6.17
N PHE A 1243 -1.77 44.28 -5.86
CA PHE A 1243 -1.12 43.51 -4.81
C PHE A 1243 0.09 42.78 -5.38
N ASP A 1244 1.23 42.92 -4.69
CA ASP A 1244 2.46 42.22 -5.05
C ASP A 1244 3.04 41.59 -3.80
N SER A 1245 3.30 40.28 -3.85
CA SER A 1245 3.93 39.62 -2.72
C SER A 1245 5.35 40.11 -2.47
N ARG A 1246 5.96 40.77 -3.47
CA ARG A 1246 7.19 41.51 -3.24
C ARG A 1246 7.05 42.44 -2.05
N GLN A 1247 6.08 43.35 -2.12
CA GLN A 1247 5.80 44.32 -1.07
C GLN A 1247 4.37 44.06 -0.60
N ALA A 1248 4.22 43.16 0.36
CA ALA A 1248 2.93 42.76 0.88
C ALA A 1248 2.94 42.80 2.40
N PRO A 1249 1.82 43.16 3.02
CA PRO A 1249 1.79 43.25 4.49
C PRO A 1249 1.83 41.87 5.15
N LYS A 1250 1.82 41.84 6.48
CA LYS A 1250 1.78 40.56 7.19
C LYS A 1250 0.45 39.85 6.99
N ASN A 1251 -0.65 40.61 6.95
CA ASN A 1251 -1.98 40.02 6.84
C ASN A 1251 -2.25 39.39 5.47
N MET A 1252 -1.43 39.67 4.48
CA MET A 1252 -1.52 39.09 3.16
C MET A 1252 -0.37 38.12 2.92
N PRO A 1253 -0.50 37.20 1.96
CA PRO A 1253 0.59 36.25 1.69
C PRO A 1253 1.89 36.97 1.31
N GLN A 1254 2.99 36.23 1.41
CA GLN A 1254 4.30 36.78 1.12
C GLN A 1254 5.04 36.07 -0.02
N ASP A 1255 4.41 35.12 -0.69
CA ASP A 1255 4.91 34.55 -1.96
C ASP A 1255 3.76 33.74 -2.58
N ALA A 1256 4.07 33.00 -3.65
CA ALA A 1256 3.04 32.35 -4.47
C ALA A 1256 2.51 31.08 -3.82
N ASP A 1257 3.42 30.17 -3.41
CA ASP A 1257 2.99 29.01 -2.64
C ASP A 1257 2.21 29.44 -1.41
N ALA A 1258 2.58 30.58 -0.83
CA ALA A 1258 1.80 31.15 0.26
C ALA A 1258 0.40 31.50 -0.20
N ASN A 1259 0.23 31.95 -1.44
CA ASN A 1259 -1.11 32.24 -1.95
C ASN A 1259 -1.92 30.95 -2.12
N GLY A 1260 -1.27 29.89 -2.59
CA GLY A 1260 -1.95 28.60 -2.64
C GLY A 1260 -2.43 28.15 -1.27
N ALA A 1261 -1.55 28.25 -0.27
CA ALA A 1261 -1.93 27.87 1.10
C ALA A 1261 -3.03 28.77 1.63
N TYR A 1262 -2.96 30.06 1.35
CA TYR A 1262 -3.97 31.00 1.82
C TYR A 1262 -5.34 30.72 1.22
N HIS A 1263 -5.38 30.27 -0.04
CA HIS A 1263 -6.70 29.99 -0.61
C HIS A 1263 -7.21 28.61 -0.21
N ILE A 1264 -6.31 27.66 0.08
CA ILE A 1264 -6.73 26.47 0.83
C ILE A 1264 -7.40 26.90 2.14
N GLY A 1265 -6.80 27.87 2.81
CA GLY A 1265 -7.37 28.39 4.04
C GLY A 1265 -8.70 29.09 3.85
N LEU A 1266 -8.88 29.77 2.72
CA LEU A 1266 -10.17 30.40 2.44
C LEU A 1266 -11.25 29.35 2.18
N LYS A 1267 -10.90 28.23 1.53
CA LYS A 1267 -11.83 27.12 1.44
C LYS A 1267 -12.19 26.61 2.84
N GLY A 1268 -11.17 26.46 3.69
CA GLY A 1268 -11.43 26.10 5.07
C GLY A 1268 -12.32 27.11 5.79
N LEU A 1269 -12.24 28.38 5.40
CA LEU A 1269 -13.07 29.41 6.03
C LEU A 1269 -14.52 29.30 5.58
N MET A 1270 -14.74 29.01 4.29
CA MET A 1270 -16.08 28.63 3.84
C MET A 1270 -16.62 27.48 4.67
N LEU A 1271 -15.77 26.47 4.92
CA LEU A 1271 -16.21 25.32 5.71
C LEU A 1271 -16.53 25.72 7.15
N LEU A 1272 -15.72 26.60 7.74
CA LEU A 1272 -16.00 27.09 9.09
C LEU A 1272 -17.34 27.81 9.13
N GLY A 1273 -17.61 28.64 8.12
CA GLY A 1273 -18.90 29.30 8.05
C GLY A 1273 -20.06 28.32 7.94
N ARG A 1274 -19.87 27.27 7.14
CA ARG A 1274 -20.91 26.24 7.01
C ARG A 1274 -21.13 25.52 8.34
N ILE A 1275 -20.05 25.30 9.09
CA ILE A 1275 -20.19 24.70 10.42
C ILE A 1275 -20.95 25.65 11.35
N LYS A 1276 -20.69 26.95 11.22
CA LYS A 1276 -21.28 27.93 12.13
C LYS A 1276 -22.80 27.94 12.04
N ASN A 1277 -23.34 27.68 10.84
CA ASN A 1277 -24.78 27.72 10.62
C ASN A 1277 -25.42 26.33 10.62
N ASN A 1278 -24.69 25.31 11.05
CA ASN A 1278 -25.22 23.95 11.01
C ASN A 1278 -26.21 23.74 12.15
N GLN A 1279 -27.45 23.42 11.80
CA GLN A 1279 -28.43 23.01 12.78
C GLN A 1279 -28.09 21.61 13.31
N GLU A 1280 -28.42 21.37 14.58
CA GLU A 1280 -28.07 20.09 15.20
C GLU A 1280 -28.77 18.92 14.53
N GLY A 1281 -29.89 19.16 13.85
CA GLY A 1281 -30.70 18.06 13.36
C GLY A 1281 -30.11 17.38 12.13
N LYS A 1282 -29.60 18.17 11.19
CA LYS A 1282 -29.33 17.68 9.84
C LYS A 1282 -27.83 17.62 9.55
N LYS A 1283 -27.54 17.01 8.40
CA LYS A 1283 -26.18 16.69 8.00
C LYS A 1283 -25.43 17.92 7.50
N LEU A 1284 -24.13 17.91 7.71
CA LEU A 1284 -23.28 19.04 7.34
C LEU A 1284 -22.70 18.82 5.95
N ASN A 1285 -22.76 19.85 5.11
CA ASN A 1285 -22.33 19.79 3.72
C ASN A 1285 -20.89 20.28 3.61
N LEU A 1286 -19.96 19.39 3.30
CA LEU A 1286 -18.54 19.73 3.26
C LEU A 1286 -17.95 19.76 1.87
N VAL A 1287 -18.75 19.65 0.82
CA VAL A 1287 -18.25 19.72 -0.54
C VAL A 1287 -18.28 21.18 -1.00
N ILE A 1288 -17.13 21.71 -1.39
CA ILE A 1288 -16.99 23.08 -1.85
C ILE A 1288 -16.97 23.07 -3.37
N LYS A 1289 -17.95 23.71 -3.99
CA LYS A 1289 -17.99 23.83 -5.44
C LYS A 1289 -17.15 25.02 -5.89
N ASN A 1290 -16.65 24.93 -7.13
CA ASN A 1290 -15.92 26.05 -7.69
C ASN A 1290 -16.80 27.29 -7.84
N GLU A 1291 -18.11 27.08 -8.04
CA GLU A 1291 -19.02 28.21 -8.11
C GLU A 1291 -19.12 28.92 -6.75
N GLU A 1292 -19.36 28.14 -5.69
CA GLU A 1292 -19.46 28.73 -4.36
C GLU A 1292 -18.13 29.34 -3.92
N TYR A 1293 -17.02 28.65 -4.20
CA TYR A 1293 -15.70 29.18 -3.85
C TYR A 1293 -15.40 30.47 -4.60
N PHE A 1294 -15.73 30.52 -5.90
CA PHE A 1294 -15.51 31.73 -6.68
C PHE A 1294 -16.34 32.89 -6.13
N GLU A 1295 -17.63 32.65 -5.89
CA GLU A 1295 -18.49 33.71 -5.35
C GLU A 1295 -17.95 34.22 -4.03
N PHE A 1296 -17.60 33.32 -3.11
CA PHE A 1296 -17.07 33.72 -1.82
C PHE A 1296 -15.79 34.55 -1.99
N VAL A 1297 -14.79 34.00 -2.68
CA VAL A 1297 -13.50 34.66 -2.74
C VAL A 1297 -13.57 35.97 -3.52
N GLN A 1298 -14.55 36.11 -4.42
CA GLN A 1298 -14.68 37.35 -5.19
C GLN A 1298 -15.38 38.43 -4.39
N ASN A 1299 -16.40 38.06 -3.61
CA ASN A 1299 -17.14 39.04 -2.84
C ASN A 1299 -16.86 38.93 -1.33
N ARG A 1300 -15.76 38.27 -0.96
CA ARG A 1300 -15.43 38.12 0.46
C ARG A 1300 -15.20 39.48 1.11
N ASN A 1301 -14.45 40.35 0.44
CA ASN A 1301 -14.13 41.67 0.98
C ASN A 1301 -14.84 42.71 0.12
N ASN A 1302 -16.09 43.01 0.48
CA ASN A 1302 -16.86 44.05 -0.19
C ASN A 1302 -17.26 45.13 0.82
#